data_1W1X
#
_entry.id   1W1X
#
_cell.length_a   106.993
_cell.length_b   73.464
_cell.length_c   107.413
_cell.angle_alpha   90.00
_cell.angle_beta   90.38
_cell.angle_gamma   90.00
#
_symmetry.space_group_name_H-M   'P 1 21 1'
#
loop_
_entity.id
_entity.type
_entity.pdbx_description
1 polymer NEURAMINIDASE
2 branched alpha-D-mannopyranose-(1-6)-alpha-D-mannopyranose-(1-6)-beta-D-mannopyranose
3 branched 2-acetamido-2-deoxy-beta-D-glucopyranose-(1-4)-2-acetamido-2-deoxy-beta-D-glucopyranose
4 branched beta-D-mannopyranose-(1-4)-2-acetamido-2-deoxy-beta-D-glucopyranose-(1-4)-2-acetamido-2-deoxy-beta-D-glucopyranose
5 branched alpha-D-mannopyranose-(1-6)-alpha-D-mannopyranose
6 branched alpha-D-mannopyranose-(1-6)-beta-D-mannopyranose-(1-4)-2-acetamido-2-deoxy-beta-D-glucopyranose
7 non-polymer 'N-acetyl-alpha-neuraminic acid'
8 non-polymer 'CALCIUM ION'
9 non-polymer alpha-D-mannopyranose
10 non-polymer 2-acetamido-2-deoxy-beta-D-glucopyranose
11 non-polymer GLYCEROL
12 non-polymer DI(HYDROXYETHYL)ETHER
13 non-polymer beta-D-mannopyranose
14 water water
#
_entity_poly.entity_id   1
_entity_poly.type   'polypeptide(L)'
_entity_poly.pdbx_seq_one_letter_code
;RTFLNLTKPLCEVNSWHILSKDNAIRIGEDAHILVTREPYLSCDPQGCRMFALSQGTTLRGRHANGTIHDRSPFRALISW
EMGQAPSPYNTRVECIGWSSTSCHDGMSRMSICMSGPNNNASAVVWYGGRPITEIPSWAGNILRTQESECVCHKGVCPVV
MTDGPANNRAATKIIYFKEGKIQKIEELAGNAQHIEECSCYGAGGVIKCICRDNWKGANRPVITIDPEMMTHTSKYLCSK
VLTDTSRPNDPTNGNCDAPITGGSPDPGVKGFAFLDGENSWLGRTISKDSRSGYEMLKVPNAETDIQSGPISNQVIVNNQ
NWSGYSGAFIDYWANKECFNPCFYVELIRGRPKESSVLWTSNSIVALCGSKKRLGSWSWHDGAEIIYFE
;
_entity_poly.pdbx_strand_id   A,B,C,D
#
# COMPACT_ATOMS: atom_id res chain seq x y z
N ARG A 1 -22.51 -11.14 13.13
CA ARG A 1 -21.99 -11.95 11.94
C ARG A 1 -22.58 -13.38 11.79
N THR A 2 -23.36 -13.62 10.74
CA THR A 2 -24.07 -14.91 10.59
C THR A 2 -24.06 -15.40 9.15
N PHE A 3 -24.48 -16.66 8.95
CA PHE A 3 -24.72 -17.22 7.62
C PHE A 3 -25.81 -16.36 6.94
N LEU A 4 -25.51 -15.91 5.74
CA LEU A 4 -26.46 -15.19 4.91
C LEU A 4 -27.49 -16.19 4.46
N ASN A 5 -28.74 -15.75 4.32
CA ASN A 5 -29.75 -16.50 3.55
C ASN A 5 -30.51 -15.63 2.56
N LEU A 6 -31.15 -16.28 1.59
CA LEU A 6 -31.68 -15.59 0.45
C LEU A 6 -33.21 -15.39 0.55
N THR A 7 -33.77 -15.17 1.74
CA THR A 7 -35.25 -15.00 1.78
C THR A 7 -35.81 -13.71 1.10
N LYS A 8 -35.08 -12.62 1.09
CA LYS A 8 -35.61 -11.38 0.45
C LYS A 8 -35.93 -11.53 -1.08
N PRO A 9 -36.87 -10.73 -1.60
CA PRO A 9 -37.21 -10.75 -3.01
C PRO A 9 -36.27 -9.78 -3.77
N LEU A 10 -36.20 -9.94 -5.08
CA LEU A 10 -35.52 -8.97 -5.94
C LEU A 10 -36.17 -7.60 -5.93
N CYS A 11 -35.37 -6.53 -5.90
CA CYS A 11 -35.92 -5.17 -6.05
C CYS A 11 -36.46 -4.93 -7.43
N GLU A 12 -37.44 -4.02 -7.48
CA GLU A 12 -37.95 -3.54 -8.75
C GLU A 12 -36.83 -2.82 -9.52
N VAL A 13 -36.79 -2.99 -10.81
CA VAL A 13 -35.70 -2.34 -11.57
C VAL A 13 -36.26 -1.67 -12.84
N ASN A 14 -36.07 -0.37 -12.95
CA ASN A 14 -36.52 0.38 -14.13
C ASN A 14 -35.43 0.97 -14.98
N SER A 15 -34.23 1.13 -14.39
CA SER A 15 -33.04 1.61 -15.11
C SER A 15 -31.81 1.18 -14.35
N TRP A 16 -30.62 1.44 -14.94
CA TRP A 16 -29.35 1.03 -14.31
C TRP A 16 -28.42 2.24 -13.95
N HIS A 17 -27.97 2.30 -12.67
CA HIS A 17 -27.05 3.35 -12.20
C HIS A 17 -25.58 2.90 -12.11
N ILE A 18 -24.61 3.81 -12.34
CA ILE A 18 -23.20 3.40 -12.43
C ILE A 18 -22.72 3.03 -11.03
N LEU A 19 -22.08 1.86 -10.90
CA LEU A 19 -21.56 1.44 -9.58
C LEU A 19 -20.04 1.67 -9.48
N SER A 20 -19.29 1.19 -10.49
CA SER A 20 -17.88 1.33 -10.46
C SER A 20 -17.33 1.21 -11.90
N LYS A 21 -16.09 1.66 -12.05
CA LYS A 21 -15.38 1.56 -13.34
C LYS A 21 -13.91 1.75 -12.99
N ASP A 22 -13.01 0.91 -13.55
CA ASP A 22 -11.57 1.00 -13.14
C ASP A 22 -10.61 1.60 -14.18
N ASN A 23 -11.07 1.81 -15.39
CA ASN A 23 -10.21 2.41 -16.41
C ASN A 23 -8.82 1.78 -16.55
N ALA A 24 -8.72 0.46 -16.48
CA ALA A 24 -7.44 -0.25 -16.23
C ALA A 24 -6.52 -0.08 -17.46
N ILE A 25 -7.09 -0.17 -18.66
CA ILE A 25 -6.23 -0.07 -19.87
C ILE A 25 -5.67 1.35 -19.98
N ARG A 26 -6.50 2.38 -19.76
CA ARG A 26 -6.01 3.71 -19.75
C ARG A 26 -4.85 3.94 -18.80
N ILE A 27 -5.06 3.54 -17.53
CA ILE A 27 -4.07 3.71 -16.50
C ILE A 27 -2.88 2.79 -16.71
N GLY A 28 -3.08 1.56 -17.19
CA GLY A 28 -2.01 0.59 -17.46
C GLY A 28 -1.13 0.89 -18.70
N GLU A 29 -1.47 1.94 -19.43
CA GLU A 29 -0.59 2.37 -20.51
C GLU A 29 0.75 2.90 -19.92
N ASP A 30 0.74 3.36 -18.67
CA ASP A 30 1.89 3.99 -18.03
C ASP A 30 2.20 3.41 -16.65
N ALA A 31 1.18 3.21 -15.79
CA ALA A 31 1.40 2.70 -14.44
C ALA A 31 1.56 1.23 -14.67
N HIS A 32 1.75 0.45 -13.64
CA HIS A 32 2.16 -0.94 -13.88
C HIS A 32 0.93 -1.79 -13.57
N ILE A 33 0.13 -2.09 -14.58
CA ILE A 33 -1.13 -2.77 -14.36
C ILE A 33 -1.07 -4.18 -14.95
N LEU A 34 -1.48 -5.15 -14.12
CA LEU A 34 -1.52 -6.55 -14.49
C LEU A 34 -2.42 -6.78 -15.68
N VAL A 35 -1.96 -7.69 -16.53
CA VAL A 35 -2.82 -8.07 -17.62
C VAL A 35 -3.83 -9.03 -17.05
N THR A 36 -5.11 -8.91 -17.42
CA THR A 36 -6.16 -9.82 -16.92
C THR A 36 -7.13 -10.22 -18.03
N ARG A 37 -8.15 -10.95 -17.60
CA ARG A 37 -9.36 -11.31 -18.35
C ARG A 37 -10.28 -12.10 -17.42
N GLU A 38 -11.49 -12.39 -17.88
CA GLU A 38 -12.51 -13.11 -17.09
C GLU A 38 -12.70 -12.44 -15.71
N PRO A 39 -13.02 -11.13 -15.67
CA PRO A 39 -13.32 -10.46 -14.37
C PRO A 39 -14.76 -10.65 -13.87
N TYR A 40 -14.98 -10.22 -12.64
CA TYR A 40 -16.31 -10.13 -12.06
C TYR A 40 -16.22 -9.34 -10.76
N LEU A 41 -17.37 -9.18 -10.05
CA LEU A 41 -17.29 -8.57 -8.75
C LEU A 41 -18.01 -9.51 -7.74
N SER A 42 -17.67 -9.41 -6.47
CA SER A 42 -18.36 -10.19 -5.42
C SER A 42 -18.29 -9.34 -4.14
N CYS A 43 -19.36 -9.42 -3.29
CA CYS A 43 -19.46 -8.63 -2.10
C CYS A 43 -19.44 -9.43 -0.76
N ASP A 44 -19.36 -8.71 0.34
CA ASP A 44 -19.41 -9.30 1.67
C ASP A 44 -19.96 -8.27 2.69
N PRO A 45 -20.05 -8.57 3.99
CA PRO A 45 -20.65 -7.55 4.92
C PRO A 45 -19.99 -6.17 4.92
N GLN A 46 -18.76 -6.10 4.40
CA GLN A 46 -17.98 -4.87 4.48
C GLN A 46 -18.05 -4.02 3.19
N GLY A 47 -18.35 -4.63 2.04
CA GLY A 47 -18.45 -3.89 0.77
C GLY A 47 -18.41 -4.83 -0.40
N CYS A 48 -17.81 -4.39 -1.52
CA CYS A 48 -17.67 -5.24 -2.67
C CYS A 48 -16.22 -5.12 -3.16
N ARG A 49 -15.75 -6.16 -3.84
CA ARG A 49 -14.37 -6.15 -4.44
C ARG A 49 -14.44 -6.61 -5.89
N MET A 50 -13.43 -6.24 -6.68
CA MET A 50 -13.31 -6.76 -8.07
C MET A 50 -12.40 -7.98 -8.07
N PHE A 51 -12.65 -8.91 -9.00
CA PHE A 51 -11.87 -10.16 -9.17
C PHE A 51 -11.51 -10.30 -10.67
N ALA A 52 -10.47 -11.08 -10.99
CA ALA A 52 -10.13 -11.45 -12.38
C ALA A 52 -8.98 -12.42 -12.40
N LEU A 53 -8.76 -13.04 -13.56
CA LEU A 53 -7.62 -13.93 -13.69
C LEU A 53 -6.41 -13.21 -14.23
N SER A 54 -5.43 -12.93 -13.36
CA SER A 54 -4.16 -12.33 -13.88
C SER A 54 -3.48 -13.25 -14.91
N GLN A 55 -2.63 -12.71 -15.78
CA GLN A 55 -1.73 -13.56 -16.58
C GLN A 55 -0.30 -13.52 -16.07
N GLY A 56 -0.11 -12.90 -14.89
CA GLY A 56 1.23 -12.80 -14.30
C GLY A 56 2.28 -12.05 -15.14
N THR A 57 1.90 -10.85 -15.53
CA THR A 57 2.74 -9.87 -16.16
C THR A 57 1.91 -8.59 -16.23
N THR A 58 2.58 -7.43 -16.29
CA THR A 58 1.93 -6.12 -16.48
C THR A 58 1.69 -5.88 -17.98
N LEU A 59 0.86 -4.90 -18.28
CA LEU A 59 0.28 -4.64 -19.60
C LEU A 59 1.36 -4.12 -20.52
N ARG A 60 2.18 -3.17 -20.05
CA ARG A 60 3.35 -2.66 -20.78
C ARG A 60 4.59 -3.58 -20.84
N GLY A 61 4.65 -4.65 -20.06
CA GLY A 61 5.78 -5.58 -20.00
C GLY A 61 5.91 -6.47 -21.28
N ARG A 62 7.13 -6.95 -21.54
CA ARG A 62 7.34 -7.85 -22.64
C ARG A 62 6.60 -9.15 -22.54
N HIS A 63 6.32 -9.64 -21.31
CA HIS A 63 5.55 -10.87 -21.17
C HIS A 63 4.02 -10.70 -21.50
N ALA A 64 3.58 -9.47 -21.83
CA ALA A 64 2.19 -9.30 -22.26
C ALA A 64 1.97 -9.95 -23.59
N ASN A 65 3.07 -10.07 -24.31
CA ASN A 65 2.98 -10.62 -25.61
C ASN A 65 2.59 -12.07 -25.54
N GLY A 66 1.47 -12.40 -26.18
CA GLY A 66 1.02 -13.79 -26.22
C GLY A 66 -0.12 -14.04 -25.27
N THR A 67 -0.64 -12.97 -24.63
CA THR A 67 -1.69 -13.13 -23.60
C THR A 67 -3.12 -13.42 -24.10
N ILE A 68 -3.31 -13.61 -25.42
CA ILE A 68 -4.57 -14.18 -25.94
C ILE A 68 -4.77 -15.63 -25.47
N HIS A 69 -3.67 -16.31 -25.18
CA HIS A 69 -3.65 -17.69 -24.71
C HIS A 69 -4.39 -17.76 -23.34
N ASP A 70 -5.33 -18.68 -23.23
CA ASP A 70 -6.22 -18.81 -22.07
C ASP A 70 -5.62 -19.50 -20.83
N ARG A 71 -4.82 -20.54 -21.04
CA ARG A 71 -4.37 -21.41 -19.96
C ARG A 71 -2.83 -21.54 -19.88
N SER A 72 -2.30 -21.27 -18.67
CA SER A 72 -0.88 -21.23 -18.32
C SER A 72 -0.67 -21.39 -16.80
N PRO A 73 0.53 -21.81 -16.39
CA PRO A 73 0.85 -21.92 -14.94
C PRO A 73 1.16 -20.58 -14.41
N PHE A 74 0.94 -19.53 -15.22
CA PHE A 74 1.22 -18.19 -14.66
C PHE A 74 -0.02 -17.37 -14.25
N ARG A 75 -1.19 -17.97 -14.42
CA ARG A 75 -2.42 -17.24 -14.21
C ARG A 75 -2.80 -17.47 -12.78
N ALA A 76 -3.60 -16.57 -12.22
CA ALA A 76 -4.11 -16.70 -10.84
C ALA A 76 -5.35 -15.82 -10.58
N LEU A 77 -6.25 -16.29 -9.74
CA LEU A 77 -7.35 -15.38 -9.32
C LEU A 77 -6.83 -14.29 -8.39
N ILE A 78 -7.12 -13.05 -8.74
CA ILE A 78 -6.73 -11.91 -7.84
C ILE A 78 -7.99 -11.08 -7.52
N SER A 79 -8.03 -10.43 -6.32
CA SER A 79 -9.11 -9.53 -5.97
C SER A 79 -8.45 -8.19 -5.47
N TRP A 80 -9.25 -7.12 -5.43
CA TRP A 80 -8.71 -5.81 -5.09
C TRP A 80 -9.89 -4.86 -4.79
N GLU A 81 -9.59 -3.75 -4.14
CA GLU A 81 -10.67 -2.83 -3.68
C GLU A 81 -11.40 -2.29 -4.88
N MET A 82 -12.74 -2.28 -4.81
CA MET A 82 -13.56 -1.89 -5.97
C MET A 82 -13.16 -0.51 -6.57
N GLY A 83 -12.98 -0.40 -7.92
CA GLY A 83 -12.72 0.92 -8.48
C GLY A 83 -11.23 1.14 -8.84
N GLN A 84 -10.30 0.62 -8.04
CA GLN A 84 -8.89 0.74 -8.41
C GLN A 84 -8.62 -0.17 -9.55
N ALA A 85 -7.50 0.08 -10.24
CA ALA A 85 -7.00 -0.82 -11.31
C ALA A 85 -6.10 -1.86 -10.66
N PRO A 86 -6.04 -3.08 -11.22
CA PRO A 86 -5.23 -4.18 -10.64
C PRO A 86 -3.70 -4.06 -10.96
N SER A 87 -2.94 -3.65 -9.93
CA SER A 87 -1.48 -3.62 -10.08
C SER A 87 -0.86 -4.75 -9.20
N PRO A 88 0.45 -4.99 -9.29
CA PRO A 88 1.10 -5.93 -8.41
C PRO A 88 1.07 -5.40 -6.93
N TYR A 89 0.67 -4.17 -6.69
CA TYR A 89 0.85 -3.61 -5.33
C TYR A 89 -0.42 -3.56 -4.53
N ASN A 90 -1.56 -3.81 -5.16
CA ASN A 90 -2.83 -3.73 -4.35
C ASN A 90 -3.73 -4.89 -4.54
N THR A 91 -3.19 -6.00 -5.05
CA THR A 91 -4.01 -7.17 -5.36
C THR A 91 -3.70 -8.37 -4.48
N ARG A 92 -4.74 -9.06 -4.08
CA ARG A 92 -4.64 -10.22 -3.23
C ARG A 92 -4.84 -11.52 -4.06
N VAL A 93 -3.91 -12.45 -3.94
CA VAL A 93 -4.02 -13.69 -4.68
C VAL A 93 -4.94 -14.63 -3.93
N GLU A 94 -6.09 -14.99 -4.51
CA GLU A 94 -7.13 -15.84 -3.89
C GLU A 94 -6.80 -17.30 -4.01
N CYS A 95 -6.28 -17.71 -5.16
CA CYS A 95 -5.96 -19.09 -5.39
C CYS A 95 -5.22 -19.07 -6.74
N ILE A 96 -4.50 -20.16 -7.08
CA ILE A 96 -3.74 -20.24 -8.40
C ILE A 96 -4.52 -20.97 -9.47
N GLY A 97 -4.57 -20.43 -10.72
CA GLY A 97 -5.15 -21.20 -11.81
C GLY A 97 -5.75 -20.37 -12.94
N TRP A 98 -6.56 -21.02 -13.76
CA TRP A 98 -7.00 -20.38 -15.00
C TRP A 98 -8.49 -20.44 -15.19
N SER A 99 -9.24 -20.83 -14.14
CA SER A 99 -10.67 -20.71 -14.24
C SER A 99 -11.14 -20.63 -12.77
N SER A 100 -12.08 -19.74 -12.47
CA SER A 100 -12.49 -19.54 -11.06
C SER A 100 -13.93 -19.20 -10.74
N THR A 101 -14.21 -19.15 -9.45
CA THR A 101 -15.41 -18.61 -8.96
C THR A 101 -15.10 -18.21 -7.48
N SER A 102 -15.97 -17.43 -6.87
CA SER A 102 -15.81 -17.11 -5.44
C SER A 102 -17.11 -16.51 -4.90
N CYS A 103 -17.28 -16.54 -3.56
CA CYS A 103 -18.47 -15.97 -3.02
C CYS A 103 -18.25 -16.00 -1.42
N HIS A 104 -18.95 -15.11 -0.72
CA HIS A 104 -18.92 -15.01 0.79
C HIS A 104 -20.22 -15.51 1.39
N ASP A 105 -20.09 -16.36 2.45
CA ASP A 105 -21.26 -16.96 3.00
C ASP A 105 -21.84 -16.23 4.19
N GLY A 106 -21.29 -15.06 4.49
CA GLY A 106 -21.70 -14.22 5.60
C GLY A 106 -20.72 -14.34 6.79
N MET A 107 -20.05 -15.51 6.90
CA MET A 107 -18.92 -15.69 7.81
C MET A 107 -17.54 -15.47 7.16
N SER A 108 -17.24 -16.20 6.08
CA SER A 108 -15.94 -16.09 5.41
C SER A 108 -16.14 -16.33 3.90
N ARG A 109 -15.10 -16.00 3.14
CA ARG A 109 -15.09 -16.19 1.66
C ARG A 109 -14.56 -17.53 1.17
N MET A 110 -15.23 -18.14 0.12
CA MET A 110 -14.83 -19.33 -0.51
C MET A 110 -14.35 -18.90 -1.96
N SER A 111 -13.17 -19.39 -2.33
CA SER A 111 -12.61 -19.17 -3.68
C SER A 111 -12.15 -20.51 -4.25
N ILE A 112 -12.37 -20.71 -5.55
CA ILE A 112 -12.02 -21.98 -6.18
C ILE A 112 -11.31 -21.64 -7.52
N CYS A 113 -10.22 -22.35 -7.81
CA CYS A 113 -9.45 -22.12 -9.08
C CYS A 113 -9.16 -23.50 -9.64
N MET A 114 -9.14 -23.62 -10.98
CA MET A 114 -8.73 -24.86 -11.60
C MET A 114 -7.32 -24.59 -12.28
N SER A 115 -6.43 -25.59 -12.30
CA SER A 115 -5.16 -25.44 -12.85
C SER A 115 -4.74 -26.79 -13.34
N GLY A 116 -3.61 -26.84 -14.08
CA GLY A 116 -3.12 -28.10 -14.57
C GLY A 116 -3.25 -28.26 -16.06
N PRO A 117 -2.82 -29.42 -16.61
CA PRO A 117 -2.81 -29.67 -18.08
C PRO A 117 -4.25 -30.02 -18.51
N ASN A 118 -4.57 -29.85 -19.78
CA ASN A 118 -5.98 -30.10 -20.27
C ASN A 118 -6.59 -31.44 -19.86
N ASN A 119 -5.77 -32.49 -19.88
CA ASN A 119 -6.23 -33.82 -19.57
C ASN A 119 -6.19 -34.22 -18.09
N ASN A 120 -5.77 -33.31 -17.22
CA ASN A 120 -5.56 -33.70 -15.82
C ASN A 120 -5.65 -32.47 -14.87
N ALA A 121 -6.68 -31.65 -15.05
CA ALA A 121 -6.79 -30.46 -14.26
C ALA A 121 -7.41 -30.82 -12.89
N SER A 122 -7.35 -29.87 -11.97
CA SER A 122 -7.85 -30.10 -10.64
C SER A 122 -8.30 -28.78 -10.05
N ALA A 123 -9.31 -28.80 -9.20
CA ALA A 123 -9.76 -27.57 -8.55
C ALA A 123 -9.26 -27.58 -7.07
N VAL A 124 -8.83 -26.41 -6.53
CA VAL A 124 -8.52 -26.31 -5.10
C VAL A 124 -9.55 -25.32 -4.48
N VAL A 125 -10.19 -25.73 -3.41
CA VAL A 125 -11.28 -24.98 -2.86
C VAL A 125 -10.73 -24.33 -1.62
N TRP A 126 -10.81 -23.00 -1.53
CA TRP A 126 -10.26 -22.30 -0.38
C TRP A 126 -11.40 -21.69 0.46
N TYR A 127 -11.23 -21.57 1.76
CA TYR A 127 -12.25 -20.98 2.66
C TYR A 127 -11.54 -20.16 3.71
N GLY A 128 -11.94 -18.89 3.90
CA GLY A 128 -11.28 -17.99 4.81
C GLY A 128 -9.77 -17.82 4.54
N GLY A 129 -9.33 -17.96 3.30
CA GLY A 129 -7.91 -17.77 3.01
C GLY A 129 -7.07 -19.01 3.21
N ARG A 130 -7.68 -20.18 3.49
CA ARG A 130 -6.97 -21.44 3.75
C ARG A 130 -7.49 -22.52 2.75
N PRO A 131 -6.61 -23.33 2.13
CA PRO A 131 -7.07 -24.48 1.34
C PRO A 131 -7.80 -25.55 2.18
N ILE A 132 -8.92 -26.04 1.66
CA ILE A 132 -9.79 -26.99 2.36
C ILE A 132 -10.01 -28.30 1.58
N THR A 133 -10.11 -28.26 0.22
CA THR A 133 -10.54 -29.41 -0.57
C THR A 133 -9.89 -29.35 -1.94
N GLU A 134 -9.61 -30.53 -2.52
CA GLU A 134 -9.17 -30.60 -3.91
C GLU A 134 -10.09 -31.54 -4.67
N ILE A 135 -10.25 -31.32 -5.99
CA ILE A 135 -11.18 -32.14 -6.79
C ILE A 135 -10.53 -32.41 -8.17
N PRO A 136 -10.28 -33.67 -8.47
CA PRO A 136 -9.68 -34.05 -9.75
C PRO A 136 -10.65 -34.05 -10.92
N SER A 137 -10.14 -33.81 -12.12
CA SER A 137 -10.93 -33.84 -13.33
C SER A 137 -11.61 -35.18 -13.44
N TRP A 138 -12.87 -35.20 -13.83
CA TRP A 138 -13.57 -36.47 -13.93
C TRP A 138 -13.77 -36.89 -15.39
N ALA A 139 -13.59 -35.96 -16.32
CA ALA A 139 -13.87 -36.34 -17.68
C ALA A 139 -12.60 -36.12 -18.49
N GLY A 140 -11.55 -35.65 -17.81
CA GLY A 140 -10.23 -35.43 -18.44
C GLY A 140 -10.15 -34.40 -19.58
N ASN A 141 -10.98 -33.33 -19.53
CA ASN A 141 -10.95 -32.35 -20.62
C ASN A 141 -11.26 -30.93 -20.12
N ILE A 142 -10.26 -30.27 -19.55
CA ILE A 142 -10.37 -28.88 -19.05
C ILE A 142 -11.53 -28.69 -17.98
N LEU A 143 -11.42 -29.43 -16.91
CA LEU A 143 -12.29 -29.07 -15.73
C LEU A 143 -12.34 -27.51 -15.55
N ARG A 144 -13.54 -26.93 -15.47
CA ARG A 144 -13.71 -25.47 -15.47
C ARG A 144 -15.01 -25.05 -14.79
N THR A 145 -15.17 -23.73 -14.52
CA THR A 145 -16.33 -23.28 -13.69
C THR A 145 -16.83 -21.92 -14.18
N GLN A 146 -17.51 -21.19 -13.31
CA GLN A 146 -18.37 -20.07 -13.66
C GLN A 146 -17.69 -18.79 -14.24
N GLU A 147 -16.55 -18.38 -13.71
CA GLU A 147 -15.94 -17.06 -14.03
C GLU A 147 -16.80 -15.83 -13.57
N SER A 148 -17.64 -16.02 -12.51
CA SER A 148 -18.33 -14.91 -11.88
C SER A 148 -18.71 -15.52 -10.46
N GLU A 149 -19.29 -14.72 -9.64
CA GLU A 149 -19.56 -15.10 -8.22
C GLU A 149 -20.53 -16.29 -8.02
N CYS A 150 -20.31 -17.11 -6.96
CA CYS A 150 -21.27 -18.16 -6.62
C CYS A 150 -22.22 -17.53 -5.59
N VAL A 151 -23.19 -18.28 -5.08
CA VAL A 151 -24.15 -17.69 -4.14
C VAL A 151 -24.34 -18.66 -2.95
N CYS A 152 -24.61 -18.15 -1.76
CA CYS A 152 -24.69 -19.01 -0.53
C CYS A 152 -25.99 -18.78 0.17
N HIS A 153 -26.51 -19.82 0.82
CA HIS A 153 -27.71 -19.74 1.61
C HIS A 153 -27.51 -20.67 2.84
N LYS A 154 -27.55 -20.09 4.04
CA LYS A 154 -27.41 -20.86 5.30
C LYS A 154 -26.19 -21.77 5.28
N GLY A 155 -25.09 -21.27 4.77
CA GLY A 155 -23.83 -22.02 4.80
C GLY A 155 -23.54 -22.83 3.58
N VAL A 156 -24.58 -23.16 2.82
CA VAL A 156 -24.45 -23.95 1.59
C VAL A 156 -24.26 -23.07 0.32
N CYS A 157 -23.20 -23.32 -0.42
CA CYS A 157 -22.90 -22.52 -1.59
C CYS A 157 -22.77 -23.49 -2.77
N PRO A 158 -23.75 -23.53 -3.65
CA PRO A 158 -23.61 -24.36 -4.89
C PRO A 158 -22.70 -23.75 -5.93
N VAL A 159 -21.99 -24.61 -6.63
CA VAL A 159 -21.10 -24.19 -7.73
C VAL A 159 -21.33 -25.08 -8.98
N VAL A 160 -21.44 -24.48 -10.16
CA VAL A 160 -21.56 -25.28 -11.39
C VAL A 160 -20.20 -25.43 -12.05
N MET A 161 -19.87 -26.67 -12.44
CA MET A 161 -18.60 -27.04 -13.08
C MET A 161 -18.77 -27.89 -14.32
N THR A 162 -17.85 -27.80 -15.23
CA THR A 162 -17.95 -28.64 -16.46
C THR A 162 -16.61 -29.24 -16.79
N ASP A 163 -16.63 -30.48 -17.25
CA ASP A 163 -15.39 -31.16 -17.66
C ASP A 163 -15.81 -31.92 -18.91
N GLY A 164 -15.10 -31.75 -20.01
CA GLY A 164 -15.55 -32.38 -21.24
C GLY A 164 -15.43 -31.41 -22.40
N PRO A 165 -15.88 -31.80 -23.57
CA PRO A 165 -15.68 -31.00 -24.84
C PRO A 165 -16.40 -29.66 -24.85
N ALA A 166 -15.79 -28.69 -25.50
CA ALA A 166 -16.39 -27.35 -25.69
C ALA A 166 -17.44 -27.30 -26.79
N ASN A 167 -17.45 -28.31 -27.68
CA ASN A 167 -18.21 -28.22 -28.94
C ASN A 167 -19.13 -29.41 -29.07
N ASN A 168 -19.43 -30.06 -27.94
CA ASN A 168 -20.28 -31.25 -27.91
C ASN A 168 -20.72 -31.63 -26.53
N ARG A 169 -21.48 -32.72 -26.41
CA ARG A 169 -21.93 -33.18 -25.12
C ARG A 169 -20.76 -33.20 -24.09
N ALA A 170 -20.94 -32.56 -22.93
CA ALA A 170 -19.90 -32.60 -21.90
C ALA A 170 -20.53 -33.04 -20.55
N ALA A 171 -19.71 -33.17 -19.50
CA ALA A 171 -20.12 -33.64 -18.17
C ALA A 171 -20.12 -32.48 -17.13
N THR A 172 -21.32 -31.97 -16.87
CA THR A 172 -21.51 -30.85 -15.98
C THR A 172 -22.01 -31.41 -14.63
N LYS A 173 -21.48 -30.90 -13.51
CA LYS A 173 -21.99 -31.26 -12.11
C LYS A 173 -22.31 -30.02 -11.30
N ILE A 174 -23.17 -30.19 -10.29
CA ILE A 174 -23.30 -29.14 -9.33
C ILE A 174 -22.70 -29.65 -8.03
N ILE A 175 -21.80 -28.89 -7.44
CA ILE A 175 -21.24 -29.35 -6.16
C ILE A 175 -21.66 -28.35 -5.10
N TYR A 176 -22.12 -28.87 -3.99
CA TYR A 176 -22.61 -28.01 -2.93
C TYR A 176 -21.59 -27.96 -1.79
N PHE A 177 -21.13 -26.74 -1.42
CA PHE A 177 -20.10 -26.59 -0.39
C PHE A 177 -20.61 -25.93 0.89
N LYS A 178 -19.95 -26.29 2.00
CA LYS A 178 -20.15 -25.66 3.33
C LYS A 178 -18.84 -25.56 3.98
N GLU A 179 -18.38 -24.33 4.15
CA GLU A 179 -17.04 -24.02 4.69
C GLU A 179 -15.96 -24.73 3.95
N GLY A 180 -16.13 -24.79 2.64
CA GLY A 180 -15.18 -25.43 1.79
C GLY A 180 -15.20 -26.95 1.70
N LYS A 181 -16.10 -27.59 2.43
CA LYS A 181 -16.22 -29.06 2.39
C LYS A 181 -17.40 -29.53 1.50
N ILE A 182 -17.17 -30.60 0.70
CA ILE A 182 -18.24 -31.10 -0.23
C ILE A 182 -19.39 -31.72 0.58
N GLN A 183 -20.60 -31.14 0.49
CA GLN A 183 -21.84 -31.74 1.09
C GLN A 183 -22.57 -32.66 0.13
N LYS A 184 -22.44 -32.44 -1.19
CA LYS A 184 -23.08 -33.32 -2.14
C LYS A 184 -22.56 -33.03 -3.55
N ILE A 185 -22.56 -34.04 -4.40
CA ILE A 185 -22.30 -33.86 -5.85
C ILE A 185 -23.49 -34.34 -6.71
N GLU A 186 -23.91 -33.60 -7.74
CA GLU A 186 -25.02 -34.04 -8.65
C GLU A 186 -24.57 -33.91 -10.09
N GLU A 187 -25.01 -34.85 -10.93
CA GLU A 187 -24.92 -34.72 -12.37
C GLU A 187 -25.92 -33.69 -12.83
N LEU A 188 -25.58 -32.89 -13.85
CA LEU A 188 -26.57 -31.98 -14.44
C LEU A 188 -27.81 -32.78 -14.91
N ALA A 189 -28.99 -32.25 -14.55
CA ALA A 189 -30.25 -32.88 -15.02
C ALA A 189 -31.06 -31.89 -15.88
N GLY A 190 -32.09 -32.37 -16.61
CA GLY A 190 -33.05 -31.50 -17.28
C GLY A 190 -32.77 -31.26 -18.75
N ASN A 191 -33.34 -30.20 -19.31
CA ASN A 191 -33.37 -30.01 -20.76
C ASN A 191 -32.29 -29.15 -21.32
N ALA A 192 -31.45 -28.53 -20.45
CA ALA A 192 -30.29 -27.80 -20.98
C ALA A 192 -29.32 -28.86 -21.62
N GLN A 193 -28.78 -28.56 -22.79
CA GLN A 193 -27.96 -29.58 -23.44
C GLN A 193 -26.43 -29.40 -23.28
N HIS A 194 -26.01 -28.23 -22.86
CA HIS A 194 -24.61 -27.91 -22.69
C HIS A 194 -24.53 -26.69 -21.82
N ILE A 195 -23.59 -26.73 -20.87
CA ILE A 195 -23.45 -25.69 -19.84
C ILE A 195 -22.02 -25.14 -19.70
N GLU A 196 -21.89 -23.82 -19.77
CA GLU A 196 -20.59 -23.21 -19.45
C GLU A 196 -20.83 -21.92 -18.63
N GLU A 197 -19.84 -21.55 -17.80
CA GLU A 197 -19.70 -20.15 -17.30
C GLU A 197 -21.01 -19.54 -16.73
N CYS A 198 -21.66 -20.28 -15.87
CA CYS A 198 -22.92 -19.75 -15.37
C CYS A 198 -22.76 -18.42 -14.53
N SER A 199 -23.67 -17.44 -14.79
CA SER A 199 -23.84 -16.26 -14.01
C SER A 199 -25.04 -16.48 -13.01
N CYS A 200 -24.78 -16.38 -11.71
CA CYS A 200 -25.84 -16.79 -10.74
C CYS A 200 -26.27 -15.70 -9.74
N TYR A 201 -27.55 -15.73 -9.30
CA TYR A 201 -27.98 -14.84 -8.21
C TYR A 201 -29.08 -15.46 -7.35
N GLY A 202 -29.25 -14.93 -6.14
CA GLY A 202 -30.25 -15.53 -5.29
C GLY A 202 -31.38 -14.58 -4.89
N ALA A 203 -32.59 -15.16 -4.83
CA ALA A 203 -33.81 -14.46 -4.39
C ALA A 203 -34.92 -15.42 -3.94
N GLY A 204 -35.64 -15.08 -2.89
CA GLY A 204 -36.80 -15.90 -2.53
C GLY A 204 -36.39 -17.34 -2.18
N GLY A 205 -35.21 -17.56 -1.58
CA GLY A 205 -34.76 -18.93 -1.28
C GLY A 205 -34.30 -19.78 -2.49
N VAL A 206 -34.22 -19.15 -3.67
CA VAL A 206 -33.89 -19.87 -4.88
C VAL A 206 -32.62 -19.25 -5.55
N ILE A 207 -31.74 -20.09 -6.13
CA ILE A 207 -30.66 -19.61 -6.96
C ILE A 207 -30.86 -19.88 -8.47
N LYS A 208 -30.73 -18.89 -9.38
CA LYS A 208 -30.94 -19.09 -10.79
C LYS A 208 -29.59 -18.83 -11.46
N CYS A 209 -29.20 -19.69 -12.35
CA CYS A 209 -27.95 -19.57 -13.06
C CYS A 209 -28.22 -19.49 -14.58
N ILE A 210 -27.76 -18.39 -15.18
CA ILE A 210 -28.02 -18.16 -16.59
C ILE A 210 -26.70 -18.43 -17.34
N CYS A 211 -26.67 -19.40 -18.25
CA CYS A 211 -25.36 -19.92 -18.66
C CYS A 211 -25.09 -19.74 -20.15
N ARG A 212 -24.01 -20.35 -20.62
CA ARG A 212 -23.60 -20.33 -22.02
C ARG A 212 -23.58 -21.75 -22.64
N ASP A 213 -24.53 -22.02 -23.53
CA ASP A 213 -24.56 -23.34 -24.16
C ASP A 213 -23.58 -23.13 -25.36
N ASN A 214 -22.36 -23.67 -25.29
CA ASN A 214 -21.34 -23.49 -26.37
C ASN A 214 -21.50 -24.43 -27.54
N TRP A 215 -22.43 -25.38 -27.42
CA TRP A 215 -22.62 -26.46 -28.37
C TRP A 215 -23.56 -26.07 -29.48
N LYS A 216 -24.83 -25.86 -29.18
CA LYS A 216 -25.79 -25.58 -30.21
C LYS A 216 -26.53 -24.24 -30.15
N GLY A 217 -27.00 -23.88 -28.93
CA GLY A 217 -27.92 -22.75 -28.80
C GLY A 217 -27.45 -21.28 -28.68
N ALA A 218 -28.09 -20.40 -29.45
CA ALA A 218 -27.96 -18.94 -29.28
C ALA A 218 -28.94 -18.45 -28.15
N ASN A 219 -29.90 -19.28 -27.76
CA ASN A 219 -30.66 -18.99 -26.50
C ASN A 219 -29.86 -19.53 -25.29
N ARG A 220 -30.04 -18.94 -24.10
CA ARG A 220 -29.20 -19.29 -22.93
C ARG A 220 -29.91 -20.29 -21.99
N PRO A 221 -29.18 -21.28 -21.55
CA PRO A 221 -29.68 -22.24 -20.54
C PRO A 221 -29.93 -21.61 -19.18
N VAL A 222 -30.92 -22.11 -18.42
CA VAL A 222 -31.20 -21.58 -17.09
C VAL A 222 -31.34 -22.76 -16.12
N ILE A 223 -30.53 -22.75 -15.08
CA ILE A 223 -30.47 -23.80 -14.08
C ILE A 223 -31.10 -23.24 -12.79
N THR A 224 -32.08 -23.94 -12.27
CA THR A 224 -32.73 -23.47 -11.05
C THR A 224 -32.29 -24.38 -9.92
N ILE A 225 -31.62 -23.81 -8.93
CA ILE A 225 -31.09 -24.57 -7.76
C ILE A 225 -31.80 -24.28 -6.42
N ASP A 226 -32.13 -25.31 -5.72
CA ASP A 226 -32.67 -25.12 -4.34
C ASP A 226 -31.58 -25.45 -3.32
N PRO A 227 -30.95 -24.46 -2.68
CA PRO A 227 -29.75 -24.68 -1.84
C PRO A 227 -30.07 -25.32 -0.46
N GLU A 228 -31.35 -25.50 -0.17
CA GLU A 228 -31.75 -26.27 1.05
C GLU A 228 -31.91 -27.76 0.79
N MET A 229 -32.51 -28.14 -0.34
CA MET A 229 -32.67 -29.54 -0.68
C MET A 229 -31.46 -30.02 -1.43
N MET A 230 -30.67 -29.07 -1.94
CA MET A 230 -29.48 -29.35 -2.76
C MET A 230 -29.86 -30.16 -4.00
N THR A 231 -30.74 -29.58 -4.83
CA THR A 231 -31.25 -30.19 -6.02
C THR A 231 -31.56 -29.09 -7.01
N HIS A 232 -31.68 -29.48 -8.28
CA HIS A 232 -31.91 -28.47 -9.31
C HIS A 232 -32.73 -29.02 -10.48
N THR A 233 -33.16 -28.13 -11.37
CA THR A 233 -33.74 -28.48 -12.66
C THR A 233 -33.04 -27.58 -13.76
N SER A 234 -33.25 -27.87 -15.02
CA SER A 234 -32.69 -27.03 -16.10
C SER A 234 -33.51 -26.97 -17.38
N LYS A 235 -33.47 -25.84 -18.03
CA LYS A 235 -34.08 -25.72 -19.34
C LYS A 235 -33.45 -24.46 -19.96
N TYR A 236 -34.13 -23.85 -20.93
CA TYR A 236 -33.65 -22.63 -21.62
C TYR A 236 -34.55 -21.42 -21.34
N LEU A 237 -33.98 -20.23 -21.39
CA LEU A 237 -34.78 -19.00 -21.47
C LEU A 237 -35.84 -19.13 -22.56
N CYS A 238 -37.10 -18.86 -22.24
CA CYS A 238 -38.19 -19.01 -23.22
C CYS A 238 -38.21 -17.89 -24.36
N SER A 239 -37.71 -16.67 -24.04
CA SER A 239 -37.99 -15.47 -24.87
C SER A 239 -37.39 -15.60 -26.30
N LYS A 240 -38.04 -14.98 -27.29
CA LYS A 240 -37.49 -14.90 -28.66
C LYS A 240 -36.30 -13.98 -28.71
N VAL A 241 -36.10 -13.15 -27.66
CA VAL A 241 -34.98 -12.22 -27.58
C VAL A 241 -33.79 -13.11 -27.24
N LEU A 242 -32.91 -13.37 -28.25
CA LEU A 242 -31.79 -14.29 -28.06
C LEU A 242 -30.57 -13.54 -27.54
N THR A 243 -29.86 -14.12 -26.54
CA THR A 243 -28.82 -13.32 -25.86
C THR A 243 -27.42 -13.86 -25.84
N ASP A 244 -27.15 -14.94 -26.59
CA ASP A 244 -25.79 -15.47 -26.61
C ASP A 244 -25.10 -14.80 -27.81
N THR A 245 -23.80 -14.98 -27.96
CA THR A 245 -23.18 -14.23 -29.04
C THR A 245 -22.50 -15.05 -30.09
N SER A 246 -22.91 -14.60 -31.28
CA SER A 246 -22.96 -15.17 -32.57
C SER A 246 -24.31 -15.82 -32.40
N ARG A 247 -25.30 -15.11 -32.93
CA ARG A 247 -26.67 -15.56 -32.87
C ARG A 247 -27.30 -15.08 -34.16
N PRO A 248 -28.40 -15.72 -34.55
CA PRO A 248 -29.12 -15.27 -35.76
C PRO A 248 -30.04 -14.11 -35.37
N ASN A 249 -30.82 -13.54 -36.29
CA ASN A 249 -31.82 -12.54 -35.88
C ASN A 249 -32.81 -13.23 -34.90
N ASP A 250 -33.48 -12.44 -34.07
CA ASP A 250 -34.51 -12.98 -33.20
C ASP A 250 -35.65 -13.57 -33.98
N PRO A 251 -35.96 -14.82 -33.72
CA PRO A 251 -37.12 -15.46 -34.39
C PRO A 251 -38.49 -14.95 -33.84
N THR A 252 -39.63 -15.41 -34.37
CA THR A 252 -40.92 -14.88 -33.89
C THR A 252 -41.26 -15.54 -32.54
N ASN A 253 -40.76 -16.75 -32.30
CA ASN A 253 -40.96 -17.43 -31.01
C ASN A 253 -39.62 -18.01 -30.56
N GLY A 254 -39.37 -17.93 -29.26
CA GLY A 254 -38.27 -18.69 -28.65
C GLY A 254 -38.62 -20.17 -28.40
N ASN A 255 -37.77 -20.82 -27.62
CA ASN A 255 -37.91 -22.24 -27.30
C ASN A 255 -37.40 -22.45 -25.89
N CYS A 256 -38.30 -22.81 -24.98
CA CYS A 256 -37.99 -23.09 -23.56
C CYS A 256 -37.19 -24.38 -23.37
N ASP A 257 -37.36 -25.36 -24.27
CA ASP A 257 -36.86 -26.70 -23.92
C ASP A 257 -35.87 -27.28 -24.95
N ALA A 258 -35.30 -26.44 -25.77
CA ALA A 258 -34.33 -26.96 -26.72
C ALA A 258 -33.51 -25.79 -27.22
N PRO A 259 -32.29 -26.05 -27.70
CA PRO A 259 -31.46 -24.94 -28.23
C PRO A 259 -31.92 -24.41 -29.56
N ILE A 260 -31.76 -23.10 -29.78
CA ILE A 260 -32.09 -22.52 -31.11
C ILE A 260 -30.76 -22.30 -31.78
N THR A 261 -30.59 -22.88 -32.96
CA THR A 261 -29.29 -22.93 -33.68
C THR A 261 -29.12 -21.69 -34.55
N GLY A 262 -27.91 -21.51 -35.09
CA GLY A 262 -27.58 -20.39 -35.96
C GLY A 262 -26.55 -19.36 -35.37
N GLY A 263 -26.20 -18.35 -36.15
CA GLY A 263 -25.20 -17.34 -35.80
C GLY A 263 -23.81 -17.74 -36.30
N SER A 264 -22.96 -16.76 -36.48
CA SER A 264 -21.59 -16.97 -36.99
C SER A 264 -20.78 -15.74 -36.64
N PRO A 265 -19.46 -15.87 -36.39
CA PRO A 265 -18.72 -17.16 -36.47
C PRO A 265 -18.36 -17.80 -35.13
N ASP A 266 -18.94 -17.34 -33.98
CA ASP A 266 -18.55 -17.90 -32.67
C ASP A 266 -19.61 -18.60 -31.88
N PRO A 267 -19.19 -19.66 -31.18
CA PRO A 267 -20.12 -20.57 -30.53
C PRO A 267 -20.73 -19.98 -29.26
N GLY A 268 -20.15 -18.96 -28.63
CA GLY A 268 -20.80 -18.34 -27.47
C GLY A 268 -19.98 -17.38 -26.66
N VAL A 269 -20.61 -16.74 -25.66
CA VAL A 269 -19.90 -15.86 -24.74
C VAL A 269 -20.60 -15.97 -23.31
N LYS A 270 -19.85 -15.68 -22.25
CA LYS A 270 -20.50 -15.66 -20.85
C LYS A 270 -21.48 -14.50 -20.76
N GLY A 271 -22.70 -14.72 -20.25
CA GLY A 271 -23.65 -13.61 -20.18
C GLY A 271 -24.56 -13.83 -18.95
N PHE A 272 -25.66 -13.09 -18.87
CA PHE A 272 -26.48 -13.18 -17.60
C PHE A 272 -27.85 -12.66 -17.90
N ALA A 273 -28.79 -12.80 -16.91
CA ALA A 273 -30.06 -12.19 -16.96
C ALA A 273 -30.65 -12.27 -15.53
N PHE A 274 -31.58 -11.39 -15.24
CA PHE A 274 -32.35 -11.47 -13.96
C PHE A 274 -33.79 -11.79 -14.33
N LEU A 275 -34.34 -12.85 -13.75
CA LEU A 275 -35.65 -13.37 -14.14
C LEU A 275 -36.65 -13.29 -12.95
N ASP A 276 -37.63 -12.40 -13.06
CA ASP A 276 -38.57 -12.17 -11.93
C ASP A 276 -39.93 -11.69 -12.45
N GLY A 277 -40.61 -12.53 -13.23
CA GLY A 277 -41.90 -12.14 -13.80
C GLY A 277 -41.80 -10.92 -14.73
N GLU A 278 -42.63 -9.90 -14.44
CA GLU A 278 -42.62 -8.67 -15.23
C GLU A 278 -41.29 -7.94 -15.01
N ASN A 279 -40.72 -8.08 -13.80
CA ASN A 279 -39.45 -7.44 -13.42
C ASN A 279 -38.27 -8.26 -13.94
N SER A 280 -38.24 -8.59 -15.24
CA SER A 280 -37.14 -9.37 -15.79
C SER A 280 -36.27 -8.57 -16.78
N TRP A 281 -34.92 -8.74 -16.67
CA TRP A 281 -33.98 -8.02 -17.56
C TRP A 281 -32.92 -8.96 -18.17
N LEU A 282 -32.69 -8.82 -19.45
CA LEU A 282 -31.69 -9.61 -20.20
C LEU A 282 -30.57 -8.70 -20.72
N GLY A 283 -29.35 -9.08 -20.46
CA GLY A 283 -28.20 -8.46 -21.12
C GLY A 283 -27.73 -9.14 -22.46
N ARG A 284 -27.11 -8.38 -23.33
CA ARG A 284 -26.47 -9.04 -24.48
C ARG A 284 -25.60 -8.05 -25.17
N THR A 285 -24.70 -8.51 -26.04
CA THR A 285 -23.91 -7.63 -26.85
C THR A 285 -24.85 -7.07 -27.93
N ILE A 286 -24.51 -5.88 -28.45
CA ILE A 286 -25.40 -5.24 -29.46
C ILE A 286 -25.29 -5.95 -30.78
N SER A 287 -24.02 -6.16 -31.23
CA SER A 287 -23.72 -6.90 -32.47
C SER A 287 -24.16 -8.37 -32.26
N LYS A 288 -24.71 -8.93 -33.34
CA LYS A 288 -25.13 -10.32 -33.31
C LYS A 288 -23.98 -11.26 -33.56
N ASP A 289 -22.96 -10.74 -34.23
CA ASP A 289 -21.78 -11.50 -34.65
C ASP A 289 -20.66 -11.48 -33.69
N SER A 290 -20.35 -10.30 -33.11
CA SER A 290 -19.14 -10.09 -32.34
C SER A 290 -19.38 -9.52 -30.93
N ARG A 291 -18.36 -9.64 -30.08
CA ARG A 291 -18.36 -9.05 -28.74
C ARG A 291 -18.21 -7.56 -28.75
N SER A 292 -19.21 -6.88 -29.31
CA SER A 292 -19.17 -5.43 -29.34
C SER A 292 -20.45 -4.82 -28.92
N GLY A 293 -20.36 -3.71 -28.20
CA GLY A 293 -21.57 -3.06 -27.72
C GLY A 293 -22.18 -3.86 -26.56
N TYR A 294 -23.10 -3.27 -25.81
CA TYR A 294 -23.75 -4.04 -24.71
C TYR A 294 -25.02 -3.30 -24.38
N GLU A 295 -26.12 -4.02 -24.23
CA GLU A 295 -27.41 -3.41 -23.98
C GLU A 295 -28.18 -4.19 -22.93
N MET A 296 -29.02 -3.48 -22.19
CA MET A 296 -29.90 -4.16 -21.22
C MET A 296 -31.33 -4.05 -21.79
N LEU A 297 -32.08 -5.17 -21.83
CA LEU A 297 -33.46 -5.22 -22.31
C LEU A 297 -34.38 -5.71 -21.26
N LYS A 298 -35.37 -4.88 -20.91
CA LYS A 298 -36.35 -5.36 -19.97
C LYS A 298 -37.39 -6.19 -20.74
N VAL A 299 -37.52 -7.46 -20.42
CA VAL A 299 -38.41 -8.35 -21.15
C VAL A 299 -39.33 -9.14 -20.19
N PRO A 300 -40.51 -8.58 -19.90
CA PRO A 300 -41.50 -9.20 -18.99
C PRO A 300 -41.79 -10.63 -19.32
N ASN A 301 -41.62 -11.54 -18.37
CA ASN A 301 -41.86 -12.97 -18.55
C ASN A 301 -40.94 -13.73 -19.51
N ALA A 302 -39.69 -13.24 -19.68
CA ALA A 302 -38.72 -13.94 -20.53
C ALA A 302 -38.55 -15.40 -20.13
N GLU A 303 -38.64 -15.65 -18.83
CA GLU A 303 -38.47 -17.04 -18.30
C GLU A 303 -39.61 -18.02 -18.62
N THR A 304 -40.78 -17.52 -19.04
CA THR A 304 -41.88 -18.41 -19.27
C THR A 304 -42.63 -18.24 -20.58
N ASP A 305 -42.55 -17.06 -21.21
CA ASP A 305 -43.34 -16.83 -22.42
C ASP A 305 -42.42 -16.75 -23.66
N ILE A 306 -42.68 -17.60 -24.65
CA ILE A 306 -41.84 -17.63 -25.88
C ILE A 306 -42.02 -16.42 -26.81
N GLN A 307 -43.09 -15.65 -26.57
CA GLN A 307 -43.40 -14.48 -27.38
C GLN A 307 -42.91 -13.18 -26.74
N SER A 308 -42.35 -13.30 -25.52
CA SER A 308 -41.95 -12.10 -24.77
C SER A 308 -40.90 -11.27 -25.48
N GLY A 309 -41.20 -9.95 -25.60
CA GLY A 309 -40.28 -8.97 -26.20
C GLY A 309 -39.93 -7.81 -25.24
N PRO A 310 -39.03 -6.89 -25.63
CA PRO A 310 -38.62 -5.76 -24.76
C PRO A 310 -39.63 -4.64 -24.64
N ILE A 311 -39.76 -4.07 -23.41
CA ILE A 311 -40.59 -2.89 -23.19
C ILE A 311 -39.74 -1.69 -22.88
N SER A 312 -38.44 -1.90 -22.67
CA SER A 312 -37.52 -0.77 -22.46
C SER A 312 -36.11 -1.24 -22.62
N ASN A 313 -35.18 -0.32 -22.88
CA ASN A 313 -33.79 -0.66 -23.18
C ASN A 313 -32.85 0.38 -22.58
N GLN A 314 -31.61 -0.02 -22.27
CA GLN A 314 -30.58 0.93 -21.88
C GLN A 314 -29.23 0.51 -22.54
N VAL A 315 -28.60 1.42 -23.29
CA VAL A 315 -27.32 1.05 -23.85
C VAL A 315 -26.22 1.19 -22.79
N ILE A 316 -25.45 0.15 -22.51
CA ILE A 316 -24.38 0.24 -21.56
C ILE A 316 -22.98 0.54 -22.23
N VAL A 317 -22.71 -0.04 -23.40
CA VAL A 317 -21.52 0.24 -24.16
C VAL A 317 -21.97 0.36 -25.64
N ASN A 318 -21.66 1.47 -26.34
CA ASN A 318 -22.16 1.65 -27.68
C ASN A 318 -21.56 0.68 -28.65
N ASN A 319 -22.20 0.55 -29.81
CA ASN A 319 -21.84 -0.51 -30.71
C ASN A 319 -20.56 -0.19 -31.54
N GLN A 320 -19.91 0.93 -31.24
CA GLN A 320 -18.61 1.24 -31.90
C GLN A 320 -17.46 0.83 -30.96
N ASN A 321 -17.81 0.24 -29.79
CA ASN A 321 -16.82 -0.18 -28.77
C ASN A 321 -16.83 -1.68 -28.35
N TRP A 322 -15.69 -2.18 -27.87
CA TRP A 322 -15.58 -3.61 -27.60
C TRP A 322 -16.15 -3.95 -26.24
N SER A 323 -16.77 -5.11 -26.15
CA SER A 323 -17.28 -5.56 -24.89
C SER A 323 -16.65 -6.94 -24.61
N GLY A 324 -17.43 -7.88 -24.04
CA GLY A 324 -16.90 -9.18 -23.68
C GLY A 324 -17.86 -9.91 -22.72
N TYR A 325 -17.27 -10.64 -21.79
CA TYR A 325 -18.04 -11.42 -20.85
C TYR A 325 -18.92 -10.49 -20.05
N SER A 326 -20.02 -11.06 -19.48
CA SER A 326 -20.87 -10.27 -18.56
C SER A 326 -21.41 -11.22 -17.50
N GLY A 327 -21.64 -10.72 -16.28
CA GLY A 327 -22.04 -11.64 -15.20
C GLY A 327 -22.88 -10.95 -14.15
N ALA A 328 -23.52 -11.72 -13.30
CA ALA A 328 -24.33 -11.10 -12.25
C ALA A 328 -23.63 -11.11 -10.89
N PHE A 329 -23.97 -10.13 -10.07
CA PHE A 329 -23.61 -10.17 -8.63
C PHE A 329 -24.69 -9.36 -7.89
N ILE A 330 -24.72 -9.54 -6.59
CA ILE A 330 -25.62 -8.70 -5.75
C ILE A 330 -24.89 -8.40 -4.41
N ASP A 331 -25.12 -7.21 -3.85
CA ASP A 331 -24.65 -6.88 -2.51
C ASP A 331 -25.75 -7.37 -1.52
N TYR A 332 -25.71 -8.67 -1.21
CA TYR A 332 -26.70 -9.30 -0.30
C TYR A 332 -26.71 -8.72 1.08
N TRP A 333 -25.74 -7.89 1.45
CA TRP A 333 -25.68 -7.31 2.80
C TRP A 333 -26.06 -5.80 2.81
N ALA A 334 -26.65 -5.30 1.72
CA ALA A 334 -27.16 -3.94 1.72
C ALA A 334 -28.25 -3.70 2.77
N ASN A 335 -28.41 -2.44 3.16
CA ASN A 335 -29.48 -2.12 4.09
C ASN A 335 -30.75 -1.84 3.31
N LYS A 336 -31.46 -2.90 2.99
CA LYS A 336 -32.66 -2.80 2.19
C LYS A 336 -33.49 -4.04 2.48
N GLU A 337 -34.77 -3.96 2.13
CA GLU A 337 -35.73 -5.06 2.28
C GLU A 337 -35.79 -5.99 1.09
N CYS A 338 -35.03 -5.67 0.03
CA CYS A 338 -34.97 -6.47 -1.21
C CYS A 338 -33.52 -6.55 -1.71
N PHE A 339 -33.20 -7.57 -2.49
CA PHE A 339 -31.89 -7.73 -3.14
C PHE A 339 -31.89 -6.98 -4.46
N ASN A 340 -31.02 -5.96 -4.60
CA ASN A 340 -30.97 -5.17 -5.80
C ASN A 340 -29.96 -5.75 -6.84
N PRO A 341 -30.47 -6.17 -8.02
CA PRO A 341 -29.57 -6.70 -9.09
C PRO A 341 -28.39 -5.78 -9.44
N CYS A 342 -27.21 -6.37 -9.62
CA CYS A 342 -26.02 -5.66 -10.23
C CYS A 342 -25.41 -6.52 -11.34
N PHE A 343 -24.55 -5.95 -12.18
CA PHE A 343 -23.90 -6.74 -13.22
C PHE A 343 -22.58 -6.01 -13.68
N TYR A 344 -21.69 -6.73 -14.35
CA TYR A 344 -20.51 -6.09 -14.91
C TYR A 344 -20.44 -6.42 -16.40
N VAL A 345 -19.61 -5.69 -17.09
CA VAL A 345 -19.25 -6.03 -18.42
C VAL A 345 -17.72 -5.98 -18.50
N GLU A 346 -17.15 -7.00 -19.14
CA GLU A 346 -15.72 -7.05 -19.34
C GLU A 346 -15.44 -6.32 -20.66
N LEU A 347 -14.48 -5.39 -20.65
CA LEU A 347 -14.19 -4.59 -21.87
C LEU A 347 -12.87 -5.04 -22.42
N ILE A 348 -12.94 -5.95 -23.38
CA ILE A 348 -11.72 -6.59 -23.92
C ILE A 348 -10.99 -5.72 -24.93
N ARG A 349 -9.70 -5.48 -24.66
CA ARG A 349 -8.84 -4.73 -25.58
C ARG A 349 -7.77 -5.58 -26.17
N GLY A 350 -7.32 -5.26 -27.36
CA GLY A 350 -6.23 -6.03 -27.96
C GLY A 350 -6.73 -7.20 -28.79
N ARG A 351 -5.99 -8.34 -28.79
CA ARG A 351 -6.35 -9.49 -29.67
C ARG A 351 -7.59 -10.28 -29.25
N PRO A 352 -8.27 -10.91 -30.20
CA PRO A 352 -7.92 -10.87 -31.64
C PRO A 352 -8.52 -9.66 -32.39
N LYS A 353 -9.43 -8.89 -31.76
CA LYS A 353 -10.10 -7.83 -32.54
C LYS A 353 -9.20 -6.67 -32.91
N GLU A 354 -8.12 -6.45 -32.15
CA GLU A 354 -7.25 -5.27 -32.30
C GLU A 354 -5.84 -5.85 -32.41
N SER A 355 -5.43 -6.21 -33.62
CA SER A 355 -4.20 -7.03 -33.74
C SER A 355 -2.93 -6.21 -33.92
N SER A 356 -3.04 -4.88 -33.87
CA SER A 356 -1.86 -4.01 -33.87
C SER A 356 -1.05 -4.07 -32.59
N VAL A 357 -1.55 -4.75 -31.56
CA VAL A 357 -0.73 -5.00 -30.36
C VAL A 357 -0.57 -6.50 -30.22
N LEU A 358 0.39 -6.94 -29.40
CA LEU A 358 0.68 -8.40 -29.18
C LEU A 358 -0.13 -9.02 -28.01
N TRP A 359 -0.91 -8.16 -27.34
CA TRP A 359 -1.53 -8.60 -26.04
C TRP A 359 -3.08 -8.63 -26.09
N THR A 360 -3.70 -9.27 -25.08
CA THR A 360 -5.14 -9.19 -24.86
C THR A 360 -5.33 -8.84 -23.39
N SER A 361 -6.16 -7.85 -23.09
CA SER A 361 -6.47 -7.56 -21.67
C SER A 361 -7.86 -7.04 -21.58
N ASN A 362 -8.20 -6.43 -20.44
CA ASN A 362 -9.53 -5.84 -20.30
C ASN A 362 -9.62 -4.81 -19.19
N SER A 363 -10.73 -4.06 -19.13
CA SER A 363 -11.05 -3.19 -18.01
C SER A 363 -12.46 -3.59 -17.53
N ILE A 364 -13.00 -2.89 -16.55
CA ILE A 364 -14.28 -3.26 -15.96
C ILE A 364 -15.24 -2.06 -15.80
N VAL A 365 -16.57 -2.28 -15.95
CA VAL A 365 -17.59 -1.32 -15.62
C VAL A 365 -18.67 -2.17 -14.96
N ALA A 366 -19.29 -1.67 -13.90
CA ALA A 366 -20.37 -2.35 -13.23
C ALA A 366 -21.47 -1.37 -12.84
N LEU A 367 -22.72 -1.87 -12.87
CA LEU A 367 -23.89 -1.04 -12.65
C LEU A 367 -24.88 -1.81 -11.76
N CYS A 368 -25.82 -1.11 -11.15
CA CYS A 368 -26.85 -1.75 -10.34
C CYS A 368 -28.22 -1.12 -10.62
N GLY A 369 -29.29 -1.79 -10.18
CA GLY A 369 -30.65 -1.36 -10.39
C GLY A 369 -31.08 -0.09 -9.69
N SER A 370 -31.94 0.66 -10.39
CA SER A 370 -32.61 1.81 -9.84
C SER A 370 -34.13 1.64 -10.10
N LYS A 371 -34.96 2.03 -9.14
CA LYS A 371 -36.44 2.15 -9.30
C LYS A 371 -36.74 3.45 -10.09
N LYS A 372 -35.79 4.40 -10.08
CA LYS A 372 -35.97 5.69 -10.81
C LYS A 372 -35.77 5.54 -12.33
N ARG A 373 -36.04 6.62 -13.08
CA ARG A 373 -35.82 6.63 -14.53
C ARG A 373 -34.57 7.48 -14.87
N LEU A 374 -33.41 6.83 -14.93
CA LEU A 374 -32.14 7.55 -14.95
C LEU A 374 -31.70 7.59 -16.41
N GLY A 375 -31.10 8.69 -16.83
CA GLY A 375 -30.47 8.77 -18.15
C GLY A 375 -29.21 7.94 -18.22
N SER A 376 -28.64 7.80 -19.45
CA SER A 376 -27.45 7.01 -19.60
C SER A 376 -26.50 7.46 -20.70
N TRP A 377 -25.29 6.94 -20.64
CA TRP A 377 -24.36 7.12 -21.77
C TRP A 377 -23.49 5.90 -21.83
N SER A 378 -22.69 5.77 -22.89
CA SER A 378 -21.82 4.65 -23.01
C SER A 378 -20.66 4.62 -21.96
N TRP A 379 -20.37 3.43 -21.42
CA TRP A 379 -19.23 3.29 -20.48
C TRP A 379 -18.07 2.48 -21.13
N HIS A 380 -17.72 2.81 -22.36
CA HIS A 380 -16.65 2.05 -23.01
C HIS A 380 -15.29 2.15 -22.23
N ASP A 381 -14.35 1.29 -22.63
CA ASP A 381 -13.04 1.22 -22.04
C ASP A 381 -12.31 2.61 -21.98
N GLY A 382 -12.24 3.32 -23.08
CA GLY A 382 -11.57 4.62 -23.00
C GLY A 382 -10.13 4.80 -23.54
N ALA A 383 -9.40 3.69 -23.86
CA ALA A 383 -7.99 3.78 -24.18
C ALA A 383 -7.80 3.91 -25.72
N GLU A 384 -6.70 4.53 -26.17
CA GLU A 384 -6.39 4.66 -27.58
C GLU A 384 -5.37 3.63 -27.89
N ILE A 385 -5.77 2.59 -28.61
CA ILE A 385 -4.86 1.52 -29.07
C ILE A 385 -3.65 2.11 -29.78
N ILE A 386 -3.78 3.27 -30.46
CA ILE A 386 -2.60 3.82 -31.20
C ILE A 386 -1.47 4.18 -30.20
N TYR A 387 -1.83 4.47 -28.95
CA TYR A 387 -0.79 4.81 -27.94
C TYR A 387 0.04 3.57 -27.58
N PHE A 388 -0.41 2.37 -27.93
CA PHE A 388 0.29 1.12 -27.58
C PHE A 388 1.12 0.59 -28.76
N GLU A 389 1.09 1.28 -29.89
CA GLU A 389 1.80 0.85 -31.12
C GLU A 389 3.20 1.39 -31.23
N ARG B 1 -18.69 6.85 16.82
CA ARG B 1 -19.29 7.02 18.17
C ARG B 1 -20.63 7.80 18.12
N THR B 2 -20.65 9.05 17.61
CA THR B 2 -21.84 9.95 17.68
C THR B 2 -22.10 10.92 16.45
N PHE B 3 -23.37 11.31 16.24
CA PHE B 3 -23.68 12.33 15.19
C PHE B 3 -23.06 13.66 15.56
N LEU B 4 -22.32 14.26 14.62
CA LEU B 4 -21.68 15.58 14.87
C LEU B 4 -22.72 16.70 15.06
N ASN B 5 -22.59 17.47 16.14
CA ASN B 5 -23.40 18.73 16.32
C ASN B 5 -22.58 19.98 16.02
N LEU B 6 -23.16 20.97 15.36
CA LEU B 6 -22.46 22.22 15.08
C LEU B 6 -22.61 23.29 16.18
N THR B 7 -22.43 22.97 17.47
CA THR B 7 -22.74 23.94 18.54
C THR B 7 -21.67 24.95 18.79
N LYS B 8 -20.43 24.57 18.53
CA LYS B 8 -19.26 25.45 18.75
C LYS B 8 -19.23 26.74 17.91
N PRO B 9 -18.68 27.84 18.46
CA PRO B 9 -18.50 29.06 17.66
C PRO B 9 -17.20 28.94 16.75
N LEU B 10 -17.02 29.89 15.84
CA LEU B 10 -15.78 29.90 15.03
C LEU B 10 -14.61 30.52 15.86
N CYS B 11 -13.43 29.93 15.73
CA CYS B 11 -12.19 30.47 16.33
C CYS B 11 -11.85 31.80 15.80
N GLU B 12 -11.24 32.65 16.64
CA GLU B 12 -10.68 33.89 16.19
C GLU B 12 -9.50 33.62 15.18
N VAL B 13 -9.51 34.34 14.09
CA VAL B 13 -8.40 34.12 13.10
C VAL B 13 -7.66 35.40 12.84
N ASN B 14 -6.34 35.41 13.03
CA ASN B 14 -5.53 36.61 12.73
C ASN B 14 -4.50 36.37 11.62
N SER B 15 -4.17 35.11 11.34
CA SER B 15 -3.27 34.75 10.14
C SER B 15 -3.49 33.28 9.77
N TRP B 16 -2.73 32.76 8.79
CA TRP B 16 -2.98 31.39 8.32
C TRP B 16 -1.71 30.57 8.38
N HIS B 17 -1.81 29.33 8.87
CA HIS B 17 -0.62 28.47 9.00
C HIS B 17 -0.76 27.34 8.00
N ILE B 18 0.38 26.85 7.48
CA ILE B 18 0.35 25.73 6.53
C ILE B 18 -0.16 24.41 7.22
N LEU B 19 -1.12 23.69 6.56
CA LEU B 19 -1.63 22.39 7.03
C LEU B 19 -1.04 21.28 6.21
N SER B 20 -1.13 21.42 4.87
CA SER B 20 -0.64 20.36 3.99
C SER B 20 -0.37 20.88 2.56
N LYS B 21 0.48 20.17 1.86
CA LYS B 21 0.84 20.49 0.46
C LYS B 21 1.25 19.15 -0.19
N ASP B 22 0.67 18.81 -1.35
CA ASP B 22 1.01 17.49 -1.89
C ASP B 22 2.11 17.45 -3.03
N ASN B 23 2.42 18.59 -3.59
CA ASN B 23 3.48 18.66 -4.59
C ASN B 23 3.22 17.61 -5.66
N ALA B 24 1.96 17.43 -6.06
CA ALA B 24 1.57 16.33 -6.91
C ALA B 24 2.21 16.38 -8.37
N ILE B 25 2.46 17.59 -8.90
CA ILE B 25 2.96 17.78 -10.30
C ILE B 25 4.46 17.56 -10.38
N ARG B 26 5.18 18.08 -9.41
CA ARG B 26 6.64 17.81 -9.28
C ARG B 26 6.87 16.27 -9.17
N ILE B 27 6.05 15.61 -8.35
CA ILE B 27 6.23 14.20 -8.13
C ILE B 27 5.71 13.41 -9.27
N GLY B 28 4.63 13.89 -9.87
CA GLY B 28 4.00 13.22 -11.02
C GLY B 28 4.82 13.29 -12.32
N GLU B 29 5.88 14.07 -12.31
CA GLU B 29 6.80 14.14 -13.47
C GLU B 29 7.51 12.78 -13.72
N ASP B 30 7.61 11.96 -12.68
CA ASP B 30 8.38 10.70 -12.70
C ASP B 30 7.50 9.55 -12.14
N ALA B 31 6.80 9.79 -11.02
CA ALA B 31 6.15 8.69 -10.32
C ALA B 31 4.77 8.63 -10.99
N HIS B 32 3.98 7.66 -10.70
CA HIS B 32 2.76 7.45 -11.53
C HIS B 32 1.57 8.14 -10.74
N ILE B 33 1.40 9.44 -10.97
CA ILE B 33 0.43 10.26 -10.29
C ILE B 33 -0.74 10.46 -11.22
N LEU B 34 -1.94 10.26 -10.66
CA LEU B 34 -3.19 10.48 -11.44
C LEU B 34 -3.40 11.95 -11.84
N VAL B 35 -3.85 12.20 -13.10
CA VAL B 35 -4.42 13.52 -13.48
C VAL B 35 -5.69 13.86 -12.76
N THR B 36 -5.79 15.11 -12.25
CA THR B 36 -6.97 15.46 -11.48
C THR B 36 -7.38 16.90 -11.79
N ARG B 37 -8.44 17.35 -11.09
CA ARG B 37 -8.90 18.74 -11.06
C ARG B 37 -10.06 18.77 -10.02
N GLU B 38 -10.47 19.98 -9.59
CA GLU B 38 -11.61 20.13 -8.67
C GLU B 38 -11.29 19.42 -7.31
N PRO B 39 -10.17 19.74 -6.66
CA PRO B 39 -9.81 19.09 -5.39
C PRO B 39 -10.47 19.73 -4.23
N TYR B 40 -10.39 19.03 -3.09
CA TYR B 40 -10.76 19.61 -1.81
C TYR B 40 -10.27 18.73 -0.65
N LEU B 41 -10.62 19.09 0.58
CA LEU B 41 -10.34 18.22 1.71
C LEU B 41 -11.57 18.04 2.58
N SER B 42 -11.63 16.96 3.35
CA SER B 42 -12.74 16.74 4.31
C SER B 42 -12.23 15.86 5.41
N CYS B 43 -12.72 16.08 6.62
CA CYS B 43 -12.22 15.38 7.80
C CYS B 43 -13.29 14.45 8.41
N ASP B 44 -12.84 13.55 9.26
CA ASP B 44 -13.73 12.72 10.08
C ASP B 44 -13.06 12.59 11.45
N PRO B 45 -13.62 11.77 12.39
CA PRO B 45 -13.08 11.70 13.74
C PRO B 45 -11.64 11.24 13.84
N GLN B 46 -11.13 10.53 12.85
CA GLN B 46 -9.74 10.04 12.81
C GLN B 46 -8.67 10.91 12.06
N GLY B 47 -9.09 11.91 11.28
CA GLY B 47 -8.16 12.76 10.52
C GLY B 47 -8.74 13.39 9.24
N CYS B 48 -7.85 13.90 8.35
CA CYS B 48 -8.27 14.63 7.16
C CYS B 48 -7.82 13.91 5.93
N ARG B 49 -8.65 13.96 4.90
CA ARG B 49 -8.26 13.35 3.64
C ARG B 49 -8.38 14.35 2.52
N MET B 50 -7.62 14.14 1.44
CA MET B 50 -7.73 14.94 0.21
C MET B 50 -8.64 14.21 -0.76
N PHE B 51 -9.43 14.96 -1.52
CA PHE B 51 -10.34 14.43 -2.53
C PHE B 51 -10.08 15.16 -3.87
N ALA B 52 -10.60 14.60 -4.95
CA ALA B 52 -10.48 15.24 -6.28
C ALA B 52 -11.11 14.38 -7.34
N LEU B 53 -11.29 14.93 -8.53
CA LEU B 53 -11.90 14.18 -9.61
C LEU B 53 -10.76 13.72 -10.52
N SER B 54 -10.41 12.44 -10.44
CA SER B 54 -9.43 11.91 -11.32
C SER B 54 -9.94 11.99 -12.76
N GLN B 55 -9.00 11.89 -13.74
CA GLN B 55 -9.38 11.82 -15.12
C GLN B 55 -9.12 10.41 -15.67
N GLY B 56 -8.86 9.47 -14.75
CA GLY B 56 -8.64 8.10 -15.14
C GLY B 56 -7.42 7.92 -16.07
N THR B 57 -6.30 8.57 -15.75
CA THR B 57 -5.00 8.44 -16.48
C THR B 57 -3.91 9.03 -15.61
N THR B 58 -2.65 8.60 -15.76
CA THR B 58 -1.51 9.28 -15.13
C THR B 58 -1.05 10.52 -15.88
N LEU B 59 -0.25 11.38 -15.20
CA LEU B 59 0.18 12.64 -15.78
C LEU B 59 1.18 12.42 -16.95
N ARG B 60 2.08 11.46 -16.78
CA ARG B 60 3.06 11.13 -17.79
C ARG B 60 2.48 10.18 -18.88
N GLY B 61 1.31 9.62 -18.63
CA GLY B 61 0.65 8.76 -19.55
C GLY B 61 0.21 9.46 -20.82
N ARG B 62 0.24 8.75 -21.94
CA ARG B 62 -0.24 9.33 -23.21
C ARG B 62 -1.72 9.78 -23.17
N HIS B 63 -2.56 9.12 -22.37
CA HIS B 63 -3.98 9.53 -22.18
C HIS B 63 -4.16 10.84 -21.39
N ALA B 64 -3.07 11.42 -20.88
CA ALA B 64 -3.16 12.73 -20.21
C ALA B 64 -3.50 13.80 -21.24
N ASN B 65 -3.25 13.43 -22.49
CA ASN B 65 -3.55 14.31 -23.58
C ASN B 65 -5.03 14.54 -23.75
N GLY B 66 -5.42 15.81 -23.78
CA GLY B 66 -6.80 16.20 -23.93
C GLY B 66 -7.57 16.28 -22.60
N THR B 67 -6.83 16.28 -21.49
CA THR B 67 -7.48 16.41 -20.13
C THR B 67 -7.90 17.82 -19.72
N ILE B 68 -7.87 18.79 -20.66
CA ILE B 68 -8.62 20.02 -20.39
C ILE B 68 -10.19 19.79 -20.23
N HIS B 69 -10.65 18.70 -20.84
CA HIS B 69 -12.08 18.38 -21.01
C HIS B 69 -12.65 18.10 -19.65
N ASP B 70 -13.71 18.79 -19.32
CA ASP B 70 -14.33 18.60 -18.02
C ASP B 70 -15.07 17.28 -17.79
N ARG B 71 -15.76 16.75 -18.80
CA ARG B 71 -16.69 15.63 -18.51
C ARG B 71 -16.50 14.46 -19.45
N SER B 72 -16.15 13.28 -18.90
CA SER B 72 -16.05 12.05 -19.64
C SER B 72 -16.47 10.88 -18.77
N PRO B 73 -16.62 9.69 -19.37
CA PRO B 73 -16.90 8.48 -18.64
C PRO B 73 -15.72 7.89 -17.91
N PHE B 74 -14.61 8.61 -17.88
CA PHE B 74 -13.44 8.08 -17.21
C PHE B 74 -13.07 8.83 -15.88
N ARG B 75 -13.86 9.83 -15.47
CA ARG B 75 -13.58 10.57 -14.27
C ARG B 75 -14.22 9.85 -13.09
N ALA B 76 -13.67 10.06 -11.90
CA ALA B 76 -14.26 9.54 -10.63
C ALA B 76 -13.77 10.32 -9.39
N LEU B 77 -14.63 10.46 -8.35
CA LEU B 77 -14.14 11.05 -7.12
C LEU B 77 -13.19 10.07 -6.45
N ILE B 78 -12.01 10.54 -6.03
CA ILE B 78 -11.04 9.69 -5.37
C ILE B 78 -10.60 10.45 -4.14
N SER B 79 -10.31 9.69 -3.05
CA SER B 79 -9.82 10.28 -1.78
C SER B 79 -8.53 9.60 -1.36
N TRP B 80 -7.63 10.34 -0.72
CA TRP B 80 -6.41 9.75 -0.22
C TRP B 80 -5.93 10.45 1.08
N GLU B 81 -5.01 9.81 1.79
CA GLU B 81 -4.47 10.34 3.02
C GLU B 81 -3.81 11.74 2.81
N MET B 82 -4.24 12.69 3.65
CA MET B 82 -3.79 14.10 3.46
C MET B 82 -2.27 14.21 3.38
N GLY B 83 -1.79 14.85 2.33
CA GLY B 83 -0.36 15.06 2.19
C GLY B 83 0.33 14.25 1.09
N GLN B 84 -0.10 13.00 0.90
CA GLN B 84 0.37 12.23 -0.19
C GLN B 84 -0.15 12.81 -1.51
N ALA B 85 0.54 12.48 -2.62
CA ALA B 85 0.06 12.81 -3.95
C ALA B 85 -0.83 11.65 -4.42
N PRO B 86 -1.85 11.91 -5.27
CA PRO B 86 -2.75 10.84 -5.75
C PRO B 86 -2.22 9.91 -6.82
N SER B 87 -1.90 8.67 -6.44
CA SER B 87 -1.43 7.68 -7.37
C SER B 87 -2.54 6.61 -7.53
N PRO B 88 -2.38 5.67 -8.48
CA PRO B 88 -3.32 4.54 -8.57
C PRO B 88 -3.14 3.52 -7.43
N TYR B 89 -2.18 3.71 -6.56
CA TYR B 89 -1.87 2.67 -5.58
C TYR B 89 -2.35 3.12 -4.12
N ASN B 90 -2.67 4.40 -3.95
CA ASN B 90 -3.00 4.94 -2.63
C ASN B 90 -4.38 5.61 -2.56
N THR B 91 -5.22 5.45 -3.60
CA THR B 91 -6.48 6.21 -3.66
C THR B 91 -7.71 5.31 -3.57
N ARG B 92 -8.70 5.77 -2.78
CA ARG B 92 -9.98 5.11 -2.73
C ARG B 92 -11.00 5.74 -3.69
N VAL B 93 -11.71 4.92 -4.46
CA VAL B 93 -12.72 5.46 -5.39
C VAL B 93 -14.01 5.62 -4.57
N GLU B 94 -14.46 6.87 -4.40
CA GLU B 94 -15.67 7.20 -3.58
C GLU B 94 -16.95 6.95 -4.41
N CYS B 95 -16.89 7.22 -5.73
CA CYS B 95 -18.06 7.13 -6.63
C CYS B 95 -17.60 7.55 -8.02
N ILE B 96 -18.45 7.33 -9.05
CA ILE B 96 -18.03 7.55 -10.44
C ILE B 96 -18.77 8.81 -11.02
N GLY B 97 -18.03 9.74 -11.59
CA GLY B 97 -18.62 10.91 -12.26
C GLY B 97 -17.73 12.11 -12.36
N TRP B 98 -18.31 13.25 -12.71
CA TRP B 98 -17.49 14.44 -13.12
C TRP B 98 -17.93 15.69 -12.38
N SER B 99 -18.67 15.50 -11.25
CA SER B 99 -18.97 16.59 -10.34
C SER B 99 -19.25 15.93 -8.98
N SER B 100 -18.78 16.50 -7.87
CA SER B 100 -18.97 15.82 -6.57
C SER B 100 -19.04 16.65 -5.32
N THR B 101 -19.42 15.97 -4.24
CA THR B 101 -19.27 16.57 -2.92
C THR B 101 -19.14 15.36 -1.93
N SER B 102 -18.73 15.66 -0.70
CA SER B 102 -18.63 14.60 0.32
C SER B 102 -18.54 15.19 1.69
N CYS B 103 -19.02 14.45 2.69
CA CYS B 103 -18.90 14.88 4.08
C CYS B 103 -19.15 13.70 5.04
N HIS B 104 -18.63 13.81 6.25
CA HIS B 104 -18.81 12.76 7.28
C HIS B 104 -19.73 13.29 8.35
N ASP B 105 -20.71 12.48 8.77
CA ASP B 105 -21.74 13.01 9.74
C ASP B 105 -21.44 12.70 11.21
N GLY B 106 -20.27 12.11 11.44
CA GLY B 106 -19.83 11.72 12.78
C GLY B 106 -19.79 10.21 12.86
N MET B 107 -20.73 9.55 12.19
CA MET B 107 -20.83 8.08 12.09
C MET B 107 -20.19 7.50 10.79
N SER B 108 -20.59 8.05 9.65
CA SER B 108 -20.12 7.57 8.35
C SER B 108 -20.00 8.71 7.34
N ARG B 109 -19.26 8.46 6.23
CA ARG B 109 -19.09 9.41 5.11
C ARG B 109 -20.12 9.25 3.98
N MET B 110 -20.75 10.37 3.61
CA MET B 110 -21.68 10.40 2.51
C MET B 110 -20.82 10.99 1.32
N SER B 111 -20.97 10.41 0.16
CA SER B 111 -20.27 10.96 -1.04
C SER B 111 -21.21 10.93 -2.21
N ILE B 112 -21.15 11.97 -3.08
CA ILE B 112 -22.14 12.13 -4.15
C ILE B 112 -21.40 12.44 -5.44
N CYS B 113 -21.80 11.82 -6.52
CA CYS B 113 -21.12 12.07 -7.88
C CYS B 113 -22.17 12.15 -8.97
N MET B 114 -22.09 13.13 -9.86
CA MET B 114 -23.00 13.16 -10.98
C MET B 114 -22.25 12.59 -12.11
N SER B 115 -22.95 11.89 -13.03
CA SER B 115 -22.35 11.38 -14.27
C SER B 115 -23.43 11.34 -15.35
N GLY B 116 -23.04 11.09 -16.59
CA GLY B 116 -24.01 10.93 -17.65
C GLY B 116 -23.82 12.00 -18.76
N PRO B 117 -24.64 11.97 -19.79
CA PRO B 117 -24.59 12.97 -20.87
C PRO B 117 -25.10 14.33 -20.41
N ASN B 118 -24.78 15.40 -21.15
CA ASN B 118 -25.26 16.73 -20.67
C ASN B 118 -26.79 16.87 -20.47
N ASN B 119 -27.58 16.27 -21.35
CA ASN B 119 -29.03 16.40 -21.24
C ASN B 119 -29.70 15.34 -20.36
N ASN B 120 -28.90 14.50 -19.67
CA ASN B 120 -29.48 13.39 -18.91
C ASN B 120 -28.59 12.86 -17.76
N ALA B 121 -27.89 13.72 -17.09
CA ALA B 121 -26.99 13.29 -16.08
C ALA B 121 -27.83 12.84 -14.86
N SER B 122 -27.21 12.13 -13.92
CA SER B 122 -27.83 11.74 -12.66
C SER B 122 -26.78 11.68 -11.55
N ALA B 123 -27.24 11.79 -10.30
CA ALA B 123 -26.38 11.67 -9.12
C ALA B 123 -26.61 10.32 -8.48
N VAL B 124 -25.55 9.77 -7.87
CA VAL B 124 -25.65 8.55 -7.08
C VAL B 124 -25.15 8.95 -5.71
N VAL B 125 -25.94 8.75 -4.66
CA VAL B 125 -25.54 9.18 -3.31
C VAL B 125 -25.14 7.93 -2.49
N TRP B 126 -23.91 7.96 -1.94
CA TRP B 126 -23.33 6.81 -1.21
C TRP B 126 -23.28 7.13 0.30
N TYR B 127 -23.31 6.12 1.11
CA TYR B 127 -23.14 6.32 2.53
C TYR B 127 -22.41 5.08 3.10
N GLY B 128 -21.33 5.28 3.87
CA GLY B 128 -20.59 4.17 4.45
C GLY B 128 -20.06 3.25 3.36
N GLY B 129 -19.77 3.80 2.16
CA GLY B 129 -19.25 3.02 1.03
C GLY B 129 -20.22 2.17 0.23
N ARG B 130 -21.53 2.33 0.48
CA ARG B 130 -22.59 1.62 -0.29
C ARG B 130 -23.52 2.66 -0.97
N PRO B 131 -24.01 2.36 -2.17
CA PRO B 131 -24.90 3.29 -2.89
C PRO B 131 -26.33 3.24 -2.29
N ILE B 132 -26.91 4.40 -1.98
CA ILE B 132 -28.18 4.45 -1.23
C ILE B 132 -29.30 5.02 -2.08
N THR B 133 -29.00 6.02 -2.91
CA THR B 133 -30.05 6.85 -3.58
C THR B 133 -29.50 7.34 -4.95
N GLU B 134 -30.41 7.47 -5.92
CA GLU B 134 -30.07 8.02 -7.22
C GLU B 134 -31.02 9.21 -7.48
N ILE B 135 -30.53 10.25 -8.18
CA ILE B 135 -31.35 11.44 -8.49
C ILE B 135 -31.22 11.82 -9.96
N PRO B 136 -32.28 11.72 -10.76
CA PRO B 136 -32.12 12.12 -12.15
C PRO B 136 -32.16 13.63 -12.32
N SER B 137 -31.57 14.10 -13.40
CA SER B 137 -31.61 15.52 -13.76
C SER B 137 -33.05 16.07 -13.79
N TRP B 138 -33.26 17.31 -13.34
CA TRP B 138 -34.59 17.90 -13.43
C TRP B 138 -34.69 19.01 -14.45
N ALA B 139 -33.59 19.47 -15.00
CA ALA B 139 -33.68 20.51 -16.00
C ALA B 139 -32.93 20.14 -17.30
N GLY B 140 -32.38 18.92 -17.40
CA GLY B 140 -31.79 18.42 -18.64
C GLY B 140 -30.58 19.19 -19.09
N ASN B 141 -29.85 19.74 -18.12
CA ASN B 141 -28.65 20.56 -18.43
C ASN B 141 -27.52 20.52 -17.44
N ILE B 142 -26.74 19.42 -17.45
CA ILE B 142 -25.54 19.25 -16.59
C ILE B 142 -25.81 19.39 -15.02
N LEU B 143 -26.71 18.56 -14.49
CA LEU B 143 -26.85 18.40 -13.04
C LEU B 143 -25.45 18.34 -12.38
N ARG B 144 -25.20 19.24 -11.43
CA ARG B 144 -23.85 19.42 -10.85
C ARG B 144 -23.96 19.88 -9.42
N THR B 145 -22.87 19.84 -8.67
CA THR B 145 -22.86 20.23 -7.29
C THR B 145 -21.56 20.94 -6.79
N GLN B 146 -21.26 20.88 -5.49
CA GLN B 146 -20.28 21.79 -4.82
C GLN B 146 -18.80 21.78 -5.25
N GLU B 147 -18.23 20.58 -5.51
CA GLU B 147 -16.80 20.42 -5.68
C GLU B 147 -16.02 20.81 -4.40
N SER B 148 -16.66 20.76 -3.20
CA SER B 148 -15.89 20.80 -1.94
C SER B 148 -16.85 20.17 -0.88
N GLU B 149 -16.40 20.12 0.37
CA GLU B 149 -17.13 19.35 1.36
C GLU B 149 -18.51 19.92 1.73
N CYS B 150 -19.45 19.03 2.08
CA CYS B 150 -20.75 19.45 2.61
C CYS B 150 -20.62 19.43 4.17
N VAL B 151 -21.70 19.68 4.91
CA VAL B 151 -21.62 19.83 6.40
C VAL B 151 -22.85 19.23 7.01
N CYS B 152 -22.73 18.60 8.21
CA CYS B 152 -23.82 17.83 8.76
C CYS B 152 -24.03 18.25 10.20
N HIS B 153 -25.26 18.07 10.68
CA HIS B 153 -25.68 18.48 11.99
C HIS B 153 -26.74 17.50 12.42
N LYS B 154 -26.51 16.76 13.54
CA LYS B 154 -27.49 15.82 14.08
C LYS B 154 -27.90 14.80 12.99
N GLY B 155 -26.91 14.45 12.14
CA GLY B 155 -27.20 13.53 11.06
C GLY B 155 -27.82 14.08 9.77
N VAL B 156 -28.12 15.38 9.72
CA VAL B 156 -28.69 15.98 8.52
C VAL B 156 -27.60 16.76 7.75
N CYS B 157 -27.44 16.39 6.51
CA CYS B 157 -26.38 16.96 5.64
C CYS B 157 -26.95 17.63 4.39
N PRO B 158 -27.04 18.97 4.35
CA PRO B 158 -27.58 19.67 3.19
C PRO B 158 -26.57 19.72 2.04
N VAL B 159 -27.08 19.56 0.83
CA VAL B 159 -26.19 19.65 -0.37
C VAL B 159 -26.84 20.58 -1.37
N VAL B 160 -26.09 21.54 -1.93
CA VAL B 160 -26.65 22.46 -2.92
C VAL B 160 -26.28 21.92 -4.31
N MET B 161 -27.26 21.83 -5.20
CA MET B 161 -27.09 21.28 -6.53
C MET B 161 -27.74 22.25 -7.51
N THR B 162 -27.22 22.27 -8.74
CA THR B 162 -27.77 23.11 -9.81
C THR B 162 -27.90 22.32 -11.12
N ASP B 163 -28.94 22.65 -11.89
CA ASP B 163 -29.19 22.04 -13.16
C ASP B 163 -29.75 23.16 -14.01
N GLY B 164 -29.18 23.37 -15.15
CA GLY B 164 -29.60 24.46 -16.00
C GLY B 164 -28.37 25.15 -16.65
N PRO B 165 -28.62 26.19 -17.46
CA PRO B 165 -27.58 26.97 -18.17
C PRO B 165 -26.51 27.51 -17.22
N ALA B 166 -25.28 27.60 -17.73
CA ALA B 166 -24.18 28.13 -16.98
C ALA B 166 -24.20 29.66 -17.07
N ASN B 167 -24.83 30.19 -18.11
CA ASN B 167 -24.78 31.61 -18.48
C ASN B 167 -26.18 32.19 -18.53
N ASN B 168 -27.11 31.65 -17.73
CA ASN B 168 -28.46 32.20 -17.67
C ASN B 168 -29.06 31.70 -16.40
N ARG B 169 -30.27 32.17 -16.07
CA ARG B 169 -31.04 31.62 -14.90
C ARG B 169 -31.09 30.07 -14.86
N ALA B 170 -30.98 29.43 -13.69
CA ALA B 170 -31.04 27.98 -13.60
C ALA B 170 -31.87 27.46 -12.42
N ALA B 171 -31.88 26.14 -12.27
CA ALA B 171 -32.70 25.50 -11.30
C ALA B 171 -31.86 24.92 -10.17
N THR B 172 -31.72 25.65 -9.07
CA THR B 172 -30.92 25.21 -7.93
C THR B 172 -31.87 24.65 -6.88
N LYS B 173 -31.43 23.56 -6.26
CA LYS B 173 -32.12 23.00 -5.07
C LYS B 173 -31.19 22.68 -3.92
N ILE B 174 -31.73 22.71 -2.69
CA ILE B 174 -31.00 22.25 -1.55
C ILE B 174 -31.60 20.91 -1.24
N ILE B 175 -30.79 19.86 -1.19
CA ILE B 175 -31.30 18.57 -0.72
C ILE B 175 -30.70 18.18 0.64
N TYR B 176 -31.58 17.93 1.62
CA TYR B 176 -31.19 17.48 2.97
C TYR B 176 -31.18 15.97 3.11
N PHE B 177 -30.00 15.39 3.36
CA PHE B 177 -29.83 13.94 3.42
C PHE B 177 -29.59 13.48 4.82
N LYS B 178 -30.04 12.27 5.10
CA LYS B 178 -29.71 11.57 6.33
C LYS B 178 -29.44 10.09 6.01
N GLU B 179 -28.21 9.65 6.31
CA GLU B 179 -27.72 8.32 5.97
C GLU B 179 -27.87 8.06 4.51
N GLY B 180 -27.72 9.12 3.69
CA GLY B 180 -27.86 8.97 2.25
C GLY B 180 -29.30 8.97 1.72
N LYS B 181 -30.30 9.13 2.59
CA LYS B 181 -31.69 9.16 2.11
C LYS B 181 -32.27 10.62 2.09
N ILE B 182 -33.01 10.98 1.02
CA ILE B 182 -33.54 12.37 0.92
C ILE B 182 -34.56 12.58 2.12
N GLN B 183 -34.35 13.62 2.93
CA GLN B 183 -35.30 14.00 4.04
C GLN B 183 -36.27 15.11 3.55
N LYS B 184 -35.74 16.02 2.74
CA LYS B 184 -36.50 17.15 2.26
C LYS B 184 -35.77 17.70 1.03
N ILE B 185 -36.53 18.28 0.10
CA ILE B 185 -35.98 18.97 -1.02
C ILE B 185 -36.57 20.39 -1.12
N GLU B 186 -35.74 21.44 -1.13
CA GLU B 186 -36.22 22.84 -1.37
C GLU B 186 -35.72 23.44 -2.66
N GLU B 187 -36.57 24.26 -3.29
CA GLU B 187 -36.13 25.12 -4.40
C GLU B 187 -35.39 26.33 -3.87
N LEU B 188 -34.37 26.80 -4.60
CA LEU B 188 -33.59 27.93 -4.10
C LEU B 188 -34.58 29.11 -3.98
N ALA B 189 -34.49 29.85 -2.86
CA ALA B 189 -35.29 31.15 -2.65
C ALA B 189 -34.34 32.30 -2.23
N GLY B 190 -34.75 33.57 -2.40
CA GLY B 190 -33.96 34.73 -1.98
C GLY B 190 -33.45 35.49 -3.19
N ASN B 191 -32.41 36.30 -2.98
CA ASN B 191 -31.94 37.29 -3.97
C ASN B 191 -30.73 36.85 -4.75
N ALA B 192 -30.12 35.71 -4.41
CA ALA B 192 -29.02 35.20 -5.23
C ALA B 192 -29.59 34.81 -6.58
N GLN B 193 -29.03 35.27 -7.71
CA GLN B 193 -29.66 35.07 -8.99
C GLN B 193 -29.11 33.86 -9.80
N HIS B 194 -27.96 33.30 -9.37
CA HIS B 194 -27.36 32.13 -10.06
C HIS B 194 -26.39 31.50 -9.09
N ILE B 195 -26.46 30.17 -8.91
CA ILE B 195 -25.68 29.46 -7.88
C ILE B 195 -24.89 28.26 -8.44
N GLU B 196 -23.59 28.24 -8.13
CA GLU B 196 -22.67 27.14 -8.51
C GLU B 196 -21.62 26.85 -7.46
N GLU B 197 -21.16 25.60 -7.40
CA GLU B 197 -19.91 25.23 -6.72
C GLU B 197 -19.79 25.85 -5.30
N CYS B 198 -20.84 25.68 -4.51
CA CYS B 198 -20.90 26.22 -3.13
C CYS B 198 -19.77 25.72 -2.19
N SER B 199 -19.03 26.64 -1.54
CA SER B 199 -18.04 26.29 -0.52
C SER B 199 -18.68 26.51 0.88
N CYS B 200 -18.88 25.44 1.66
CA CYS B 200 -19.72 25.55 2.88
C CYS B 200 -18.98 25.21 4.18
N TYR B 201 -19.42 25.80 5.31
CA TYR B 201 -18.93 25.45 6.64
C TYR B 201 -20.05 25.77 7.69
N GLY B 202 -19.90 25.19 8.87
CA GLY B 202 -20.89 25.39 9.91
C GLY B 202 -20.29 25.95 11.22
N ALA B 203 -21.16 26.56 12.06
CA ALA B 203 -20.76 27.07 13.36
C ALA B 203 -21.98 27.59 14.07
N GLY B 204 -22.03 27.37 15.38
CA GLY B 204 -23.19 27.78 16.15
C GLY B 204 -24.55 27.43 15.55
N GLY B 205 -24.70 26.21 15.09
CA GLY B 205 -25.95 25.72 14.48
C GLY B 205 -26.28 26.27 13.08
N VAL B 206 -25.43 27.12 12.53
CA VAL B 206 -25.78 27.67 11.23
C VAL B 206 -24.78 27.22 10.20
N ILE B 207 -25.25 26.87 9.01
CA ILE B 207 -24.39 26.57 7.86
C ILE B 207 -24.43 27.70 6.80
N LYS B 208 -23.29 28.27 6.45
CA LYS B 208 -23.24 29.28 5.42
C LYS B 208 -22.48 28.74 4.21
N CYS B 209 -23.03 29.00 3.02
CA CYS B 209 -22.45 28.56 1.72
C CYS B 209 -22.11 29.76 0.87
N ILE B 210 -20.84 29.86 0.45
CA ILE B 210 -20.40 31.00 -0.31
C ILE B 210 -20.18 30.43 -1.68
N CYS B 211 -20.84 30.99 -2.68
CA CYS B 211 -20.88 30.31 -3.98
C CYS B 211 -20.34 31.14 -5.17
N ARG B 212 -20.56 30.64 -6.38
CA ARG B 212 -20.13 31.26 -7.68
C ARG B 212 -21.39 31.61 -8.48
N ASP B 213 -21.61 32.90 -8.71
CA ASP B 213 -22.68 33.38 -9.62
C ASP B 213 -21.95 33.46 -10.96
N ASN B 214 -22.25 32.52 -11.84
CA ASN B 214 -21.58 32.44 -13.09
C ASN B 214 -22.33 33.23 -14.19
N TRP B 215 -23.47 33.79 -13.79
CA TRP B 215 -24.31 34.50 -14.71
C TRP B 215 -23.99 36.00 -14.75
N LYS B 216 -24.10 36.63 -13.59
CA LYS B 216 -23.92 38.08 -13.45
C LYS B 216 -22.82 38.59 -12.46
N GLY B 217 -22.99 38.28 -11.13
CA GLY B 217 -22.19 38.85 -10.05
C GLY B 217 -20.72 38.50 -9.88
N ALA B 218 -19.83 39.52 -9.82
CA ALA B 218 -18.45 39.35 -9.43
C ALA B 218 -18.37 39.46 -7.91
N ASN B 219 -19.51 39.80 -7.29
CA ASN B 219 -19.67 39.50 -5.85
C ASN B 219 -20.25 38.07 -5.70
N ARG B 220 -20.03 37.40 -4.57
CA ARG B 220 -20.35 35.98 -4.48
C ARG B 220 -21.62 35.86 -3.64
N PRO B 221 -22.54 35.03 -4.08
CA PRO B 221 -23.77 34.74 -3.34
C PRO B 221 -23.52 34.04 -2.02
N VAL B 222 -24.41 34.19 -1.05
CA VAL B 222 -24.27 33.57 0.25
C VAL B 222 -25.63 32.89 0.57
N ILE B 223 -25.63 31.58 0.75
CA ILE B 223 -26.83 30.90 1.22
C ILE B 223 -26.69 30.58 2.70
N THR B 224 -27.71 30.89 3.51
CA THR B 224 -27.68 30.56 4.93
C THR B 224 -28.67 29.43 5.26
N ILE B 225 -28.16 28.31 5.81
CA ILE B 225 -28.97 27.12 5.97
C ILE B 225 -29.17 26.76 7.45
N ASP B 226 -30.42 26.50 7.81
CA ASP B 226 -30.71 26.03 9.18
C ASP B 226 -30.96 24.50 9.14
N PRO B 227 -29.95 23.69 9.48
CA PRO B 227 -30.05 22.23 9.29
C PRO B 227 -31.06 21.52 10.19
N GLU B 228 -31.55 22.17 11.23
CA GLU B 228 -32.63 21.58 12.07
C GLU B 228 -34.02 21.84 11.48
N MET B 229 -34.32 23.06 11.09
CA MET B 229 -35.56 23.36 10.37
C MET B 229 -35.56 22.91 8.92
N MET B 230 -34.35 22.81 8.35
CA MET B 230 -34.17 22.50 6.91
C MET B 230 -34.80 23.54 5.99
N THR B 231 -34.40 24.80 6.21
CA THR B 231 -34.88 25.98 5.50
C THR B 231 -33.67 26.84 5.32
N HIS B 232 -33.76 27.79 4.38
CA HIS B 232 -32.63 28.66 4.02
C HIS B 232 -33.05 30.08 3.54
N THR B 233 -32.08 31.00 3.43
CA THR B 233 -32.33 32.25 2.77
C THR B 233 -31.09 32.48 1.90
N SER B 234 -31.17 33.39 0.94
CA SER B 234 -29.99 33.71 0.11
C SER B 234 -29.86 35.22 -0.25
N LYS B 235 -28.63 35.64 -0.54
CA LYS B 235 -28.38 37.02 -0.92
C LYS B 235 -26.94 37.08 -1.44
N TYR B 236 -26.35 38.26 -1.43
CA TYR B 236 -24.90 38.40 -1.87
C TYR B 236 -24.02 38.83 -0.70
N LEU B 237 -22.69 38.66 -0.84
CA LEU B 237 -21.73 39.27 0.11
C LEU B 237 -21.89 40.78 -0.02
N CYS B 238 -22.08 41.49 1.12
CA CYS B 238 -22.26 42.97 1.09
C CYS B 238 -21.01 43.79 0.60
N SER B 239 -19.81 43.31 0.92
CA SER B 239 -18.58 44.06 0.75
C SER B 239 -18.29 44.54 -0.64
N LYS B 240 -17.67 45.71 -0.72
CA LYS B 240 -17.22 46.29 -2.01
C LYS B 240 -16.01 45.51 -2.51
N VAL B 241 -15.45 44.66 -1.62
CA VAL B 241 -14.29 43.78 -2.07
C VAL B 241 -14.80 42.58 -2.92
N LEU B 242 -14.75 42.66 -4.22
CA LEU B 242 -15.29 41.62 -5.09
C LEU B 242 -14.32 40.45 -5.06
N THR B 243 -14.80 39.21 -5.05
CA THR B 243 -13.89 38.05 -4.87
C THR B 243 -14.08 36.90 -5.85
N ASP B 244 -14.80 37.13 -6.95
CA ASP B 244 -14.91 36.17 -7.99
C ASP B 244 -13.85 36.53 -9.12
N THR B 245 -13.65 35.59 -10.02
CA THR B 245 -12.65 35.84 -10.96
C THR B 245 -13.17 35.93 -12.34
N SER B 246 -12.63 37.04 -12.85
CA SER B 246 -12.94 37.89 -13.93
C SER B 246 -13.95 38.75 -13.13
N ARG B 247 -13.39 39.84 -12.59
CA ARG B 247 -14.16 40.87 -11.88
C ARG B 247 -13.66 42.25 -12.37
N PRO B 248 -14.45 43.30 -12.17
CA PRO B 248 -13.97 44.66 -12.48
C PRO B 248 -13.22 45.17 -11.24
N ASN B 249 -12.78 46.42 -11.21
CA ASN B 249 -12.21 47.00 -10.00
C ASN B 249 -13.28 47.07 -8.89
N ASP B 250 -12.83 47.00 -7.65
CA ASP B 250 -13.79 47.06 -6.52
C ASP B 250 -14.50 48.41 -6.53
N PRO B 251 -15.85 48.46 -6.59
CA PRO B 251 -16.56 49.76 -6.54
C PRO B 251 -16.38 50.47 -5.20
N THR B 252 -16.99 51.66 -5.07
CA THR B 252 -17.10 52.41 -3.81
C THR B 252 -17.96 51.70 -2.82
N ASN B 253 -19.04 51.02 -3.27
CA ASN B 253 -19.95 50.24 -2.39
C ASN B 253 -20.26 48.89 -2.99
N GLY B 254 -20.48 47.89 -2.14
CA GLY B 254 -20.92 46.58 -2.63
C GLY B 254 -22.45 46.61 -2.73
N ASN B 255 -23.07 45.45 -2.92
CA ASN B 255 -24.54 45.32 -2.83
C ASN B 255 -24.93 44.01 -2.20
N CYS B 256 -25.64 44.07 -1.08
CA CYS B 256 -26.08 42.89 -0.35
C CYS B 256 -27.13 42.08 -1.18
N ASP B 257 -27.87 42.74 -2.06
CA ASP B 257 -29.07 42.13 -2.61
C ASP B 257 -29.11 42.01 -4.16
N ALA B 258 -28.03 42.33 -4.83
CA ALA B 258 -28.02 42.19 -6.29
C ALA B 258 -26.58 42.06 -6.80
N PRO B 259 -26.40 41.31 -7.87
CA PRO B 259 -25.03 41.13 -8.40
C PRO B 259 -24.36 42.43 -8.78
N ILE B 260 -23.06 42.56 -8.49
CA ILE B 260 -22.25 43.65 -9.02
C ILE B 260 -21.61 43.05 -10.25
N THR B 261 -21.79 43.63 -11.46
CA THR B 261 -21.38 42.94 -12.68
C THR B 261 -20.12 43.54 -13.32
N GLY B 262 -19.64 42.86 -14.35
CA GLY B 262 -18.45 43.33 -15.06
C GLY B 262 -17.32 42.34 -15.02
N GLY B 263 -16.21 42.71 -15.64
CA GLY B 263 -14.99 41.91 -15.66
C GLY B 263 -14.83 41.14 -16.96
N SER B 264 -13.62 40.66 -17.21
CA SER B 264 -13.28 40.03 -18.49
C SER B 264 -11.99 39.24 -18.32
N PRO B 265 -11.89 38.06 -18.97
CA PRO B 265 -12.94 37.49 -19.83
C PRO B 265 -13.80 36.34 -19.31
N ASP B 266 -13.54 35.82 -18.13
CA ASP B 266 -14.27 34.65 -17.62
C ASP B 266 -15.39 34.95 -16.65
N PRO B 267 -16.47 34.17 -16.68
CA PRO B 267 -17.63 34.47 -15.85
C PRO B 267 -17.52 33.99 -14.40
N GLY B 268 -16.52 33.17 -14.01
CA GLY B 268 -16.47 32.75 -12.62
C GLY B 268 -15.41 31.73 -12.27
N VAL B 269 -15.33 31.45 -10.93
CA VAL B 269 -14.42 30.47 -10.38
C VAL B 269 -14.92 30.12 -9.00
N LYS B 270 -14.73 28.86 -8.60
CA LYS B 270 -15.18 28.44 -7.21
C LYS B 270 -14.35 29.19 -6.22
N GLY B 271 -15.00 29.64 -5.11
CA GLY B 271 -14.31 30.33 -4.06
C GLY B 271 -14.97 30.15 -2.72
N PHE B 272 -14.57 30.95 -1.75
CA PHE B 272 -15.10 30.78 -0.35
C PHE B 272 -14.94 32.02 0.52
N ALA B 273 -15.51 31.99 1.76
CA ALA B 273 -15.24 33.02 2.71
C ALA B 273 -15.71 32.53 4.10
N PHE B 274 -15.08 33.04 5.15
CA PHE B 274 -15.54 32.81 6.54
C PHE B 274 -16.09 34.12 7.00
N LEU B 275 -17.36 34.08 7.46
CA LEU B 275 -18.13 35.30 7.80
C LEU B 275 -18.59 35.25 9.25
N ASP B 276 -17.98 36.09 10.09
CA ASP B 276 -18.24 36.06 11.57
C ASP B 276 -18.00 37.44 12.16
N GLY B 277 -18.76 38.44 11.65
CA GLY B 277 -18.70 39.79 12.19
C GLY B 277 -17.31 40.35 11.93
N GLU B 278 -16.71 40.85 13.00
CA GLU B 278 -15.34 41.39 12.95
C GLU B 278 -14.32 40.33 12.37
N ASN B 279 -14.53 39.08 12.81
CA ASN B 279 -13.67 37.95 12.48
C ASN B 279 -14.02 37.37 11.07
N SER B 280 -13.92 38.21 10.02
CA SER B 280 -14.34 37.84 8.67
C SER B 280 -13.16 37.86 7.68
N TRP B 281 -13.02 36.79 6.92
CA TRP B 281 -11.92 36.68 5.92
C TRP B 281 -12.45 36.29 4.57
N LEU B 282 -11.93 36.89 3.50
CA LEU B 282 -12.36 36.61 2.16
C LEU B 282 -11.11 36.21 1.39
N GLY B 283 -11.17 35.13 0.59
CA GLY B 283 -10.08 34.79 -0.36
C GLY B 283 -10.42 35.15 -1.76
N ARG B 284 -9.37 35.40 -2.60
CA ARG B 284 -9.62 35.62 -3.97
C ARG B 284 -8.33 35.51 -4.79
N THR B 285 -8.45 35.31 -6.11
CA THR B 285 -7.21 35.35 -6.91
C THR B 285 -6.66 36.78 -6.83
N ILE B 286 -5.34 36.94 -7.06
CA ILE B 286 -4.76 38.28 -7.03
C ILE B 286 -5.11 39.04 -8.31
N SER B 287 -4.88 38.43 -9.44
CA SER B 287 -5.31 39.01 -10.73
C SER B 287 -6.84 39.09 -10.79
N LYS B 288 -7.36 40.20 -11.29
CA LYS B 288 -8.80 40.33 -11.50
C LYS B 288 -9.30 39.66 -12.82
N ASP B 289 -8.35 39.34 -13.72
CA ASP B 289 -8.72 38.73 -14.97
C ASP B 289 -8.57 37.23 -14.98
N SER B 290 -7.49 36.67 -14.44
CA SER B 290 -7.26 35.22 -14.62
C SER B 290 -6.99 34.54 -13.31
N ARG B 291 -6.94 33.21 -13.33
CA ARG B 291 -6.73 32.40 -12.14
C ARG B 291 -5.25 32.37 -11.71
N SER B 292 -4.72 33.54 -11.36
CA SER B 292 -3.32 33.71 -11.02
C SER B 292 -3.19 34.37 -9.62
N GLY B 293 -2.25 33.82 -8.81
CA GLY B 293 -2.05 34.26 -7.43
C GLY B 293 -3.24 33.98 -6.52
N TYR B 294 -3.06 34.22 -5.22
CA TYR B 294 -4.14 34.03 -4.25
C TYR B 294 -3.82 34.80 -2.99
N GLU B 295 -4.81 35.52 -2.45
CA GLU B 295 -4.66 36.33 -1.24
C GLU B 295 -5.83 36.09 -0.32
N MET B 296 -5.57 36.20 0.97
CA MET B 296 -6.62 36.18 2.00
C MET B 296 -6.73 37.61 2.54
N LEU B 297 -7.96 38.13 2.63
CA LEU B 297 -8.12 39.52 3.07
C LEU B 297 -9.05 39.53 4.26
N LYS B 298 -8.64 40.19 5.36
CA LYS B 298 -9.53 40.24 6.53
C LYS B 298 -10.43 41.44 6.40
N VAL B 299 -11.74 41.23 6.31
CA VAL B 299 -12.67 42.33 5.99
C VAL B 299 -13.80 42.36 7.00
N PRO B 300 -13.63 43.06 8.09
CA PRO B 300 -14.66 43.10 9.12
C PRO B 300 -16.05 43.42 8.57
N ASN B 301 -17.05 42.63 9.02
CA ASN B 301 -18.44 42.83 8.67
C ASN B 301 -18.75 42.69 7.18
N ALA B 302 -17.87 41.99 6.42
CA ALA B 302 -18.12 41.75 5.01
C ALA B 302 -19.52 41.26 4.69
N GLU B 303 -20.12 40.45 5.56
CA GLU B 303 -21.44 39.87 5.20
C GLU B 303 -22.54 40.94 5.35
N THR B 304 -22.26 42.08 5.98
CA THR B 304 -23.36 43.04 6.24
C THR B 304 -23.15 44.52 5.96
N ASP B 305 -21.93 44.92 5.70
CA ASP B 305 -21.62 46.32 5.48
C ASP B 305 -21.05 46.51 4.04
N ILE B 306 -21.79 47.24 3.22
CA ILE B 306 -21.43 47.50 1.85
C ILE B 306 -20.16 48.36 1.69
N GLN B 307 -19.74 48.98 2.80
CA GLN B 307 -18.51 49.80 2.74
C GLN B 307 -17.26 49.05 3.29
N SER B 308 -17.43 47.86 3.84
CA SER B 308 -16.30 47.08 4.39
C SER B 308 -15.11 46.89 3.41
N GLY B 309 -13.90 47.27 3.85
CA GLY B 309 -12.64 47.00 3.14
C GLY B 309 -11.64 46.17 4.00
N PRO B 310 -10.49 45.81 3.42
CA PRO B 310 -9.49 45.01 4.11
C PRO B 310 -8.64 45.80 5.14
N ILE B 311 -8.38 45.21 6.30
CA ILE B 311 -7.57 45.80 7.34
C ILE B 311 -6.30 44.97 7.48
N SER B 312 -6.31 43.74 6.98
CA SER B 312 -5.03 42.99 6.85
C SER B 312 -5.06 41.99 5.65
N ASN B 313 -3.88 41.55 5.25
CA ASN B 313 -3.82 40.63 4.10
C ASN B 313 -2.67 39.58 4.25
N GLN B 314 -2.83 38.42 3.60
CA GLN B 314 -1.78 37.39 3.48
C GLN B 314 -1.67 36.80 2.07
N VAL B 315 -0.50 36.95 1.45
CA VAL B 315 -0.35 36.29 0.17
C VAL B 315 -0.20 34.76 0.34
N ILE B 316 -1.09 33.97 -0.26
CA ILE B 316 -0.97 32.54 -0.18
C ILE B 316 -0.19 31.95 -1.34
N VAL B 317 -0.41 32.52 -2.54
CA VAL B 317 0.32 32.12 -3.74
C VAL B 317 0.69 33.40 -4.50
N ASN B 318 1.97 33.60 -4.88
CA ASN B 318 2.29 34.91 -5.49
C ASN B 318 1.69 35.05 -6.88
N ASN B 319 1.61 36.31 -7.37
CA ASN B 319 0.95 36.56 -8.63
C ASN B 319 1.76 36.10 -9.85
N GLN B 320 2.96 35.54 -9.64
CA GLN B 320 3.70 35.02 -10.78
C GLN B 320 3.36 33.56 -10.93
N ASN B 321 2.41 33.07 -10.16
CA ASN B 321 2.09 31.63 -10.26
C ASN B 321 0.59 31.39 -10.40
N TRP B 322 0.22 30.24 -10.98
CA TRP B 322 -1.16 29.89 -11.28
C TRP B 322 -1.92 29.35 -10.02
N SER B 323 -3.19 29.72 -9.91
CA SER B 323 -4.03 29.21 -8.77
C SER B 323 -5.18 28.44 -9.42
N GLY B 324 -6.44 28.68 -9.01
CA GLY B 324 -7.56 27.87 -9.47
C GLY B 324 -8.74 27.91 -8.42
N TYR B 325 -9.50 26.82 -8.28
CA TYR B 325 -10.62 26.75 -7.30
C TYR B 325 -10.12 26.83 -5.85
N SER B 326 -11.01 27.25 -4.93
CA SER B 326 -10.64 27.39 -3.57
C SER B 326 -11.93 27.11 -2.79
N GLY B 327 -11.82 26.49 -1.60
CA GLY B 327 -13.04 26.01 -0.93
C GLY B 327 -12.76 25.84 0.51
N ALA B 328 -13.80 25.81 1.31
CA ALA B 328 -13.62 25.74 2.73
C ALA B 328 -13.76 24.33 3.29
N PHE B 329 -13.14 24.09 4.44
CA PHE B 329 -13.34 22.83 5.20
C PHE B 329 -12.98 23.11 6.63
N ILE B 330 -13.47 22.29 7.55
CA ILE B 330 -13.09 22.41 9.00
C ILE B 330 -12.91 21.03 9.61
N ASP B 331 -11.91 20.89 10.47
CA ASP B 331 -11.72 19.65 11.16
C ASP B 331 -12.65 19.80 12.41
N TYR B 332 -13.94 19.51 12.22
CA TYR B 332 -14.99 19.57 13.31
C TYR B 332 -14.72 18.66 14.53
N TRP B 333 -13.77 17.70 14.41
CA TRP B 333 -13.47 16.80 15.51
C TRP B 333 -12.19 17.14 16.27
N ALA B 334 -11.71 18.39 16.16
CA ALA B 334 -10.48 18.80 16.82
C ALA B 334 -10.78 18.87 18.29
N ASN B 335 -9.75 18.77 19.11
CA ASN B 335 -9.95 18.80 20.55
C ASN B 335 -9.74 20.24 20.93
N LYS B 336 -10.71 21.07 20.58
CA LYS B 336 -10.64 22.54 20.74
C LYS B 336 -12.03 23.01 21.08
N GLU B 337 -12.18 24.19 21.68
CA GLU B 337 -13.56 24.59 22.03
C GLU B 337 -14.23 25.47 21.02
N CYS B 338 -13.53 25.77 19.91
CA CYS B 338 -14.10 26.53 18.81
C CYS B 338 -13.76 25.75 17.48
N PHE B 339 -14.54 25.96 16.40
CA PHE B 339 -14.30 25.34 15.07
C PHE B 339 -13.30 26.20 14.28
N ASN B 340 -12.16 25.64 13.86
CA ASN B 340 -11.09 26.48 13.28
C ASN B 340 -11.08 26.48 11.68
N PRO B 341 -11.34 27.63 11.07
CA PRO B 341 -11.45 27.73 9.57
C PRO B 341 -10.20 27.14 8.93
N CYS B 342 -10.42 26.35 7.88
CA CYS B 342 -9.31 25.95 6.95
C CYS B 342 -9.76 26.12 5.51
N PHE B 343 -8.81 26.05 4.59
CA PHE B 343 -9.18 26.22 3.21
C PHE B 343 -8.04 25.63 2.37
N TYR B 344 -8.35 25.32 1.12
CA TYR B 344 -7.31 24.88 0.20
C TYR B 344 -7.33 25.70 -1.08
N VAL B 345 -6.27 25.60 -1.87
CA VAL B 345 -6.28 26.28 -3.15
C VAL B 345 -5.70 25.20 -4.18
N GLU B 346 -6.41 25.08 -5.29
CA GLU B 346 -6.11 24.18 -6.35
C GLU B 346 -5.11 24.94 -7.21
N LEU B 347 -3.92 24.34 -7.36
CA LEU B 347 -2.86 24.90 -8.22
C LEU B 347 -2.92 24.27 -9.57
N ILE B 348 -3.64 24.91 -10.51
CA ILE B 348 -3.80 24.34 -11.87
C ILE B 348 -2.51 24.53 -12.74
N ARG B 349 -1.98 23.43 -13.29
CA ARG B 349 -0.89 23.49 -14.26
C ARG B 349 -1.37 22.96 -15.62
N GLY B 350 -0.67 23.37 -16.68
CA GLY B 350 -1.14 22.92 -17.96
C GLY B 350 -2.14 23.86 -18.67
N ARG B 351 -2.96 23.27 -19.54
CA ARG B 351 -3.83 24.05 -20.40
C ARG B 351 -4.97 24.69 -19.61
N PRO B 352 -5.49 25.84 -20.10
CA PRO B 352 -5.02 26.48 -21.33
C PRO B 352 -3.91 27.53 -21.13
N LYS B 353 -3.60 27.92 -19.89
CA LYS B 353 -2.59 28.97 -19.69
C LYS B 353 -1.19 28.50 -20.02
N GLU B 354 -0.92 27.19 -19.98
CA GLU B 354 0.41 26.65 -20.29
C GLU B 354 0.25 25.64 -21.43
N SER B 355 0.24 26.11 -22.67
CA SER B 355 -0.11 25.27 -23.80
C SER B 355 1.05 24.53 -24.46
N SER B 356 2.24 24.62 -23.88
CA SER B 356 3.38 23.81 -24.38
C SER B 356 3.27 22.30 -23.97
N VAL B 357 2.25 21.97 -23.14
CA VAL B 357 1.91 20.59 -22.78
C VAL B 357 0.46 20.23 -23.27
N LEU B 358 0.14 18.94 -23.28
CA LEU B 358 -1.15 18.50 -23.84
C LEU B 358 -2.19 18.26 -22.74
N TRP B 359 -1.76 18.35 -21.50
CA TRP B 359 -2.66 18.01 -20.36
C TRP B 359 -3.09 19.21 -19.54
N THR B 360 -4.08 18.97 -18.63
CA THR B 360 -4.38 19.90 -17.63
C THR B 360 -4.52 19.07 -16.29
N SER B 361 -3.85 19.50 -15.22
CA SER B 361 -3.96 18.85 -13.93
C SER B 361 -3.71 19.90 -12.84
N ASN B 362 -3.57 19.46 -11.58
CA ASN B 362 -3.32 20.40 -10.50
C ASN B 362 -2.57 19.76 -9.36
N SER B 363 -2.16 20.55 -8.34
CA SER B 363 -1.64 20.05 -7.06
C SER B 363 -2.45 20.77 -6.01
N ILE B 364 -2.22 20.44 -4.74
CA ILE B 364 -3.03 21.06 -3.66
C ILE B 364 -2.12 21.74 -2.60
N VAL B 365 -2.60 22.88 -2.04
CA VAL B 365 -2.02 23.41 -0.81
C VAL B 365 -3.20 23.77 0.11
N ALA B 366 -3.01 23.57 1.41
CA ALA B 366 -4.10 23.80 2.36
C ALA B 366 -3.50 24.51 3.56
N LEU B 367 -4.34 25.42 4.19
CA LEU B 367 -3.93 26.21 5.37
C LEU B 367 -5.11 26.30 6.38
N CYS B 368 -4.78 26.66 7.61
CA CYS B 368 -5.77 26.76 8.69
C CYS B 368 -5.48 28.02 9.49
N GLY B 369 -6.50 28.60 10.10
CA GLY B 369 -6.34 29.83 10.87
C GLY B 369 -5.43 29.72 12.12
N SER B 370 -4.84 30.85 12.50
CA SER B 370 -4.09 30.97 13.76
C SER B 370 -4.49 32.28 14.49
N LYS B 371 -4.48 32.26 15.82
CA LYS B 371 -4.72 33.46 16.56
C LYS B 371 -3.49 34.40 16.60
N LYS B 372 -2.31 33.84 16.35
CA LYS B 372 -1.04 34.54 16.34
C LYS B 372 -0.82 35.31 15.02
N ARG B 373 0.22 36.14 14.97
CA ARG B 373 0.59 36.77 13.72
C ARG B 373 1.78 36.05 13.05
N LEU B 374 1.51 35.14 12.13
CA LEU B 374 2.58 34.27 11.64
C LEU B 374 3.10 34.94 10.38
N GLY B 375 4.39 34.79 10.10
CA GLY B 375 4.95 35.22 8.80
C GLY B 375 4.43 34.35 7.67
N SER B 376 4.71 34.70 6.41
CA SER B 376 4.24 33.85 5.35
C SER B 376 5.18 33.85 4.13
N TRP B 377 4.99 32.86 3.24
CA TRP B 377 5.53 32.93 1.90
C TRP B 377 4.55 32.30 0.93
N SER B 378 4.93 32.34 -0.36
CA SER B 378 4.12 31.79 -1.41
C SER B 378 4.24 30.29 -1.48
N TRP B 379 3.09 29.62 -1.64
CA TRP B 379 3.04 28.16 -1.69
C TRP B 379 2.63 27.67 -3.06
N HIS B 380 3.33 28.13 -4.10
CA HIS B 380 2.97 27.79 -5.46
C HIS B 380 3.24 26.33 -5.72
N ASP B 381 2.74 25.85 -6.87
CA ASP B 381 2.93 24.44 -7.30
C ASP B 381 4.37 23.91 -7.31
N GLY B 382 5.32 24.67 -7.87
CA GLY B 382 6.72 24.27 -7.84
C GLY B 382 7.29 23.44 -8.99
N ALA B 383 6.48 23.05 -9.95
CA ALA B 383 6.95 22.20 -11.02
C ALA B 383 7.50 23.08 -12.18
N GLU B 384 8.45 22.55 -12.92
CA GLU B 384 9.04 23.27 -14.04
C GLU B 384 8.49 22.74 -15.38
N ILE B 385 7.70 23.57 -16.08
CA ILE B 385 6.93 23.06 -17.22
C ILE B 385 7.86 22.63 -18.37
N ILE B 386 9.08 23.17 -18.40
CA ILE B 386 9.99 22.81 -19.44
C ILE B 386 10.39 21.33 -19.33
N TYR B 387 10.35 20.80 -18.12
CA TYR B 387 10.69 19.39 -17.87
C TYR B 387 9.71 18.43 -18.57
N PHE B 388 8.46 18.86 -18.73
CA PHE B 388 7.38 18.09 -19.40
C PHE B 388 7.31 18.33 -20.94
N GLU B 389 8.10 19.26 -21.41
CA GLU B 389 8.31 19.38 -22.85
C GLU B 389 9.32 18.33 -23.31
N ARG C 1 -5.48 -16.18 21.60
CA ARG C 1 -4.02 -16.49 21.22
C ARG C 1 -3.29 -17.23 22.36
N THR C 2 -2.69 -18.39 22.04
CA THR C 2 -1.83 -19.18 22.97
C THR C 2 -0.62 -19.73 22.21
N PHE C 3 0.31 -20.31 22.97
CA PHE C 3 1.43 -21.01 22.34
C PHE C 3 0.96 -22.26 21.53
N LEU C 4 1.55 -22.43 20.37
CA LEU C 4 1.35 -23.55 19.50
C LEU C 4 1.99 -24.75 20.16
N ASN C 5 1.23 -25.85 20.22
CA ASN C 5 1.72 -27.17 20.67
C ASN C 5 1.66 -28.17 19.50
N LEU C 6 2.72 -28.96 19.29
CA LEU C 6 2.77 -29.89 18.18
C LEU C 6 2.06 -31.20 18.60
N THR C 7 0.79 -31.08 18.99
CA THR C 7 -0.03 -32.19 19.48
C THR C 7 -0.60 -33.11 18.37
N LYS C 8 -0.57 -32.70 17.12
CA LYS C 8 -1.22 -33.45 16.03
C LYS C 8 -0.22 -34.26 15.18
N PRO C 9 -0.70 -35.35 14.54
CA PRO C 9 0.10 -36.10 13.54
C PRO C 9 0.15 -35.45 12.12
N LEU C 10 1.04 -35.96 11.27
CA LEU C 10 1.04 -35.54 9.82
C LEU C 10 -0.17 -36.11 9.09
N CYS C 11 -0.80 -35.29 8.24
CA CYS C 11 -1.86 -35.80 7.36
C CYS C 11 -1.29 -36.79 6.37
N GLU C 12 -2.11 -37.74 5.91
CA GLU C 12 -1.71 -38.65 4.87
C GLU C 12 -1.58 -37.85 3.56
N VAL C 13 -0.55 -38.11 2.80
CA VAL C 13 -0.38 -37.38 1.56
C VAL C 13 -0.22 -38.40 0.45
N ASN C 14 -1.08 -38.28 -0.56
CA ASN C 14 -0.98 -39.17 -1.74
C ASN C 14 -0.67 -38.37 -2.96
N SER C 15 -0.87 -37.07 -2.88
CA SER C 15 -0.65 -36.20 -4.04
C SER C 15 -0.22 -34.76 -3.55
N TRP C 16 0.29 -33.90 -4.47
CA TRP C 16 0.55 -32.49 -4.10
C TRP C 16 -0.31 -31.48 -4.91
N HIS C 17 -1.05 -30.59 -4.23
CA HIS C 17 -1.81 -29.51 -4.91
C HIS C 17 -1.13 -28.11 -4.82
N ILE C 18 -1.37 -27.28 -5.85
CA ILE C 18 -0.85 -25.90 -5.90
C ILE C 18 -1.41 -25.04 -4.80
N LEU C 19 -0.52 -24.37 -4.05
CA LEU C 19 -0.85 -23.46 -2.95
C LEU C 19 -0.62 -22.02 -3.40
N SER C 20 0.61 -21.69 -3.86
CA SER C 20 0.93 -20.33 -4.29
C SER C 20 2.06 -20.22 -5.38
N LYS C 21 2.09 -19.10 -6.11
CA LYS C 21 3.10 -18.88 -7.19
C LYS C 21 3.18 -17.41 -7.33
N ASP C 22 4.40 -16.81 -7.27
CA ASP C 22 4.41 -15.38 -7.32
C ASP C 22 4.74 -14.78 -8.68
N ASN C 23 5.32 -15.59 -9.55
CA ASN C 23 5.76 -15.17 -10.91
C ASN C 23 6.62 -13.87 -10.87
N ALA C 24 7.56 -13.77 -9.93
CA ALA C 24 8.22 -12.49 -9.58
C ALA C 24 9.09 -12.02 -10.77
N ILE C 25 9.78 -12.95 -11.42
CA ILE C 25 10.67 -12.51 -12.59
C ILE C 25 9.86 -11.97 -13.74
N ARG C 26 8.80 -12.68 -14.12
CA ARG C 26 7.96 -12.21 -15.25
C ARG C 26 7.44 -10.78 -14.90
N ILE C 27 6.93 -10.60 -13.69
CA ILE C 27 6.45 -9.29 -13.29
C ILE C 27 7.61 -8.26 -13.14
N GLY C 28 8.74 -8.71 -12.58
CA GLY C 28 9.90 -7.85 -12.32
C GLY C 28 10.55 -7.32 -13.60
N GLU C 29 10.17 -7.87 -14.75
CA GLU C 29 10.77 -7.43 -16.09
C GLU C 29 10.33 -5.98 -16.31
N ASP C 30 9.20 -5.58 -15.75
CA ASP C 30 8.64 -4.21 -15.97
C ASP C 30 8.34 -3.44 -14.66
N ALA C 31 7.80 -4.12 -13.66
CA ALA C 31 7.29 -3.44 -12.48
C ALA C 31 8.49 -3.42 -11.57
N HIS C 32 8.37 -3.09 -10.29
CA HIS C 32 9.65 -2.72 -9.58
C HIS C 32 9.83 -3.81 -8.55
N ILE C 33 10.44 -4.91 -8.96
CA ILE C 33 10.57 -6.09 -8.15
C ILE C 33 11.97 -6.20 -7.59
N LEU C 34 12.07 -6.31 -6.26
CA LEU C 34 13.31 -6.55 -5.56
C LEU C 34 14.01 -7.85 -5.99
N VAL C 35 15.31 -7.78 -6.29
CA VAL C 35 16.09 -9.02 -6.48
C VAL C 35 16.13 -9.77 -5.10
N THR C 36 15.91 -11.10 -5.09
CA THR C 36 16.09 -11.90 -3.93
C THR C 36 16.89 -13.21 -4.19
N ARG C 37 16.92 -14.07 -3.16
CA ARG C 37 17.32 -15.48 -3.20
C ARG C 37 17.03 -16.03 -1.81
N GLU C 38 17.22 -17.34 -1.65
CA GLU C 38 17.01 -18.00 -0.40
C GLU C 38 15.58 -17.69 0.18
N PRO C 39 14.51 -17.95 -0.60
CA PRO C 39 13.13 -17.75 -0.15
C PRO C 39 12.60 -18.89 0.69
N TYR C 40 11.43 -18.63 1.26
CA TYR C 40 10.65 -19.62 1.95
C TYR C 40 9.26 -19.10 2.35
N LEU C 41 8.42 -19.93 3.03
CA LEU C 41 7.14 -19.48 3.55
C LEU C 41 7.02 -19.81 5.06
N SER C 42 6.21 -19.01 5.74
CA SER C 42 5.97 -19.29 7.13
C SER C 42 4.61 -18.72 7.40
N CYS C 43 3.87 -19.42 8.26
CA CYS C 43 2.50 -19.14 8.55
C CYS C 43 2.36 -18.70 10.02
N ASP C 44 1.23 -18.11 10.35
CA ASP C 44 0.84 -17.75 11.74
C ASP C 44 -0.67 -17.92 11.90
N PRO C 45 -1.23 -17.63 13.09
CA PRO C 45 -2.70 -17.76 13.28
C PRO C 45 -3.58 -17.13 12.16
N GLN C 46 -3.10 -16.08 11.47
CA GLN C 46 -3.92 -15.37 10.55
C GLN C 46 -3.77 -15.83 9.12
N GLY C 47 -2.67 -16.48 8.76
CA GLY C 47 -2.39 -16.78 7.36
C GLY C 47 -0.90 -17.12 7.12
N CYS C 48 -0.48 -17.10 5.86
CA CYS C 48 0.87 -17.46 5.49
C CYS C 48 1.51 -16.28 4.77
N ARG C 49 2.80 -16.07 5.00
CA ARG C 49 3.58 -15.11 4.19
C ARG C 49 4.77 -15.75 3.47
N MET C 50 5.27 -15.06 2.43
CA MET C 50 6.51 -15.50 1.80
C MET C 50 7.66 -14.71 2.45
N PHE C 51 8.89 -15.23 2.39
CA PHE C 51 10.06 -14.65 2.96
C PHE C 51 11.20 -14.79 1.93
N ALA C 52 12.21 -13.95 2.03
CA ALA C 52 13.43 -14.06 1.23
C ALA C 52 14.47 -13.04 1.70
N LEU C 53 15.70 -13.26 1.25
CA LEU C 53 16.76 -12.25 1.40
C LEU C 53 16.79 -11.32 0.23
N SER C 54 16.41 -10.08 0.45
CA SER C 54 16.59 -9.08 -0.62
C SER C 54 18.09 -8.79 -0.91
N GLN C 55 18.38 -8.30 -2.12
CA GLN C 55 19.74 -7.79 -2.40
C GLN C 55 19.82 -6.24 -2.32
N GLY C 56 18.73 -5.60 -1.91
CA GLY C 56 18.68 -4.15 -1.84
C GLY C 56 18.81 -3.48 -3.21
N THR C 57 18.08 -3.99 -4.20
CA THR C 57 17.98 -3.34 -5.55
C THR C 57 16.84 -4.02 -6.26
N THR C 58 16.17 -3.34 -7.19
CA THR C 58 15.17 -4.00 -8.05
C THR C 58 15.91 -4.73 -9.20
N LEU C 59 15.13 -5.61 -9.87
CA LEU C 59 15.63 -6.50 -10.86
C LEU C 59 16.04 -5.80 -12.15
N ARG C 60 15.29 -4.75 -12.56
CA ARG C 60 15.62 -3.97 -13.76
C ARG C 60 16.59 -2.81 -13.44
N GLY C 61 16.84 -2.57 -12.16
CA GLY C 61 17.81 -1.57 -11.74
C GLY C 61 19.25 -1.90 -12.12
N ARG C 62 20.10 -0.89 -12.17
CA ARG C 62 21.50 -1.11 -12.59
C ARG C 62 22.26 -1.79 -11.51
N HIS C 63 21.76 -1.70 -10.24
CA HIS C 63 22.45 -2.42 -9.15
C HIS C 63 22.14 -3.93 -9.07
N ALA C 64 21.31 -4.43 -10.01
CA ALA C 64 21.06 -5.89 -10.09
C ALA C 64 22.34 -6.61 -10.54
N ASN C 65 23.18 -5.80 -11.14
CA ASN C 65 24.41 -6.32 -11.71
C ASN C 65 25.39 -6.71 -10.60
N GLY C 66 25.85 -7.97 -10.61
CA GLY C 66 26.70 -8.49 -9.55
C GLY C 66 25.97 -9.25 -8.42
N THR C 67 24.65 -9.45 -8.56
CA THR C 67 23.86 -10.11 -7.48
C THR C 67 24.06 -11.62 -7.40
N ILE C 68 25.00 -12.21 -8.18
CA ILE C 68 25.38 -13.60 -7.87
C ILE C 68 25.96 -13.78 -6.41
N HIS C 69 26.58 -12.72 -5.88
CA HIS C 69 27.30 -12.62 -4.59
C HIS C 69 26.33 -12.88 -3.45
N ASP C 70 26.72 -13.81 -2.55
CA ASP C 70 25.81 -14.20 -1.50
C ASP C 70 25.71 -13.21 -0.35
N ARG C 71 26.80 -12.51 -0.05
CA ARG C 71 26.83 -11.70 1.13
C ARG C 71 27.28 -10.27 0.91
N SER C 72 26.47 -9.31 1.40
CA SER C 72 26.86 -7.88 1.31
C SER C 72 26.08 -7.16 2.41
N PRO C 73 26.44 -5.90 2.68
CA PRO C 73 25.74 -5.07 3.68
C PRO C 73 24.40 -4.49 3.16
N PHE C 74 24.01 -4.87 1.94
CA PHE C 74 22.74 -4.42 1.38
C PHE C 74 21.63 -5.47 1.37
N ARG C 75 21.90 -6.66 1.94
CA ARG C 75 20.89 -7.74 2.00
C ARG C 75 20.05 -7.61 3.27
N ALA C 76 18.83 -8.12 3.22
CA ALA C 76 17.93 -8.06 4.37
C ALA C 76 16.85 -9.13 4.29
N LEU C 77 16.35 -9.63 5.45
CA LEU C 77 15.26 -10.59 5.30
C LEU C 77 14.00 -9.73 5.11
N ILE C 78 13.17 -10.03 4.07
CA ILE C 78 11.90 -9.32 3.85
C ILE C 78 10.78 -10.35 3.81
N SER C 79 9.56 -9.97 4.28
CA SER C 79 8.35 -10.82 4.24
C SER C 79 7.20 -10.08 3.59
N TRP C 80 6.31 -10.81 2.86
CA TRP C 80 5.21 -10.13 2.13
C TRP C 80 4.03 -11.10 2.02
N GLU C 81 2.84 -10.54 1.73
CA GLU C 81 1.62 -11.37 1.65
C GLU C 81 1.77 -12.45 0.58
N MET C 82 1.50 -13.70 0.99
CA MET C 82 1.68 -14.87 0.10
C MET C 82 0.98 -14.64 -1.23
N GLY C 83 1.71 -14.87 -2.35
CA GLY C 83 1.18 -14.75 -3.70
C GLY C 83 1.65 -13.51 -4.44
N GLN C 84 1.80 -12.39 -3.71
CA GLN C 84 2.33 -11.24 -4.37
C GLN C 84 3.85 -11.42 -4.78
N ALA C 85 4.32 -10.56 -5.64
CA ALA C 85 5.75 -10.53 -5.95
C ALA C 85 6.36 -9.50 -4.97
N PRO C 86 7.62 -9.64 -4.60
CA PRO C 86 8.23 -8.68 -3.67
C PRO C 86 8.73 -7.36 -4.27
N SER C 87 8.02 -6.25 -3.96
CA SER C 87 8.39 -4.90 -4.39
C SER C 87 8.85 -4.04 -3.18
N PRO C 88 9.43 -2.87 -3.43
CA PRO C 88 9.76 -1.96 -2.32
C PRO C 88 8.50 -1.41 -1.59
N TYR C 89 7.32 -1.76 -2.05
CA TYR C 89 6.15 -1.12 -1.54
C TYR C 89 5.29 -2.02 -0.73
N ASN C 90 5.53 -3.35 -0.80
CA ASN C 90 4.63 -4.30 -0.16
C ASN C 90 5.42 -5.27 0.68
N THR C 91 6.64 -4.92 1.05
CA THR C 91 7.47 -5.83 1.82
C THR C 91 7.87 -5.25 3.16
N ARG C 92 7.88 -6.11 4.17
CA ARG C 92 8.31 -5.71 5.52
C ARG C 92 9.76 -6.23 5.78
N VAL C 93 10.61 -5.37 6.35
CA VAL C 93 11.97 -5.75 6.71
C VAL C 93 11.94 -6.43 8.06
N GLU C 94 12.37 -7.71 8.11
CA GLU C 94 12.30 -8.51 9.31
C GLU C 94 13.55 -8.25 10.14
N CYS C 95 14.70 -8.26 9.46
CA CYS C 95 16.03 -7.99 10.08
C CYS C 95 17.06 -7.78 8.97
N ILE C 96 18.28 -7.37 9.32
CA ILE C 96 19.31 -7.11 8.32
C ILE C 96 20.36 -8.21 8.29
N GLY C 97 20.78 -8.58 7.11
CA GLY C 97 21.74 -9.68 7.00
C GLY C 97 21.63 -10.56 5.75
N TRP C 98 22.42 -11.62 5.67
CA TRP C 98 22.56 -12.46 4.46
C TRP C 98 22.32 -13.96 4.73
N SER C 99 21.67 -14.30 5.88
CA SER C 99 21.27 -15.67 6.20
C SER C 99 20.19 -15.57 7.32
N SER C 100 19.10 -16.32 7.23
CA SER C 100 17.99 -16.12 8.20
C SER C 100 17.16 -17.30 8.50
N THR C 101 16.30 -17.20 9.51
CA THR C 101 15.23 -18.12 9.76
C THR C 101 14.12 -17.30 10.38
N SER C 102 12.94 -17.87 10.55
CA SER C 102 11.81 -17.15 11.20
C SER C 102 10.67 -18.16 11.52
N CYS C 103 9.95 -17.93 12.62
CA CYS C 103 8.81 -18.79 12.90
C CYS C 103 7.88 -18.12 13.92
N HIS C 104 6.62 -18.53 13.96
CA HIS C 104 5.66 -17.98 14.90
C HIS C 104 5.37 -19.01 15.96
N ASP C 105 5.27 -18.59 17.21
CA ASP C 105 5.07 -19.55 18.29
C ASP C 105 3.60 -19.57 18.79
N GLY C 106 2.69 -18.92 18.05
CA GLY C 106 1.31 -18.85 18.48
C GLY C 106 0.97 -17.46 19.04
N MET C 107 1.95 -16.80 19.68
CA MET C 107 1.83 -15.44 20.19
C MET C 107 2.42 -14.34 19.25
N SER C 108 3.73 -14.50 18.93
CA SER C 108 4.39 -13.52 18.09
C SER C 108 5.42 -14.25 17.22
N ARG C 109 6.01 -13.48 16.33
CA ARG C 109 7.02 -14.06 15.37
C ARG C 109 8.45 -13.76 15.79
N MET C 110 9.30 -14.79 15.80
CA MET C 110 10.74 -14.62 15.99
C MET C 110 11.47 -14.62 14.62
N SER C 111 12.35 -13.65 14.40
CA SER C 111 13.12 -13.67 13.12
C SER C 111 14.60 -13.47 13.48
N ILE C 112 15.50 -14.15 12.76
CA ILE C 112 16.93 -14.08 13.08
C ILE C 112 17.69 -13.89 11.77
N CYS C 113 18.66 -12.98 11.77
CA CYS C 113 19.51 -12.69 10.59
C CYS C 113 20.96 -12.62 11.04
N MET C 114 21.90 -13.04 10.19
CA MET C 114 23.29 -12.94 10.53
C MET C 114 23.87 -11.94 9.55
N SER C 115 24.80 -11.10 10.01
CA SER C 115 25.45 -10.14 9.12
C SER C 115 26.90 -10.03 9.53
N GLY C 116 27.70 -9.29 8.76
CA GLY C 116 29.05 -8.97 9.17
C GLY C 116 30.05 -9.58 8.17
N PRO C 117 31.36 -9.38 8.37
CA PRO C 117 32.40 -9.98 7.49
C PRO C 117 32.56 -11.48 7.83
N ASN C 118 33.15 -12.22 6.90
CA ASN C 118 33.31 -13.70 7.05
C ASN C 118 33.94 -14.13 8.37
N ASN C 119 34.97 -13.39 8.81
CA ASN C 119 35.67 -13.82 10.01
C ASN C 119 35.11 -13.21 11.24
N ASN C 120 33.94 -12.55 11.12
CA ASN C 120 33.33 -11.83 12.28
C ASN C 120 31.81 -11.58 12.32
N ALA C 121 31.01 -12.54 11.86
CA ALA C 121 29.62 -12.32 11.65
C ALA C 121 28.94 -12.40 13.06
N SER C 122 27.71 -11.95 13.18
CA SER C 122 26.89 -12.02 14.39
C SER C 122 25.42 -12.16 13.99
N ALA C 123 24.61 -12.77 14.86
CA ALA C 123 23.19 -12.90 14.61
C ALA C 123 22.48 -11.97 15.55
N VAL C 124 21.43 -11.37 15.03
CA VAL C 124 20.46 -10.60 15.84
C VAL C 124 19.10 -11.37 15.87
N VAL C 125 18.56 -11.61 17.04
CA VAL C 125 17.33 -12.34 17.20
C VAL C 125 16.20 -11.37 17.61
N TRP C 126 15.13 -11.33 16.80
CA TRP C 126 14.02 -10.42 16.97
C TRP C 126 12.76 -11.19 17.44
N TYR C 127 11.90 -10.53 18.20
CA TYR C 127 10.65 -11.12 18.71
C TYR C 127 9.57 -10.04 18.79
N GLY C 128 8.42 -10.29 18.19
CA GLY C 128 7.39 -9.29 18.05
C GLY C 128 7.84 -8.02 17.29
N GLY C 129 8.80 -8.14 16.35
CA GLY C 129 9.40 -6.95 15.70
C GLY C 129 10.40 -6.02 16.47
N ARG C 130 10.97 -6.51 17.57
CA ARG C 130 11.96 -5.77 18.39
C ARG C 130 13.18 -6.71 18.49
N PRO C 131 14.39 -6.14 18.54
CA PRO C 131 15.58 -6.90 18.84
C PRO C 131 15.63 -7.38 20.32
N ILE C 132 15.95 -8.65 20.53
CA ILE C 132 15.96 -9.18 21.90
C ILE C 132 17.34 -9.65 22.32
N THR C 133 18.05 -10.37 21.42
CA THR C 133 19.32 -10.99 21.77
C THR C 133 20.36 -10.84 20.56
N GLU C 134 21.66 -10.91 20.86
CA GLU C 134 22.78 -10.86 19.88
C GLU C 134 23.69 -12.06 20.10
N ILE C 135 24.19 -12.67 19.04
CA ILE C 135 25.10 -13.85 19.20
C ILE C 135 26.30 -13.72 18.29
N PRO C 136 27.49 -13.55 18.89
CA PRO C 136 28.71 -13.45 18.11
C PRO C 136 29.15 -14.78 17.47
N SER C 137 29.90 -14.68 16.36
CA SER C 137 30.48 -15.82 15.70
C SER C 137 31.38 -16.57 16.66
N TRP C 138 31.29 -17.91 16.65
CA TRP C 138 32.06 -18.69 17.59
C TRP C 138 33.23 -19.43 16.94
N ALA C 139 33.29 -19.45 15.62
CA ALA C 139 34.39 -20.15 14.93
C ALA C 139 35.05 -19.24 13.90
N GLY C 140 34.55 -18.01 13.77
CA GLY C 140 35.16 -17.04 12.92
C GLY C 140 35.06 -17.39 11.47
N ASN C 141 33.98 -18.10 11.06
CA ASN C 141 33.83 -18.45 9.66
C ASN C 141 32.35 -18.54 9.19
N ILE C 142 31.81 -17.37 8.83
CA ILE C 142 30.44 -17.25 8.29
C ILE C 142 29.39 -17.95 9.17
N LEU C 143 29.22 -17.47 10.42
CA LEU C 143 28.08 -17.91 11.22
C LEU C 143 26.85 -17.85 10.29
N ARG C 144 26.02 -18.92 10.24
CA ARG C 144 24.89 -18.95 9.26
C ARG C 144 23.79 -19.91 9.70
N THR C 145 22.60 -19.86 9.09
CA THR C 145 21.44 -20.69 9.65
C THR C 145 20.52 -21.31 8.57
N GLN C 146 19.25 -21.60 8.91
CA GLN C 146 18.47 -22.54 8.07
C GLN C 146 18.01 -22.10 6.64
N GLU C 147 17.71 -20.79 6.43
CA GLU C 147 17.11 -20.26 5.15
C GLU C 147 15.70 -20.86 4.89
N SER C 148 15.03 -21.37 5.97
CA SER C 148 13.62 -21.67 5.90
C SER C 148 13.09 -21.60 7.42
N GLU C 149 11.82 -21.93 7.62
CA GLU C 149 11.19 -21.67 8.92
C GLU C 149 11.66 -22.61 10.05
N CYS C 150 11.80 -22.06 11.25
CA CYS C 150 12.05 -22.87 12.41
C CYS C 150 10.63 -23.34 12.92
N VAL C 151 10.53 -23.98 14.10
CA VAL C 151 9.24 -24.55 14.52
C VAL C 151 9.19 -24.37 16.05
N CYS C 152 8.00 -24.19 16.63
CA CYS C 152 7.88 -23.99 18.09
C CYS C 152 6.88 -24.89 18.77
N HIS C 153 7.14 -25.18 20.06
CA HIS C 153 6.36 -26.07 20.84
C HIS C 153 6.31 -25.53 22.29
N LYS C 154 5.11 -25.18 22.75
CA LYS C 154 4.96 -24.60 24.10
C LYS C 154 5.85 -23.34 24.28
N GLY C 155 6.02 -22.57 23.20
CA GLY C 155 6.83 -21.36 23.21
C GLY C 155 8.32 -21.53 23.08
N VAL C 156 8.82 -22.76 22.88
CA VAL C 156 10.26 -23.00 22.69
C VAL C 156 10.51 -23.28 21.21
N CYS C 157 11.41 -22.53 20.58
CA CYS C 157 11.68 -22.66 19.14
C CYS C 157 13.14 -22.99 18.94
N PRO C 158 13.48 -24.24 18.60
CA PRO C 158 14.87 -24.59 18.38
C PRO C 158 15.32 -24.08 17.01
N VAL C 159 16.58 -23.70 16.89
CA VAL C 159 17.14 -23.21 15.61
C VAL C 159 18.50 -23.89 15.42
N VAL C 160 18.81 -24.32 14.18
CA VAL C 160 20.07 -24.97 13.91
C VAL C 160 20.98 -23.96 13.23
N MET C 161 22.18 -23.77 13.81
CA MET C 161 23.20 -22.86 13.27
C MET C 161 24.60 -23.52 13.05
N THR C 162 25.34 -23.02 12.09
CA THR C 162 26.66 -23.58 11.79
C THR C 162 27.65 -22.42 11.62
N ASP C 163 28.88 -22.65 12.09
CA ASP C 163 29.97 -21.70 11.95
C ASP C 163 31.22 -22.56 11.73
N GLY C 164 31.98 -22.31 10.67
CA GLY C 164 33.16 -23.11 10.42
C GLY C 164 33.18 -23.33 8.90
N PRO C 165 34.15 -24.12 8.40
CA PRO C 165 34.31 -24.32 6.97
C PRO C 165 33.07 -24.98 6.28
N ALA C 166 32.95 -24.72 4.97
CA ALA C 166 31.94 -25.31 4.10
C ALA C 166 32.37 -26.68 3.59
N ASN C 167 33.69 -26.91 3.55
CA ASN C 167 34.34 -28.09 2.95
C ASN C 167 35.11 -28.95 3.96
N ASN C 168 34.69 -28.93 5.24
CA ASN C 168 35.44 -29.64 6.27
C ASN C 168 34.63 -29.62 7.52
N ARG C 169 35.13 -30.26 8.56
CA ARG C 169 34.43 -30.26 9.84
C ARG C 169 34.13 -28.81 10.31
N ALA C 170 32.87 -28.56 10.70
CA ALA C 170 32.50 -27.25 11.15
C ALA C 170 31.85 -27.40 12.52
N ALA C 171 31.38 -26.30 13.11
CA ALA C 171 30.76 -26.33 14.46
C ALA C 171 29.27 -25.91 14.47
N THR C 172 28.40 -26.90 14.62
CA THR C 172 26.98 -26.64 14.52
C THR C 172 26.42 -26.68 15.96
N LYS C 173 25.40 -25.85 16.21
CA LYS C 173 24.77 -25.75 17.53
C LYS C 173 23.25 -25.74 17.37
N ILE C 174 22.57 -26.16 18.41
CA ILE C 174 21.13 -26.06 18.45
C ILE C 174 20.85 -25.06 19.56
N ILE C 175 20.19 -23.96 19.23
CA ILE C 175 19.89 -22.99 20.23
C ILE C 175 18.39 -22.96 20.41
N TYR C 176 17.96 -23.07 21.67
CA TYR C 176 16.53 -23.12 21.98
C TYR C 176 16.08 -21.78 22.48
N PHE C 177 15.15 -21.15 21.75
CA PHE C 177 14.63 -19.80 22.12
C PHE C 177 13.28 -19.82 22.74
N LYS C 178 13.03 -18.84 23.59
CA LYS C 178 11.69 -18.56 24.15
C LYS C 178 11.50 -17.05 24.22
N GLU C 179 10.58 -16.53 23.41
CA GLU C 179 10.42 -15.06 23.24
C GLU C 179 11.76 -14.39 22.89
N GLY C 180 12.54 -15.03 21.99
CA GLY C 180 13.83 -14.52 21.58
C GLY C 180 14.97 -14.57 22.56
N LYS C 181 14.76 -15.12 23.75
CA LYS C 181 15.84 -15.29 24.74
C LYS C 181 16.41 -16.70 24.68
N ILE C 182 17.71 -16.83 24.86
CA ILE C 182 18.31 -18.17 24.78
C ILE C 182 17.95 -18.96 26.06
N GLN C 183 17.37 -20.17 25.92
CA GLN C 183 17.04 -21.10 27.04
C GLN C 183 18.15 -22.13 27.25
N LYS C 184 18.86 -22.49 26.19
CA LYS C 184 19.84 -23.54 26.30
C LYS C 184 20.55 -23.61 24.96
N ILE C 185 21.80 -24.02 24.97
CA ILE C 185 22.63 -24.22 23.78
C ILE C 185 23.25 -25.61 23.86
N GLU C 186 23.22 -26.40 22.75
CA GLU C 186 23.81 -27.74 22.69
C GLU C 186 24.77 -27.77 21.49
N GLU C 187 25.91 -28.44 21.59
CA GLU C 187 26.66 -28.76 20.38
C GLU C 187 26.00 -29.94 19.63
N LEU C 188 26.13 -29.93 18.31
CA LEU C 188 25.65 -31.04 17.46
C LEU C 188 26.21 -32.38 17.99
N ALA C 189 25.35 -33.37 18.13
CA ALA C 189 25.70 -34.71 18.55
C ALA C 189 25.29 -35.75 17.48
N GLY C 190 25.77 -36.99 17.61
CA GLY C 190 25.31 -38.04 16.74
C GLY C 190 26.21 -38.21 15.51
N ASN C 191 25.69 -38.89 14.49
CA ASN C 191 26.49 -39.31 13.31
C ASN C 191 26.44 -38.47 12.06
N ALA C 192 25.68 -37.38 12.03
CA ALA C 192 25.77 -36.49 10.89
C ALA C 192 27.14 -35.83 10.98
N GLN C 193 27.85 -35.79 9.86
CA GLN C 193 29.22 -35.23 9.85
C GLN C 193 29.39 -33.72 9.44
N HIS C 194 28.38 -33.14 8.79
CA HIS C 194 28.39 -31.72 8.44
C HIS C 194 26.93 -31.29 8.36
N ILE C 195 26.62 -30.07 8.83
CA ILE C 195 25.27 -29.57 8.70
C ILE C 195 25.14 -28.16 8.22
N GLU C 196 24.20 -27.93 7.28
CA GLU C 196 23.87 -26.59 6.69
C GLU C 196 22.40 -26.52 6.34
N GLU C 197 21.81 -25.31 6.38
CA GLU C 197 20.50 -25.07 5.83
C GLU C 197 19.34 -26.06 6.18
N CYS C 198 19.16 -26.36 7.44
CA CYS C 198 18.09 -27.26 7.86
C CYS C 198 16.63 -26.88 7.53
N SER C 199 15.86 -27.83 6.99
CA SER C 199 14.45 -27.59 6.65
C SER C 199 13.71 -28.44 7.70
N CYS C 200 12.91 -27.79 8.53
CA CYS C 200 12.30 -28.47 9.66
C CYS C 200 10.77 -28.40 9.76
N TYR C 201 10.15 -29.41 10.40
CA TYR C 201 8.71 -29.35 10.65
C TYR C 201 8.45 -30.09 11.95
N GLY C 202 7.26 -29.88 12.49
CA GLY C 202 6.85 -30.55 13.70
C GLY C 202 5.62 -31.46 13.58
N ALA C 203 5.54 -32.51 14.42
CA ALA C 203 4.43 -33.48 14.43
C ALA C 203 4.51 -34.37 15.70
N GLY C 204 3.36 -34.60 16.33
CA GLY C 204 3.29 -35.46 17.50
C GLY C 204 4.39 -35.19 18.51
N GLY C 205 4.65 -33.94 18.76
CA GLY C 205 5.68 -33.57 19.70
C GLY C 205 7.14 -33.76 19.34
N VAL C 206 7.45 -33.84 18.03
CA VAL C 206 8.81 -34.15 17.67
C VAL C 206 9.11 -33.19 16.48
N ILE C 207 10.29 -32.59 16.50
CA ILE C 207 10.79 -31.79 15.41
C ILE C 207 11.86 -32.57 14.56
N LYS C 208 11.67 -32.58 13.23
CA LYS C 208 12.64 -33.21 12.32
C LYS C 208 13.16 -32.16 11.37
N CYS C 209 14.49 -32.22 11.14
CA CYS C 209 15.18 -31.28 10.35
C CYS C 209 15.99 -32.08 9.38
N ILE C 210 15.78 -31.79 8.12
CA ILE C 210 16.46 -32.48 7.02
C ILE C 210 17.43 -31.49 6.39
N CYS C 211 18.73 -31.82 6.31
CA CYS C 211 19.68 -30.74 6.12
C CYS C 211 20.58 -31.03 4.90
N ARG C 212 21.66 -30.30 4.85
CA ARG C 212 22.60 -30.38 3.69
C ARG C 212 23.99 -30.59 4.26
N ASP C 213 24.61 -31.68 3.80
CA ASP C 213 25.96 -32.01 4.20
C ASP C 213 26.78 -31.50 3.06
N ASN C 214 27.40 -30.34 3.20
CA ASN C 214 28.18 -29.75 2.09
C ASN C 214 29.60 -30.31 1.92
N TRP C 215 30.01 -31.14 2.87
CA TRP C 215 31.37 -31.67 2.92
C TRP C 215 31.56 -32.96 2.12
N LYS C 216 30.81 -33.98 2.44
CA LYS C 216 30.96 -35.33 1.83
C LYS C 216 29.64 -35.94 1.27
N GLY C 217 28.58 -36.02 2.12
CA GLY C 217 27.38 -36.80 1.79
C GLY C 217 26.41 -36.31 0.73
N ALA C 218 26.04 -37.18 -0.23
CA ALA C 218 24.94 -36.92 -1.20
C ALA C 218 23.60 -37.40 -0.61
N ASN C 219 23.65 -38.13 0.45
CA ASN C 219 22.47 -38.37 1.28
C ASN C 219 22.34 -37.28 2.31
N ARG C 220 21.11 -36.96 2.74
CA ARG C 220 20.93 -35.81 3.63
C ARG C 220 20.87 -36.21 5.12
N PRO C 221 21.49 -35.42 6.00
CA PRO C 221 21.43 -35.67 7.46
C PRO C 221 20.06 -35.44 8.00
N VAL C 222 19.74 -36.04 9.16
CA VAL C 222 18.46 -35.80 9.76
C VAL C 222 18.73 -35.57 11.25
N ILE C 223 18.22 -34.45 11.77
CA ILE C 223 18.30 -34.17 13.20
C ILE C 223 16.93 -34.32 13.77
N THR C 224 16.79 -35.00 14.91
CA THR C 224 15.51 -35.19 15.55
C THR C 224 15.60 -34.51 16.89
N ILE C 225 14.75 -33.52 17.06
CA ILE C 225 14.76 -32.67 18.26
C ILE C 225 13.57 -32.94 19.15
N ASP C 226 13.81 -33.04 20.44
CA ASP C 226 12.68 -33.05 21.45
C ASP C 226 12.62 -31.64 22.10
N PRO C 227 11.62 -30.83 21.71
CA PRO C 227 11.53 -29.45 22.20
C PRO C 227 11.17 -29.33 23.70
N GLU C 228 10.69 -30.37 24.36
CA GLU C 228 10.36 -30.24 25.83
C GLU C 228 11.59 -30.50 26.69
N MET C 229 12.35 -31.59 26.38
CA MET C 229 13.61 -31.92 27.03
C MET C 229 14.78 -31.10 26.49
N MET C 230 14.62 -30.55 25.29
CA MET C 230 15.66 -29.69 24.72
C MET C 230 16.96 -30.48 24.35
N THR C 231 16.74 -31.69 23.79
CA THR C 231 17.84 -32.59 23.41
C THR C 231 17.64 -33.05 21.98
N HIS C 232 18.65 -33.66 21.39
CA HIS C 232 18.50 -34.11 20.02
C HIS C 232 19.38 -35.29 19.72
N THR C 233 19.19 -35.92 18.56
CA THR C 233 20.12 -36.90 18.03
C THR C 233 20.23 -36.58 16.54
N SER C 234 21.25 -37.13 15.89
CA SER C 234 21.42 -36.91 14.50
C SER C 234 21.97 -38.17 13.80
N LYS C 235 21.73 -38.24 12.47
CA LYS C 235 22.19 -39.32 11.60
C LYS C 235 21.86 -38.94 10.16
N TYR C 236 21.84 -39.92 9.24
CA TYR C 236 21.56 -39.66 7.83
C TYR C 236 20.27 -40.36 7.45
N LEU C 237 19.67 -39.86 6.37
CA LEU C 237 18.54 -40.53 5.76
C LEU C 237 19.02 -41.88 5.26
N CYS C 238 18.26 -42.93 5.64
CA CYS C 238 18.67 -44.34 5.31
C CYS C 238 18.45 -44.72 3.84
N SER C 239 17.47 -44.08 3.20
CA SER C 239 17.13 -44.56 1.85
C SER C 239 18.26 -44.53 0.83
N LYS C 240 18.21 -45.43 -0.14
CA LYS C 240 19.15 -45.42 -1.28
C LYS C 240 18.80 -44.33 -2.29
N VAL C 241 17.58 -43.77 -2.15
CA VAL C 241 17.14 -42.61 -2.97
C VAL C 241 17.91 -41.36 -2.43
N LEU C 242 18.97 -40.98 -3.14
CA LEU C 242 19.80 -39.88 -2.65
C LEU C 242 19.14 -38.57 -3.07
N THR C 243 19.18 -37.54 -2.23
CA THR C 243 18.37 -36.32 -2.55
C THR C 243 19.10 -34.96 -2.48
N ASP C 244 20.43 -34.99 -2.27
CA ASP C 244 21.21 -33.77 -2.31
C ASP C 244 21.55 -33.54 -3.75
N THR C 245 22.06 -32.36 -4.06
CA THR C 245 22.36 -32.18 -5.46
C THR C 245 23.79 -31.94 -5.78
N SER C 246 24.11 -32.78 -6.79
CA SER C 246 25.33 -33.25 -7.32
C SER C 246 25.39 -34.50 -6.48
N ARG C 247 24.89 -35.56 -7.07
CA ARG C 247 24.90 -36.84 -6.46
C ARG C 247 25.27 -37.88 -7.47
N PRO C 248 25.78 -39.03 -7.02
CA PRO C 248 25.96 -40.14 -7.94
C PRO C 248 24.57 -40.78 -8.20
N ASN C 249 24.49 -41.85 -9.05
CA ASN C 249 23.25 -42.62 -9.25
C ASN C 249 22.89 -43.27 -7.90
N ASP C 250 21.62 -43.53 -7.64
CA ASP C 250 21.25 -44.16 -6.39
C ASP C 250 21.88 -45.53 -6.35
N PRO C 251 22.54 -45.86 -5.23
CA PRO C 251 23.17 -47.18 -5.07
C PRO C 251 22.16 -48.27 -4.74
N THR C 252 22.62 -49.50 -4.56
CA THR C 252 21.70 -50.58 -4.17
C THR C 252 21.25 -50.42 -2.73
N ASN C 253 22.07 -49.76 -1.94
CA ASN C 253 21.69 -49.55 -0.52
C ASN C 253 22.12 -48.19 -0.05
N GLY C 254 21.25 -47.57 0.75
CA GLY C 254 21.64 -46.34 1.44
C GLY C 254 22.50 -46.57 2.67
N ASN C 255 22.70 -45.52 3.45
CA ASN C 255 23.52 -45.61 4.64
C ASN C 255 22.99 -44.64 5.74
N CYS C 256 22.44 -45.18 6.82
CA CYS C 256 21.83 -44.42 7.93
C CYS C 256 22.88 -43.63 8.75
N ASP C 257 24.13 -44.10 8.75
CA ASP C 257 25.11 -43.55 9.68
C ASP C 257 26.43 -43.04 9.09
N ALA C 258 26.51 -42.86 7.78
CA ALA C 258 27.70 -42.25 7.24
C ALA C 258 27.42 -41.67 5.85
N PRO C 259 28.14 -40.61 5.46
CA PRO C 259 27.82 -39.96 4.19
C PRO C 259 28.14 -40.89 3.05
N ILE C 260 27.44 -40.76 1.92
CA ILE C 260 27.77 -41.45 0.67
C ILE C 260 28.30 -40.40 -0.24
N THR C 261 29.54 -40.60 -0.75
CA THR C 261 30.19 -39.52 -1.48
C THR C 261 29.88 -39.55 -2.97
N GLY C 262 30.37 -38.55 -3.71
CA GLY C 262 30.31 -38.57 -5.19
C GLY C 262 29.43 -37.44 -5.74
N GLY C 263 29.50 -37.19 -7.05
CA GLY C 263 28.76 -36.09 -7.65
C GLY C 263 29.53 -34.84 -8.17
N SER C 264 29.09 -34.32 -9.30
CA SER C 264 29.75 -33.21 -9.96
C SER C 264 28.69 -32.31 -10.50
N PRO C 265 28.91 -31.00 -10.50
CA PRO C 265 30.05 -30.35 -9.86
C PRO C 265 29.75 -29.67 -8.51
N ASP C 266 28.52 -29.82 -7.97
CA ASP C 266 28.05 -29.07 -6.75
C ASP C 266 28.18 -29.85 -5.42
N PRO C 267 28.75 -29.23 -4.37
CA PRO C 267 28.84 -29.94 -3.09
C PRO C 267 27.52 -30.06 -2.40
N GLY C 268 26.53 -29.20 -2.70
CA GLY C 268 25.25 -29.43 -2.12
C GLY C 268 24.18 -28.42 -2.49
N VAL C 269 22.99 -28.56 -1.87
CA VAL C 269 21.88 -27.63 -2.02
C VAL C 269 20.90 -27.85 -0.86
N LYS C 270 20.22 -26.79 -0.45
CA LYS C 270 19.16 -26.89 0.58
C LYS C 270 18.01 -27.78 0.09
N GLY C 271 17.51 -28.66 0.98
CA GLY C 271 16.44 -29.59 0.64
C GLY C 271 15.59 -29.99 1.81
N PHE C 272 14.73 -31.01 1.65
CA PHE C 272 13.78 -31.34 2.71
C PHE C 272 13.20 -32.71 2.43
N ALA C 273 12.50 -33.26 3.43
CA ALA C 273 11.65 -34.40 3.23
C ALA C 273 10.67 -34.45 4.42
N PHE C 274 9.57 -35.17 4.30
CA PHE C 274 8.68 -35.44 5.45
C PHE C 274 8.82 -36.92 5.69
N LEU C 275 9.12 -37.27 6.94
CA LEU C 275 9.46 -38.64 7.29
C LEU C 275 8.40 -39.16 8.26
N ASP C 276 7.54 -40.12 7.79
CA ASP C 276 6.45 -40.63 8.65
C ASP C 276 6.03 -42.08 8.30
N GLY C 277 6.98 -43.01 8.46
CA GLY C 277 6.71 -44.41 8.19
C GLY C 277 6.35 -44.62 6.72
N GLU C 278 5.20 -45.28 6.50
CA GLU C 278 4.72 -45.48 5.14
C GLU C 278 4.42 -44.16 4.40
N ASN C 279 4.09 -43.15 5.21
CA ASN C 279 3.68 -41.81 4.75
C ASN C 279 4.87 -40.87 4.62
N SER C 280 5.88 -41.18 3.78
CA SER C 280 7.09 -40.42 3.82
C SER C 280 7.35 -39.94 2.36
N TRP C 281 7.74 -38.66 2.21
CA TRP C 281 8.01 -38.10 0.87
C TRP C 281 9.34 -37.36 0.83
N LEU C 282 10.13 -37.63 -0.22
CA LEU C 282 11.45 -37.01 -0.40
C LEU C 282 11.41 -36.09 -1.67
N GLY C 283 11.95 -34.87 -1.54
CA GLY C 283 12.06 -33.93 -2.61
C GLY C 283 13.49 -34.04 -3.11
N ARG C 284 13.68 -33.67 -4.37
CA ARG C 284 15.01 -33.54 -4.94
C ARG C 284 14.93 -32.91 -6.32
N THR C 285 16.07 -32.44 -6.83
CA THR C 285 16.11 -31.99 -8.23
C THR C 285 16.06 -33.20 -9.19
N ILE C 286 15.50 -33.01 -10.39
CA ILE C 286 15.45 -34.14 -11.28
C ILE C 286 16.89 -34.46 -11.76
N SER C 287 17.64 -33.41 -12.08
CA SER C 287 19.02 -33.60 -12.56
C SER C 287 19.84 -34.04 -11.33
N LYS C 288 20.75 -35.01 -11.53
CA LYS C 288 21.69 -35.39 -10.51
C LYS C 288 22.91 -34.44 -10.38
N ASP C 289 23.23 -33.72 -11.50
CA ASP C 289 24.34 -32.78 -11.51
C ASP C 289 23.99 -31.36 -11.01
N SER C 290 22.84 -30.85 -11.46
CA SER C 290 22.51 -29.43 -11.37
C SER C 290 21.17 -29.14 -10.78
N ARG C 291 20.96 -27.87 -10.48
CA ARG C 291 19.74 -27.36 -9.88
C ARG C 291 18.68 -27.24 -10.95
N SER C 292 18.20 -28.37 -11.41
CA SER C 292 17.33 -28.34 -12.54
C SER C 292 16.25 -29.40 -12.35
N GLY C 293 15.02 -29.02 -12.69
CA GLY C 293 13.87 -29.87 -12.46
C GLY C 293 13.60 -30.03 -10.97
N TYR C 294 12.44 -30.57 -10.62
CA TYR C 294 12.13 -30.89 -9.23
C TYR C 294 11.08 -31.94 -9.20
N GLU C 295 11.18 -32.94 -8.30
CA GLU C 295 10.27 -34.09 -8.21
C GLU C 295 10.03 -34.49 -6.75
N MET C 296 8.86 -35.07 -6.50
CA MET C 296 8.47 -35.49 -5.16
C MET C 296 8.36 -36.98 -5.21
N LEU C 297 9.00 -37.68 -4.28
CA LEU C 297 8.96 -39.15 -4.32
C LEU C 297 8.43 -39.70 -3.01
N LYS C 298 7.38 -40.55 -3.10
CA LYS C 298 6.87 -41.22 -1.92
C LYS C 298 7.71 -42.49 -1.70
N VAL C 299 8.58 -42.45 -0.72
CA VAL C 299 9.49 -43.55 -0.42
C VAL C 299 9.16 -44.11 1.01
N PRO C 300 8.25 -45.09 1.12
CA PRO C 300 7.89 -45.63 2.46
C PRO C 300 9.16 -46.09 3.21
N ASN C 301 9.22 -45.73 4.48
CA ASN C 301 10.34 -46.07 5.38
C ASN C 301 11.68 -45.46 5.17
N ALA C 302 11.77 -44.41 4.36
CA ALA C 302 13.07 -43.83 3.90
C ALA C 302 13.92 -43.51 5.14
N GLU C 303 13.28 -43.30 6.27
CA GLU C 303 14.02 -42.97 7.51
C GLU C 303 14.72 -44.18 8.18
N THR C 304 14.24 -45.38 7.95
CA THR C 304 14.77 -46.55 8.64
C THR C 304 15.26 -47.68 7.79
N ASP C 305 15.02 -47.66 6.46
CA ASP C 305 15.32 -48.79 5.63
C ASP C 305 16.24 -48.42 4.45
N ILE C 306 17.48 -48.92 4.46
CA ILE C 306 18.44 -48.62 3.35
C ILE C 306 18.04 -49.12 1.94
N GLN C 307 17.08 -50.04 1.93
CA GLN C 307 16.54 -50.61 0.67
C GLN C 307 15.29 -49.92 0.13
N SER C 308 14.71 -48.99 0.91
CA SER C 308 13.45 -48.29 0.54
C SER C 308 13.58 -47.51 -0.75
N GLY C 309 12.70 -47.80 -1.69
CA GLY C 309 12.60 -47.14 -2.99
C GLY C 309 11.24 -46.43 -3.13
N PRO C 310 11.05 -45.69 -4.20
CA PRO C 310 9.78 -44.96 -4.46
C PRO C 310 8.63 -45.88 -4.90
N ILE C 311 7.40 -45.54 -4.52
CA ILE C 311 6.20 -46.26 -5.00
C ILE C 311 5.27 -45.29 -5.74
N SER C 312 5.47 -43.98 -5.58
CA SER C 312 4.72 -43.02 -6.39
C SER C 312 5.59 -41.78 -6.62
N ASN C 313 5.30 -40.98 -7.65
CA ASN C 313 6.13 -39.82 -7.98
C ASN C 313 5.21 -38.68 -8.49
N GLN C 314 5.70 -37.42 -8.40
CA GLN C 314 5.07 -36.22 -8.99
C GLN C 314 6.13 -35.20 -9.42
N VAL C 315 6.18 -34.90 -10.71
CA VAL C 315 7.09 -33.88 -11.24
C VAL C 315 6.55 -32.47 -10.90
N ILE C 316 7.34 -31.65 -10.22
CA ILE C 316 6.87 -30.34 -9.75
C ILE C 316 7.34 -29.26 -10.72
N VAL C 317 8.59 -29.41 -11.20
CA VAL C 317 9.20 -28.55 -12.22
C VAL C 317 9.91 -29.54 -13.24
N ASN C 318 9.61 -29.45 -14.53
CA ASN C 318 10.30 -30.38 -15.43
C ASN C 318 11.79 -30.03 -15.62
N ASN C 319 12.54 -30.99 -16.18
CA ASN C 319 14.02 -30.94 -16.23
C ASN C 319 14.53 -30.07 -17.34
N GLN C 320 13.63 -29.31 -17.95
CA GLN C 320 14.09 -28.28 -18.88
C GLN C 320 14.08 -26.90 -18.27
N ASN C 321 13.82 -26.85 -16.96
CA ASN C 321 13.67 -25.59 -16.25
C ASN C 321 14.40 -25.60 -14.92
N TRP C 322 14.85 -24.44 -14.49
CA TRP C 322 15.76 -24.31 -13.36
C TRP C 322 14.95 -24.34 -12.03
N SER C 323 15.55 -24.96 -11.02
CA SER C 323 14.96 -25.00 -9.66
C SER C 323 15.99 -24.34 -8.74
N GLY C 324 16.29 -24.91 -7.59
CA GLY C 324 17.05 -24.18 -6.58
C GLY C 324 16.78 -24.80 -5.21
N TYR C 325 16.89 -24.01 -4.17
CA TYR C 325 16.59 -24.44 -2.79
C TYR C 325 15.15 -24.94 -2.65
N SER C 326 14.95 -25.82 -1.66
CA SER C 326 13.60 -26.21 -1.33
C SER C 326 13.52 -26.46 0.16
N GLY C 327 12.32 -26.30 0.73
CA GLY C 327 12.23 -26.39 2.19
C GLY C 327 10.81 -26.68 2.66
N ALA C 328 10.64 -27.01 3.94
CA ALA C 328 9.37 -27.38 4.46
C ALA C 328 8.71 -26.25 5.31
N PHE C 329 7.39 -26.24 5.32
CA PHE C 329 6.67 -25.39 6.23
C PHE C 329 5.31 -26.04 6.38
N ILE C 330 4.58 -25.67 7.43
CA ILE C 330 3.21 -26.21 7.60
C ILE C 330 2.36 -25.07 8.20
N ASP C 331 1.06 -25.05 7.87
CA ASP C 331 0.16 -24.08 8.40
C ASP C 331 -0.37 -24.77 9.68
N TYR C 332 0.41 -24.68 10.74
CA TYR C 332 0.02 -25.27 12.05
C TYR C 332 -1.31 -24.82 12.60
N TRP C 333 -1.85 -23.74 12.01
CA TRP C 333 -3.08 -23.14 12.52
C TRP C 333 -4.34 -23.47 11.71
N ALA C 334 -4.16 -24.37 10.73
CA ALA C 334 -5.28 -24.78 9.90
C ALA C 334 -6.39 -25.41 10.73
N ASN C 335 -7.59 -25.36 10.20
CA ASN C 335 -8.72 -26.00 10.85
C ASN C 335 -8.83 -27.51 10.52
N LYS C 336 -7.80 -28.28 10.84
CA LYS C 336 -7.69 -29.68 10.45
C LYS C 336 -7.16 -30.45 11.66
N GLU C 337 -7.34 -31.79 11.66
CA GLU C 337 -7.01 -32.60 12.86
C GLU C 337 -5.60 -33.16 12.76
N CYS C 338 -5.00 -32.92 11.61
CA CYS C 338 -3.63 -33.34 11.35
C CYS C 338 -2.89 -32.16 10.80
N PHE C 339 -1.56 -32.19 10.84
CA PHE C 339 -0.72 -31.11 10.26
C PHE C 339 -0.41 -31.53 8.86
N ASN C 340 -0.84 -30.74 7.87
CA ASN C 340 -0.58 -31.09 6.46
C ASN C 340 0.71 -30.56 5.88
N PRO C 341 1.60 -31.43 5.38
CA PRO C 341 2.87 -31.01 4.86
C PRO C 341 2.75 -30.05 3.67
N CYS C 342 3.59 -29.01 3.65
CA CYS C 342 3.73 -28.09 2.50
C CYS C 342 5.23 -27.91 2.17
N PHE C 343 5.52 -27.39 0.99
CA PHE C 343 6.89 -27.14 0.60
C PHE C 343 6.97 -26.11 -0.53
N TYR C 344 8.10 -25.41 -0.63
CA TYR C 344 8.24 -24.47 -1.72
C TYR C 344 9.44 -24.90 -2.53
N VAL C 345 9.59 -24.33 -3.72
CA VAL C 345 10.75 -24.55 -4.54
C VAL C 345 11.22 -23.14 -5.07
N GLU C 346 12.50 -22.85 -4.92
CA GLU C 346 13.02 -21.58 -5.29
C GLU C 346 13.40 -21.80 -6.79
N LEU C 347 12.92 -20.92 -7.68
CA LEU C 347 13.21 -21.03 -9.12
C LEU C 347 14.22 -20.00 -9.52
N ILE C 348 15.50 -20.39 -9.57
CA ILE C 348 16.57 -19.42 -9.80
C ILE C 348 16.71 -19.03 -11.27
N ARG C 349 16.77 -17.74 -11.55
CA ARG C 349 17.00 -17.29 -12.90
C ARG C 349 18.24 -16.39 -12.90
N GLY C 350 18.90 -16.28 -14.07
CA GLY C 350 20.16 -15.56 -14.17
C GLY C 350 21.41 -16.39 -13.94
N ARG C 351 22.46 -15.76 -13.42
CA ARG C 351 23.71 -16.44 -13.24
C ARG C 351 23.71 -17.47 -12.14
N PRO C 352 24.61 -18.48 -12.25
CA PRO C 352 25.54 -18.66 -13.40
C PRO C 352 24.93 -19.46 -14.56
N LYS C 353 23.76 -20.09 -14.38
CA LYS C 353 23.24 -20.92 -15.47
C LYS C 353 22.88 -20.14 -16.72
N GLU C 354 22.56 -18.85 -16.58
CA GLU C 354 21.99 -18.02 -17.66
C GLU C 354 22.83 -16.77 -17.67
N SER C 355 23.98 -16.86 -18.30
CA SER C 355 24.96 -15.76 -18.24
C SER C 355 24.76 -14.67 -19.26
N SER C 356 23.63 -14.63 -19.96
CA SER C 356 23.39 -13.50 -20.89
C SER C 356 22.91 -12.27 -20.11
N VAL C 357 22.66 -12.44 -18.81
CA VAL C 357 22.26 -11.29 -17.99
C VAL C 357 23.33 -11.10 -16.93
N LEU C 358 23.27 -10.01 -16.17
CA LEU C 358 24.31 -9.68 -15.19
C LEU C 358 23.86 -10.01 -13.76
N TRP C 359 22.61 -10.44 -13.61
CA TRP C 359 22.02 -10.56 -12.23
C TRP C 359 21.70 -12.01 -11.93
N THR C 360 21.29 -12.27 -10.64
CA THR C 360 20.83 -13.59 -10.24
C THR C 360 19.64 -13.30 -9.31
N SER C 361 18.51 -13.96 -9.53
CA SER C 361 17.33 -13.77 -8.69
C SER C 361 16.49 -15.01 -8.77
N ASN C 362 15.23 -14.91 -8.34
CA ASN C 362 14.38 -16.06 -8.30
C ASN C 362 12.91 -15.72 -8.16
N SER C 363 12.04 -16.69 -8.46
CA SER C 363 10.60 -16.61 -8.09
C SER C 363 10.27 -17.74 -7.16
N ILE C 364 9.02 -17.89 -6.77
CA ILE C 364 8.70 -18.97 -5.88
C ILE C 364 7.48 -19.78 -6.35
N VAL C 365 7.47 -21.09 -6.04
CA VAL C 365 6.24 -21.89 -6.07
C VAL C 365 6.12 -22.71 -4.80
N ALA C 366 4.89 -22.92 -4.34
CA ALA C 366 4.68 -23.70 -3.12
C ALA C 366 3.50 -24.64 -3.32
N LEU C 367 3.59 -25.83 -2.69
CA LEU C 367 2.52 -26.83 -2.77
C LEU C 367 2.24 -27.50 -1.39
N CYS C 368 1.07 -28.08 -1.23
CA CYS C 368 0.69 -28.76 0.01
C CYS C 368 0.09 -30.13 -0.33
N GLY C 369 0.09 -31.04 0.61
CA GLY C 369 -0.38 -32.38 0.32
C GLY C 369 -1.88 -32.49 0.13
N SER C 370 -2.27 -33.55 -0.58
CA SER C 370 -3.66 -34.00 -0.72
C SER C 370 -3.83 -35.52 -0.49
N LYS C 371 -4.98 -35.94 0.05
CA LYS C 371 -5.28 -37.37 0.09
C LYS C 371 -5.78 -37.91 -1.27
N LYS C 372 -6.23 -37.02 -2.15
CA LYS C 372 -6.73 -37.35 -3.48
C LYS C 372 -5.54 -37.65 -4.42
N ARG C 373 -5.84 -38.26 -5.59
CA ARG C 373 -4.88 -38.44 -6.67
C ARG C 373 -4.99 -37.37 -7.74
N LEU C 374 -4.25 -36.27 -7.57
CA LEU C 374 -4.49 -35.10 -8.41
C LEU C 374 -3.53 -35.21 -9.59
N GLY C 375 -3.91 -34.60 -10.72
CA GLY C 375 -3.06 -34.49 -11.90
C GLY C 375 -2.03 -33.39 -11.64
N SER C 376 -0.99 -33.29 -12.49
CA SER C 376 0.01 -32.27 -12.29
C SER C 376 0.61 -31.73 -13.55
N TRP C 377 1.27 -30.60 -13.40
CA TRP C 377 2.00 -30.01 -14.53
C TRP C 377 3.17 -29.26 -13.97
N SER C 378 4.06 -28.80 -14.85
CA SER C 378 5.29 -28.19 -14.41
C SER C 378 4.98 -26.73 -14.04
N TRP C 379 5.45 -26.33 -12.85
CA TRP C 379 5.33 -24.95 -12.42
C TRP C 379 6.66 -24.19 -12.54
N HIS C 380 7.27 -24.15 -13.77
CA HIS C 380 8.51 -23.44 -13.90
C HIS C 380 8.30 -21.92 -13.69
N ASP C 381 9.40 -21.17 -13.50
CA ASP C 381 9.38 -19.71 -13.39
C ASP C 381 8.52 -18.96 -14.43
N GLY C 382 8.81 -19.12 -15.73
CA GLY C 382 7.95 -18.62 -16.78
C GLY C 382 8.48 -17.40 -17.53
N ALA C 383 9.59 -16.81 -17.11
CA ALA C 383 10.08 -15.66 -17.81
C ALA C 383 10.94 -16.02 -19.06
N GLU C 384 11.03 -15.10 -19.99
CA GLU C 384 11.87 -15.32 -21.20
C GLU C 384 13.17 -14.55 -21.06
N ILE C 385 14.29 -15.23 -20.92
CA ILE C 385 15.52 -14.49 -20.67
C ILE C 385 15.89 -13.51 -21.81
N ILE C 386 15.41 -13.76 -23.02
CA ILE C 386 15.68 -12.85 -24.15
C ILE C 386 15.15 -11.48 -23.87
N TYR C 387 14.01 -11.39 -23.19
CA TYR C 387 13.39 -10.10 -22.81
C TYR C 387 14.26 -9.20 -21.95
N PHE C 388 15.21 -9.80 -21.20
CA PHE C 388 16.11 -9.06 -20.31
C PHE C 388 17.48 -8.76 -21.01
N GLU C 389 17.71 -9.37 -22.12
CA GLU C 389 18.89 -9.02 -22.92
C GLU C 389 18.62 -7.68 -23.65
N ARG D 1 -2.64 2.33 27.37
CA ARG D 1 -1.62 3.41 27.19
C ARG D 1 -1.43 4.35 28.43
N THR D 2 -0.18 4.76 28.72
CA THR D 2 0.10 5.78 29.71
C THR D 2 1.26 6.62 29.21
N PHE D 3 1.48 7.74 29.93
CA PHE D 3 2.66 8.56 29.67
C PHE D 3 3.95 7.83 29.93
N LEU D 4 4.92 7.96 29.02
CA LEU D 4 6.27 7.44 29.21
C LEU D 4 6.89 8.21 30.38
N ASN D 5 7.39 7.48 31.40
CA ASN D 5 8.21 8.02 32.52
C ASN D 5 9.67 7.49 32.38
N LEU D 6 10.65 8.40 32.39
CA LEU D 6 12.03 7.97 32.19
C LEU D 6 12.63 7.34 33.47
N THR D 7 12.07 6.23 33.96
CA THR D 7 12.51 5.64 35.25
C THR D 7 13.74 4.72 35.21
N LYS D 8 14.18 4.27 34.05
CA LYS D 8 15.18 3.23 33.95
C LYS D 8 16.56 3.82 33.55
N PRO D 9 17.65 3.10 33.88
CA PRO D 9 18.99 3.55 33.52
C PRO D 9 19.32 3.16 32.09
N LEU D 10 20.46 3.63 31.58
CA LEU D 10 20.92 3.17 30.26
C LEU D 10 21.46 1.76 30.42
N CYS D 11 21.28 0.92 29.39
CA CYS D 11 21.89 -0.40 29.40
C CYS D 11 23.40 -0.23 29.20
N GLU D 12 24.16 -1.22 29.64
CA GLU D 12 25.58 -1.25 29.45
C GLU D 12 25.81 -1.49 27.95
N VAL D 13 26.81 -0.84 27.35
CA VAL D 13 27.06 -1.08 25.94
C VAL D 13 28.56 -1.33 25.68
N ASN D 14 28.89 -2.47 25.00
CA ASN D 14 30.24 -2.81 24.77
C ASN D 14 30.48 -2.90 23.30
N SER D 15 29.45 -3.04 22.45
CA SER D 15 29.57 -2.94 20.96
C SER D 15 28.18 -2.55 20.39
N TRP D 16 28.09 -2.41 19.08
CA TRP D 16 26.84 -2.05 18.43
C TRP D 16 26.35 -3.10 17.41
N HIS D 17 25.08 -3.54 17.52
CA HIS D 17 24.42 -4.47 16.58
C HIS D 17 23.57 -3.73 15.51
N ILE D 18 23.48 -4.26 14.30
CA ILE D 18 22.70 -3.62 13.23
C ILE D 18 21.20 -3.68 13.53
N LEU D 19 20.51 -2.55 13.39
CA LEU D 19 19.05 -2.44 13.70
C LEU D 19 18.31 -2.35 12.38
N SER D 20 18.74 -1.39 11.50
CA SER D 20 18.06 -1.25 10.21
C SER D 20 18.94 -0.53 9.19
N LYS D 21 18.53 -0.64 7.92
CA LYS D 21 19.26 -0.03 6.78
C LYS D 21 18.33 0.01 5.56
N ASP D 22 18.06 1.19 5.01
CA ASP D 22 16.98 1.18 4.01
C ASP D 22 17.46 1.14 2.56
N ASN D 23 18.77 1.24 2.35
CA ASN D 23 19.33 1.18 0.97
C ASN D 23 18.56 2.08 -0.11
N ALA D 24 18.13 3.25 0.33
CA ALA D 24 17.24 4.10 -0.48
C ALA D 24 17.80 4.57 -1.86
N ILE D 25 19.10 4.91 -1.90
CA ILE D 25 19.76 5.32 -3.15
C ILE D 25 19.89 4.18 -4.17
N ARG D 26 20.30 2.99 -3.72
CA ARG D 26 20.33 1.85 -4.53
C ARG D 26 18.97 1.56 -5.21
N ILE D 27 17.93 1.52 -4.38
CA ILE D 27 16.58 1.19 -4.80
C ILE D 27 16.01 2.37 -5.60
N GLY D 28 16.41 3.61 -5.28
CA GLY D 28 15.92 4.83 -5.91
C GLY D 28 16.45 5.03 -7.31
N GLU D 29 17.45 4.24 -7.69
CA GLU D 29 18.03 4.38 -8.99
C GLU D 29 17.01 3.91 -10.04
N ASP D 30 16.06 3.06 -9.64
CA ASP D 30 15.00 2.51 -10.55
C ASP D 30 13.54 2.74 -9.98
N ALA D 31 13.30 2.33 -8.75
CA ALA D 31 11.95 2.36 -8.16
C ALA D 31 11.73 3.81 -7.80
N HIS D 32 10.63 4.19 -7.19
CA HIS D 32 10.33 5.67 -7.26
C HIS D 32 10.53 6.26 -5.90
N ILE D 33 11.77 6.65 -5.61
CA ILE D 33 12.11 7.00 -4.24
C ILE D 33 12.31 8.50 -4.09
N LEU D 34 11.66 9.07 -3.06
CA LEU D 34 11.69 10.48 -2.79
C LEU D 34 13.12 10.91 -2.40
N VAL D 35 13.54 12.09 -2.87
CA VAL D 35 14.81 12.70 -2.41
C VAL D 35 14.57 13.21 -1.00
N THR D 36 15.51 12.92 -0.10
CA THR D 36 15.41 13.40 1.31
C THR D 36 16.75 14.02 1.83
N ARG D 37 16.74 14.44 3.11
CA ARG D 37 17.95 14.69 3.96
C ARG D 37 17.44 14.89 5.39
N GLU D 38 18.37 15.03 6.34
CA GLU D 38 18.05 15.25 7.73
C GLU D 38 17.12 14.15 8.20
N PRO D 39 17.52 12.87 8.04
CA PRO D 39 16.67 11.77 8.43
C PRO D 39 16.89 11.51 9.94
N TYR D 40 16.12 10.56 10.42
CA TYR D 40 16.26 10.11 11.81
C TYR D 40 15.28 8.98 12.10
N LEU D 41 15.28 8.45 13.35
CA LEU D 41 14.32 7.41 13.67
C LEU D 41 13.63 7.81 15.00
N SER D 42 12.42 7.28 15.23
CA SER D 42 11.68 7.53 16.51
C SER D 42 10.71 6.41 16.72
N CYS D 43 10.56 5.99 18.02
CA CYS D 43 9.75 4.86 18.37
C CYS D 43 8.48 5.26 19.15
N ASP D 44 7.63 4.27 19.37
CA ASP D 44 6.36 4.43 20.12
C ASP D 44 6.04 3.05 20.67
N PRO D 45 4.93 2.91 21.40
CA PRO D 45 4.52 1.61 21.94
C PRO D 45 4.43 0.42 20.97
N GLN D 46 4.19 0.64 19.68
CA GLN D 46 4.09 -0.45 18.73
C GLN D 46 5.38 -0.81 17.97
N GLY D 47 6.40 0.03 17.96
CA GLY D 47 7.57 -0.19 17.08
C GLY D 47 8.39 1.08 16.87
N CYS D 48 9.32 1.07 15.92
CA CYS D 48 10.05 2.28 15.51
C CYS D 48 9.72 2.58 14.05
N ARG D 49 9.80 3.86 13.67
CA ARG D 49 9.64 4.29 12.28
C ARG D 49 10.82 5.16 11.85
N MET D 50 11.03 5.23 10.53
CA MET D 50 12.04 6.17 9.97
C MET D 50 11.39 7.51 9.60
N PHE D 51 12.16 8.63 9.71
CA PHE D 51 11.66 9.98 9.40
C PHE D 51 12.74 10.67 8.48
N ALA D 52 12.31 11.70 7.75
CA ALA D 52 13.26 12.57 7.02
C ALA D 52 12.50 13.77 6.42
N LEU D 53 13.23 14.78 5.95
CA LEU D 53 12.58 15.87 5.24
C LEU D 53 12.63 15.59 3.74
N SER D 54 11.50 15.24 3.14
CA SER D 54 11.39 15.12 1.65
C SER D 54 11.68 16.45 0.95
N GLN D 55 12.13 16.35 -0.29
CA GLN D 55 12.30 17.53 -1.13
C GLN D 55 11.18 17.69 -2.15
N GLY D 56 10.22 16.75 -2.08
CA GLY D 56 9.05 16.79 -2.93
C GLY D 56 9.38 16.55 -4.38
N THR D 57 10.15 15.50 -4.59
CA THR D 57 10.46 14.96 -5.90
C THR D 57 11.07 13.61 -5.68
N THR D 58 11.04 12.71 -6.67
CA THR D 58 11.77 11.44 -6.57
C THR D 58 13.21 11.63 -7.10
N LEU D 59 14.05 10.66 -6.81
CA LEU D 59 15.46 10.75 -6.99
C LEU D 59 15.76 10.73 -8.51
N ARG D 60 15.09 9.88 -9.31
CA ARG D 60 15.30 9.91 -10.82
C ARG D 60 14.56 11.00 -11.57
N GLY D 61 13.61 11.65 -10.91
CA GLY D 61 12.93 12.75 -11.62
C GLY D 61 13.78 14.00 -11.88
N ARG D 62 13.26 14.85 -12.78
CA ARG D 62 14.02 15.98 -13.23
C ARG D 62 14.11 17.05 -12.19
N HIS D 63 13.13 17.07 -11.26
CA HIS D 63 13.10 18.05 -10.17
C HIS D 63 14.12 17.71 -9.07
N ALA D 64 14.77 16.55 -9.15
CA ALA D 64 15.84 16.24 -8.23
C ALA D 64 17.01 17.22 -8.46
N ASN D 65 17.03 17.83 -9.67
CA ASN D 65 18.05 18.78 -9.96
C ASN D 65 17.91 20.05 -9.14
N GLY D 66 18.94 20.39 -8.34
CA GLY D 66 18.90 21.57 -7.50
C GLY D 66 18.63 21.18 -5.98
N THR D 67 18.54 19.88 -5.64
CA THR D 67 18.16 19.54 -4.23
C THR D 67 19.28 19.71 -3.23
N ILE D 68 20.45 20.24 -3.65
CA ILE D 68 21.38 20.64 -2.62
C ILE D 68 20.77 21.72 -1.71
N HIS D 69 19.86 22.53 -2.26
CA HIS D 69 19.28 23.71 -1.61
C HIS D 69 18.50 23.22 -0.32
N ASP D 70 18.71 23.90 0.79
CA ASP D 70 18.13 23.39 2.09
C ASP D 70 16.65 23.71 2.33
N ARG D 71 16.15 24.86 1.87
CA ARG D 71 14.83 25.32 2.32
C ARG D 71 13.98 25.73 1.13
N SER D 72 12.74 25.21 1.11
CA SER D 72 11.79 25.44 0.01
C SER D 72 10.37 25.19 0.51
N PRO D 73 9.38 25.64 -0.26
CA PRO D 73 7.98 25.35 0.04
C PRO D 73 7.57 23.96 -0.39
N PHE D 74 8.49 23.17 -0.88
CA PHE D 74 8.19 21.79 -1.25
C PHE D 74 8.68 20.69 -0.31
N ARG D 75 9.23 21.07 0.85
CA ARG D 75 9.76 20.09 1.77
C ARG D 75 8.68 19.76 2.80
N ALA D 76 8.77 18.56 3.36
CA ALA D 76 7.84 18.17 4.44
C ALA D 76 8.50 17.10 5.28
N LEU D 77 8.11 16.97 6.58
CA LEU D 77 8.55 15.82 7.31
C LEU D 77 7.65 14.63 6.92
N ILE D 78 8.26 13.48 6.65
CA ILE D 78 7.56 12.27 6.27
C ILE D 78 8.08 11.18 7.21
N SER D 79 7.28 10.12 7.41
CA SER D 79 7.68 9.01 8.19
C SER D 79 7.16 7.75 7.51
N TRP D 80 7.82 6.63 7.82
CA TRP D 80 7.56 5.38 7.16
C TRP D 80 8.11 4.19 7.93
N GLU D 81 7.63 3.02 7.55
CA GLU D 81 7.93 1.79 8.32
C GLU D 81 9.42 1.48 8.21
N MET D 82 10.02 1.19 9.37
CA MET D 82 11.49 1.10 9.51
C MET D 82 12.11 0.06 8.57
N GLY D 83 13.08 0.47 7.76
CA GLY D 83 13.74 -0.48 6.87
C GLY D 83 13.31 -0.31 5.44
N GLN D 84 12.05 0.12 5.26
CA GLN D 84 11.55 0.40 3.89
C GLN D 84 12.25 1.62 3.41
N ALA D 85 12.30 1.78 2.08
CA ALA D 85 12.76 3.09 1.56
C ALA D 85 11.53 3.98 1.40
N PRO D 86 11.68 5.27 1.53
CA PRO D 86 10.58 6.22 1.34
C PRO D 86 10.21 6.51 -0.17
N SER D 87 9.08 5.96 -0.61
CA SER D 87 8.53 6.25 -1.92
C SER D 87 7.31 7.19 -1.70
N PRO D 88 6.72 7.75 -2.80
CA PRO D 88 5.43 8.47 -2.68
C PRO D 88 4.26 7.52 -2.17
N TYR D 89 4.50 6.20 -2.14
CA TYR D 89 3.39 5.30 -1.82
C TYR D 89 3.33 4.78 -0.41
N ASN D 90 4.38 4.97 0.39
CA ASN D 90 4.41 4.32 1.70
C ASN D 90 4.79 5.30 2.79
N THR D 91 4.73 6.62 2.51
CA THR D 91 5.14 7.67 3.47
C THR D 91 3.94 8.51 4.00
N ARG D 92 3.90 8.73 5.32
CA ARG D 92 2.93 9.62 5.88
C ARG D 92 3.56 11.02 6.03
N VAL D 93 2.84 12.08 5.63
CA VAL D 93 3.31 13.45 5.85
C VAL D 93 2.91 13.87 7.26
N GLU D 94 3.90 14.25 8.08
CA GLU D 94 3.73 14.58 9.49
C GLU D 94 3.43 16.08 9.63
N CYS D 95 4.12 16.90 8.84
CA CYS D 95 3.88 18.34 8.83
C CYS D 95 4.67 18.91 7.64
N ILE D 96 4.47 20.19 7.31
CA ILE D 96 5.13 20.83 6.14
C ILE D 96 6.21 21.79 6.63
N GLY D 97 7.39 21.68 6.06
CA GLY D 97 8.45 22.62 6.36
C GLY D 97 9.84 22.04 6.13
N TRP D 98 10.88 22.75 6.58
CA TRP D 98 12.25 22.41 6.22
C TRP D 98 13.25 22.23 7.40
N SER D 99 12.68 22.04 8.59
CA SER D 99 13.46 21.71 9.79
C SER D 99 12.43 21.13 10.79
N SER D 100 12.79 20.07 11.50
CA SER D 100 11.79 19.40 12.33
C SER D 100 12.29 18.61 13.52
N THR D 101 11.30 18.11 14.33
CA THR D 101 11.53 17.17 15.41
C THR D 101 10.21 16.40 15.62
N SER D 102 10.30 15.22 16.26
CA SER D 102 9.08 14.42 16.65
C SER D 102 9.38 13.46 17.78
N CYS D 103 8.36 13.10 18.56
CA CYS D 103 8.50 12.17 19.65
C CYS D 103 7.12 11.72 20.19
N HIS D 104 7.06 10.51 20.77
CA HIS D 104 5.82 9.97 21.21
C HIS D 104 5.87 10.07 22.75
N ASP D 105 4.78 10.52 23.34
CA ASP D 105 4.77 10.67 24.84
C ASP D 105 4.19 9.45 25.60
N GLY D 106 3.89 8.38 24.84
CA GLY D 106 3.32 7.16 25.37
C GLY D 106 1.86 7.09 24.97
N MET D 107 1.20 8.25 24.75
CA MET D 107 -0.20 8.28 24.30
C MET D 107 -0.31 8.56 22.74
N SER D 108 0.34 9.63 22.28
CA SER D 108 0.32 10.08 20.90
C SER D 108 1.68 10.72 20.54
N ARG D 109 1.88 10.90 19.20
CA ARG D 109 3.10 11.50 18.68
C ARG D 109 2.96 13.03 18.51
N MET D 110 3.96 13.76 18.98
CA MET D 110 4.06 15.15 18.75
C MET D 110 5.00 15.34 17.52
N SER D 111 4.58 16.15 16.54
CA SER D 111 5.54 16.51 15.44
C SER D 111 5.62 18.00 15.22
N ILE D 112 6.81 18.51 14.83
CA ILE D 112 6.96 19.98 14.76
C ILE D 112 7.82 20.27 13.49
N CYS D 113 7.36 21.21 12.65
CA CYS D 113 8.09 21.64 11.43
C CYS D 113 8.08 23.15 11.45
N MET D 114 9.18 23.71 10.87
CA MET D 114 9.29 25.11 10.59
C MET D 114 9.24 25.36 9.06
N SER D 115 8.59 26.43 8.62
CA SER D 115 8.56 26.77 7.21
C SER D 115 8.50 28.29 7.11
N GLY D 116 8.69 28.80 5.90
CA GLY D 116 8.62 30.21 5.67
C GLY D 116 9.92 30.75 5.14
N PRO D 117 9.93 32.05 4.81
CA PRO D 117 11.11 32.74 4.27
C PRO D 117 12.08 32.99 5.47
N ASN D 118 13.37 33.20 5.16
CA ASN D 118 14.34 33.39 6.27
C ASN D 118 14.00 34.35 7.38
N ASN D 119 13.49 35.51 7.00
CA ASN D 119 13.21 36.52 7.97
C ASN D 119 11.82 36.42 8.54
N ASN D 120 11.15 35.27 8.40
CA ASN D 120 9.76 35.20 8.91
C ASN D 120 9.18 33.80 9.07
N ALA D 121 9.95 32.85 9.60
CA ALA D 121 9.56 31.45 9.64
C ALA D 121 8.64 31.28 10.90
N SER D 122 7.88 30.19 10.91
CA SER D 122 7.02 29.83 12.00
C SER D 122 7.06 28.32 12.08
N ALA D 123 6.91 27.83 13.29
CA ALA D 123 6.75 26.44 13.54
C ALA D 123 5.25 26.11 13.72
N VAL D 124 4.86 24.92 13.28
CA VAL D 124 3.55 24.40 13.60
C VAL D 124 3.78 23.12 14.41
N VAL D 125 3.13 23.03 15.57
CA VAL D 125 3.27 21.90 16.43
C VAL D 125 2.01 20.99 16.34
N TRP D 126 2.23 19.71 15.96
CA TRP D 126 1.13 18.76 15.79
C TRP D 126 1.11 17.75 16.95
N TYR D 127 -0.09 17.25 17.32
CA TYR D 127 -0.23 16.22 18.37
C TYR D 127 -1.36 15.27 18.01
N GLY D 128 -1.06 13.99 17.91
CA GLY D 128 -2.07 13.03 17.45
C GLY D 128 -2.51 13.23 16.00
N GLY D 129 -1.63 13.78 15.13
CA GLY D 129 -1.98 14.03 13.75
C GLY D 129 -2.82 15.29 13.50
N ARG D 130 -2.99 16.14 14.51
CA ARG D 130 -3.73 17.39 14.29
C ARG D 130 -2.89 18.61 14.67
N PRO D 131 -3.04 19.75 14.01
CA PRO D 131 -2.26 20.93 14.41
C PRO D 131 -2.77 21.53 15.75
N ILE D 132 -1.89 21.89 16.68
CA ILE D 132 -2.28 22.36 18.01
C ILE D 132 -1.83 23.81 18.27
N THR D 133 -0.56 24.13 18.01
CA THR D 133 0.03 25.39 18.40
C THR D 133 0.93 25.91 17.27
N GLU D 134 1.04 27.25 17.17
CA GLU D 134 1.95 27.85 16.16
C GLU D 134 2.86 28.81 16.90
N ILE D 135 4.11 28.92 16.43
CA ILE D 135 5.09 29.76 17.10
C ILE D 135 5.85 30.55 16.05
N PRO D 136 5.71 31.86 16.07
CA PRO D 136 6.41 32.72 15.11
C PRO D 136 7.85 32.98 15.44
N SER D 137 8.68 33.24 14.40
CA SER D 137 10.08 33.54 14.62
C SER D 137 10.34 34.64 15.60
N TRP D 138 11.35 34.49 16.47
CA TRP D 138 11.58 35.57 17.46
C TRP D 138 12.78 36.44 17.17
N ALA D 139 13.57 36.08 16.18
CA ALA D 139 14.79 36.82 15.90
C ALA D 139 14.99 37.01 14.39
N GLY D 140 14.01 36.56 13.61
CA GLY D 140 13.91 36.99 12.21
C GLY D 140 15.05 36.39 11.40
N ASN D 141 15.57 35.21 11.80
CA ASN D 141 16.66 34.53 11.10
C ASN D 141 16.62 33.00 11.22
N ILE D 142 15.77 32.39 10.41
CA ILE D 142 15.69 30.95 10.20
C ILE D 142 15.44 30.16 11.51
N LEU D 143 14.32 30.47 12.14
CA LEU D 143 13.84 29.65 13.21
C LEU D 143 14.00 28.14 12.84
N ARG D 144 14.61 27.34 13.73
CA ARG D 144 14.92 25.95 13.37
C ARG D 144 15.11 25.09 14.59
N THR D 145 15.13 23.76 14.40
CA THR D 145 15.21 22.86 15.56
C THR D 145 16.06 21.57 15.35
N GLN D 146 15.76 20.52 16.10
CA GLN D 146 16.70 19.38 16.30
C GLN D 146 17.12 18.56 15.13
N GLU D 147 16.21 18.24 14.22
CA GLU D 147 16.52 17.26 13.16
C GLU D 147 16.74 15.84 13.68
N SER D 148 16.27 15.52 14.94
CA SER D 148 16.14 14.13 15.44
C SER D 148 15.07 14.11 16.57
N GLU D 149 14.86 12.96 17.22
CA GLU D 149 13.68 12.89 18.03
C GLU D 149 13.79 13.75 19.30
N CYS D 150 12.63 14.15 19.87
CA CYS D 150 12.61 14.79 21.21
C CYS D 150 12.33 13.69 22.23
N VAL D 151 12.20 14.01 23.54
CA VAL D 151 12.05 12.93 24.54
C VAL D 151 11.00 13.43 25.55
N CYS D 152 10.10 12.56 26.01
CA CYS D 152 9.01 12.99 26.97
C CYS D 152 9.09 12.26 28.31
N HIS D 153 8.53 12.87 29.37
CA HIS D 153 8.54 12.29 30.68
C HIS D 153 7.27 12.80 31.41
N LYS D 154 6.35 11.86 31.71
CA LYS D 154 5.09 12.28 32.41
C LYS D 154 4.33 13.27 31.54
N GLY D 155 4.40 13.09 30.23
CA GLY D 155 3.67 14.01 29.36
C GLY D 155 4.35 15.31 28.96
N VAL D 156 5.53 15.59 29.52
CA VAL D 156 6.24 16.81 29.26
C VAL D 156 7.35 16.53 28.26
N CYS D 157 7.33 17.24 27.14
CA CYS D 157 8.34 16.98 26.07
C CYS D 157 9.14 18.27 25.78
N PRO D 158 10.39 18.38 26.23
CA PRO D 158 11.16 19.59 25.94
C PRO D 158 11.71 19.58 24.49
N VAL D 159 11.75 20.72 23.82
CA VAL D 159 12.32 20.84 22.50
C VAL D 159 13.30 22.02 22.52
N VAL D 160 14.49 21.86 21.89
CA VAL D 160 15.43 22.96 21.76
C VAL D 160 15.29 23.56 20.32
N MET D 161 15.17 24.87 20.26
CA MET D 161 15.00 25.66 19.05
C MET D 161 16.01 26.82 19.03
N THR D 162 16.40 27.23 17.83
CA THR D 162 17.31 28.32 17.72
C THR D 162 16.78 29.23 16.63
N ASP D 163 17.05 30.52 16.77
CA ASP D 163 16.69 31.53 15.82
C ASP D 163 17.80 32.58 15.95
N GLY D 164 18.38 32.99 14.83
CA GLY D 164 19.53 33.87 14.88
C GLY D 164 20.67 33.38 13.97
N PRO D 165 21.75 34.14 13.86
CA PRO D 165 22.88 33.78 12.97
C PRO D 165 23.44 32.34 13.16
N ALA D 166 23.91 31.80 12.07
CA ALA D 166 24.60 30.52 12.08
C ALA D 166 26.07 30.70 12.41
N ASN D 167 26.59 31.89 12.20
CA ASN D 167 28.01 32.13 12.35
C ASN D 167 28.31 33.14 13.43
N ASN D 168 27.38 33.28 14.38
CA ASN D 168 27.57 34.21 15.47
C ASN D 168 26.63 33.87 16.65
N ARG D 169 26.62 34.71 17.68
CA ARG D 169 25.70 34.52 18.81
C ARG D 169 24.22 34.48 18.34
N ALA D 170 23.42 33.48 18.77
CA ALA D 170 22.03 33.45 18.35
C ALA D 170 21.08 33.35 19.62
N ALA D 171 19.78 33.23 19.40
CA ALA D 171 18.79 33.13 20.45
C ALA D 171 18.13 31.74 20.58
N THR D 172 18.70 30.89 21.43
CA THR D 172 18.21 29.58 21.64
C THR D 172 17.17 29.61 22.76
N LYS D 173 16.16 28.74 22.64
CA LYS D 173 15.19 28.56 23.71
C LYS D 173 14.86 27.09 23.86
N ILE D 174 14.44 26.69 25.08
CA ILE D 174 13.92 25.38 25.30
C ILE D 174 12.40 25.51 25.57
N ILE D 175 11.59 24.80 24.78
CA ILE D 175 10.15 24.90 24.92
C ILE D 175 9.57 23.61 25.48
N TYR D 176 8.82 23.70 26.55
CA TYR D 176 8.28 22.51 27.17
C TYR D 176 6.81 22.31 26.74
N PHE D 177 6.52 21.17 26.12
CA PHE D 177 5.20 20.91 25.56
C PHE D 177 4.51 19.76 26.29
N LYS D 178 3.20 19.86 26.29
CA LYS D 178 2.37 18.76 26.76
C LYS D 178 1.10 18.71 25.97
N GLU D 179 0.95 17.64 25.16
CA GLU D 179 -0.25 17.47 24.29
C GLU D 179 -0.29 18.61 23.32
N GLY D 180 0.91 19.10 22.96
CA GLY D 180 1.04 20.04 21.89
C GLY D 180 0.95 21.47 22.39
N LYS D 181 0.63 21.65 23.66
CA LYS D 181 0.43 22.99 24.25
C LYS D 181 1.67 23.43 25.06
N ILE D 182 1.98 24.73 24.99
CA ILE D 182 3.22 25.25 25.62
C ILE D 182 3.03 25.32 27.14
N GLN D 183 3.89 24.66 27.92
CA GLN D 183 3.86 24.72 29.40
C GLN D 183 4.81 25.80 30.00
N LYS D 184 5.97 25.98 29.39
CA LYS D 184 6.96 26.93 29.81
C LYS D 184 7.93 27.20 28.64
N ILE D 185 8.54 28.40 28.64
CA ILE D 185 9.60 28.74 27.66
C ILE D 185 10.77 29.26 28.47
N GLU D 186 11.97 28.67 28.26
CA GLU D 186 13.20 29.17 28.87
C GLU D 186 14.19 29.63 27.84
N GLU D 187 14.89 30.72 28.16
CA GLU D 187 16.02 31.16 27.38
C GLU D 187 17.22 30.28 27.70
N LEU D 188 18.12 30.06 26.75
CA LEU D 188 19.29 29.20 26.98
C LEU D 188 20.20 29.87 27.97
N ALA D 189 20.67 29.08 28.97
CA ALA D 189 21.57 29.58 30.01
C ALA D 189 22.82 28.66 30.14
N GLY D 190 23.84 29.14 30.88
CA GLY D 190 25.11 28.42 31.07
C GLY D 190 26.18 28.72 29.99
N ASN D 191 27.12 27.78 29.78
CA ASN D 191 28.39 28.05 29.11
C ASN D 191 28.47 27.68 27.63
N ALA D 192 27.45 26.98 27.12
CA ALA D 192 27.33 26.76 25.71
C ALA D 192 27.22 28.09 24.97
N GLN D 193 28.07 28.33 23.98
CA GLN D 193 28.06 29.63 23.35
C GLN D 193 27.20 29.70 22.08
N HIS D 194 26.78 28.54 21.56
CA HIS D 194 25.97 28.48 20.36
C HIS D 194 25.40 27.09 20.24
N ILE D 195 24.13 26.99 19.84
CA ILE D 195 23.38 25.74 19.91
C ILE D 195 22.59 25.42 18.64
N GLU D 196 22.86 24.25 18.06
CA GLU D 196 22.06 23.78 16.91
C GLU D 196 21.81 22.31 16.96
N GLU D 197 20.70 21.88 16.33
CA GLU D 197 20.48 20.45 15.95
C GLU D 197 20.76 19.46 17.10
N CYS D 198 20.11 19.63 18.25
CA CYS D 198 20.40 18.79 19.38
C CYS D 198 19.89 17.37 19.18
N SER D 199 20.69 16.39 19.62
CA SER D 199 20.36 14.97 19.60
C SER D 199 20.18 14.61 21.09
N CYS D 200 18.97 14.21 21.45
CA CYS D 200 18.60 14.08 22.89
C CYS D 200 18.16 12.66 23.22
N TYR D 201 18.32 12.27 24.49
CA TYR D 201 17.88 10.98 24.97
C TYR D 201 17.60 11.08 26.52
N GLY D 202 16.86 10.14 27.05
CA GLY D 202 16.47 10.19 28.48
C GLY D 202 16.87 8.91 29.25
N ALA D 203 17.20 9.07 30.54
CA ALA D 203 17.48 7.94 31.46
C ALA D 203 17.54 8.46 32.89
N GLY D 204 16.93 7.72 33.81
CA GLY D 204 16.98 8.13 35.21
C GLY D 204 16.38 9.49 35.56
N GLY D 205 15.20 9.80 35.05
CA GLY D 205 14.65 11.14 35.25
C GLY D 205 15.35 12.37 34.65
N VAL D 206 16.43 12.16 33.84
CA VAL D 206 17.24 13.28 33.36
C VAL D 206 17.36 13.19 31.85
N ILE D 207 17.22 14.29 31.15
CA ILE D 207 17.35 14.32 29.65
C ILE D 207 18.66 14.98 29.27
N LYS D 208 19.41 14.33 28.35
CA LYS D 208 20.67 14.93 27.90
C LYS D 208 20.62 15.22 26.39
N CYS D 209 21.00 16.41 25.97
CA CYS D 209 21.04 16.84 24.56
C CYS D 209 22.45 17.18 24.12
N ILE D 210 22.97 16.45 23.16
CA ILE D 210 24.35 16.69 22.67
C ILE D 210 24.22 17.44 21.33
N CYS D 211 24.83 18.63 21.20
CA CYS D 211 24.45 19.51 20.09
C CYS D 211 25.60 19.89 19.14
N ARG D 212 25.33 20.91 18.36
CA ARG D 212 26.30 21.46 17.36
C ARG D 212 26.52 22.93 17.62
N ASP D 213 27.76 23.32 17.98
CA ASP D 213 28.12 24.72 18.11
C ASP D 213 28.66 25.11 16.71
N ASN D 214 27.90 25.88 15.92
CA ASN D 214 28.31 26.18 14.53
C ASN D 214 29.15 27.45 14.49
N TRP D 215 29.38 28.03 15.66
CA TRP D 215 30.07 29.32 15.73
C TRP D 215 31.57 29.15 16.09
N LYS D 216 31.84 28.43 17.17
CA LYS D 216 33.20 28.27 17.66
C LYS D 216 33.66 26.83 17.84
N GLY D 217 33.02 26.08 18.75
CA GLY D 217 33.59 24.80 19.21
C GLY D 217 33.58 23.62 18.25
N ALA D 218 34.68 22.87 18.25
CA ALA D 218 34.75 21.56 17.67
C ALA D 218 34.44 20.52 18.74
N ASN D 219 34.41 20.93 20.01
CA ASN D 219 33.84 20.05 21.04
C ASN D 219 32.36 20.34 21.01
N ARG D 220 31.50 19.40 21.45
CA ARG D 220 30.06 19.63 21.32
C ARG D 220 29.44 20.13 22.64
N PRO D 221 28.53 21.10 22.55
CA PRO D 221 27.71 21.53 23.71
C PRO D 221 26.81 20.47 24.26
N VAL D 222 26.46 20.56 25.59
CA VAL D 222 25.66 19.56 26.19
C VAL D 222 24.68 20.30 27.09
N ILE D 223 23.39 20.12 26.87
CA ILE D 223 22.35 20.71 27.71
C ILE D 223 21.76 19.61 28.58
N THR D 224 21.62 19.86 29.87
CA THR D 224 21.04 18.85 30.77
C THR D 224 19.67 19.35 31.27
N ILE D 225 18.62 18.56 31.00
CA ILE D 225 17.27 19.06 31.25
C ILE D 225 16.58 18.25 32.33
N ASP D 226 15.92 18.96 33.17
CA ASP D 226 15.11 18.29 34.20
C ASP D 226 13.64 18.45 33.78
N PRO D 227 12.98 17.40 33.30
CA PRO D 227 11.64 17.54 32.72
C PRO D 227 10.56 17.85 33.77
N GLU D 228 10.86 17.58 35.03
CA GLU D 228 9.84 17.80 36.08
C GLU D 228 9.80 19.24 36.61
N MET D 229 10.95 19.80 37.01
CA MET D 229 11.04 21.20 37.36
C MET D 229 11.04 22.12 36.09
N MET D 230 11.40 21.60 34.92
CA MET D 230 11.40 22.40 33.66
C MET D 230 12.54 23.44 33.62
N THR D 231 13.72 23.00 34.06
CA THR D 231 14.93 23.84 34.11
C THR D 231 16.06 23.06 33.47
N HIS D 232 17.13 23.77 33.12
CA HIS D 232 18.29 23.22 32.44
C HIS D 232 19.61 23.92 32.80
N THR D 233 20.73 23.28 32.45
CA THR D 233 22.05 23.87 32.60
C THR D 233 22.70 23.52 31.28
N SER D 234 23.84 24.13 31.00
CA SER D 234 24.56 23.78 29.76
C SER D 234 26.07 24.01 29.86
N LYS D 235 26.85 23.27 29.08
CA LYS D 235 28.30 23.48 29.04
C LYS D 235 28.84 22.72 27.82
N TYR D 236 30.07 22.25 27.86
CA TYR D 236 30.64 21.58 26.71
C TYR D 236 30.97 20.14 27.12
N LEU D 237 31.09 19.24 26.14
CA LEU D 237 31.66 17.89 26.42
C LEU D 237 33.11 18.08 26.88
N CYS D 238 33.48 17.55 28.03
CA CYS D 238 34.82 17.84 28.59
C CYS D 238 35.95 17.16 27.79
N SER D 239 35.67 15.99 27.24
CA SER D 239 36.72 15.12 26.73
C SER D 239 37.57 15.81 25.67
N LYS D 240 38.85 15.45 25.60
CA LYS D 240 39.79 15.92 24.55
C LYS D 240 39.47 15.30 23.20
N VAL D 241 38.63 14.28 23.22
CA VAL D 241 38.27 13.61 21.99
C VAL D 241 37.20 14.50 21.31
N LEU D 242 37.59 15.20 20.22
CA LEU D 242 36.68 16.19 19.59
C LEU D 242 35.77 15.47 18.63
N THR D 243 34.51 15.85 18.57
CA THR D 243 33.57 15.05 17.75
C THR D 243 32.78 15.81 16.69
N ASP D 244 33.01 17.11 16.50
CA ASP D 244 32.29 17.84 15.52
C ASP D 244 33.10 17.79 14.20
N THR D 245 32.56 18.32 13.13
CA THR D 245 33.30 18.15 11.91
C THR D 245 33.67 19.41 11.24
N SER D 246 34.98 19.34 10.94
CA SER D 246 35.97 20.30 10.58
C SER D 246 36.29 20.58 12.04
N ARG D 247 37.31 19.85 12.48
CA ARG D 247 37.82 19.97 13.85
C ARG D 247 39.32 19.85 13.66
N PRO D 248 40.10 20.39 14.61
CA PRO D 248 41.56 20.18 14.57
C PRO D 248 41.89 18.81 15.24
N ASN D 249 43.17 18.43 15.24
CA ASN D 249 43.61 17.27 16.01
C ASN D 249 43.15 17.41 17.46
N ASP D 250 42.94 16.28 18.13
CA ASP D 250 42.54 16.30 19.56
C ASP D 250 43.68 16.93 20.37
N PRO D 251 43.41 17.89 21.21
CA PRO D 251 44.48 18.48 22.03
C PRO D 251 44.77 17.55 23.24
N THR D 252 45.74 17.93 24.05
CA THR D 252 46.15 17.16 25.25
C THR D 252 45.02 17.17 26.27
N ASN D 253 44.28 18.29 26.35
CA ASN D 253 43.15 18.46 27.29
C ASN D 253 41.97 19.02 26.60
N GLY D 254 40.76 18.54 26.94
CA GLY D 254 39.53 19.18 26.55
C GLY D 254 39.22 20.40 27.40
N ASN D 255 38.01 20.92 27.29
CA ASN D 255 37.55 22.07 28.09
C ASN D 255 36.06 21.96 28.37
N CYS D 256 35.66 21.75 29.65
CA CYS D 256 34.24 21.63 30.02
C CYS D 256 33.38 22.92 29.82
N ASP D 257 33.99 24.08 30.01
CA ASP D 257 33.26 25.32 29.95
C ASP D 257 33.48 26.30 28.84
N ALA D 258 34.15 25.90 27.80
CA ALA D 258 34.38 26.81 26.69
C ALA D 258 34.70 26.02 25.41
N PRO D 259 34.44 26.60 24.27
CA PRO D 259 34.71 25.91 22.97
C PRO D 259 36.19 25.69 22.68
N ILE D 260 36.54 24.53 22.13
CA ILE D 260 37.86 24.32 21.51
C ILE D 260 37.78 24.65 20.02
N THR D 261 38.53 25.62 19.55
CA THR D 261 38.39 26.07 18.14
C THR D 261 39.45 25.51 17.17
N GLY D 262 39.24 25.82 15.89
CA GLY D 262 40.05 25.28 14.80
C GLY D 262 39.30 24.35 13.88
N GLY D 263 39.99 23.89 12.84
CA GLY D 263 39.40 22.97 11.88
C GLY D 263 39.09 23.71 10.60
N SER D 264 39.01 22.99 9.50
CA SER D 264 38.80 23.59 8.18
C SER D 264 38.22 22.50 7.27
N PRO D 265 37.33 22.81 6.32
CA PRO D 265 36.80 24.16 6.10
C PRO D 265 35.40 24.46 6.67
N ASP D 266 34.76 23.53 7.39
CA ASP D 266 33.33 23.68 7.68
C ASP D 266 33.06 23.83 9.14
N PRO D 267 32.06 24.64 9.43
CA PRO D 267 31.79 25.06 10.80
C PRO D 267 31.14 24.00 11.74
N GLY D 268 30.55 22.95 11.19
CA GLY D 268 29.87 21.98 12.02
C GLY D 268 29.00 20.95 11.30
N VAL D 269 28.65 19.87 12.00
CA VAL D 269 27.68 18.86 11.51
C VAL D 269 26.85 18.40 12.73
N LYS D 270 25.62 17.90 12.50
CA LYS D 270 24.85 17.28 13.58
C LYS D 270 25.44 15.97 14.00
N GLY D 271 25.59 15.77 15.32
CA GLY D 271 26.14 14.58 15.89
C GLY D 271 25.53 14.27 17.24
N PHE D 272 26.15 13.38 18.03
CA PHE D 272 25.46 12.84 19.26
C PHE D 272 26.44 12.10 20.16
N ALA D 273 26.01 11.80 21.42
CA ALA D 273 26.79 10.94 22.30
C ALA D 273 25.87 10.42 23.43
N PHE D 274 26.26 9.29 24.02
CA PHE D 274 25.55 8.78 25.20
C PHE D 274 26.53 8.94 26.36
N LEU D 275 26.12 9.67 27.39
CA LEU D 275 27.01 10.07 28.48
C LEU D 275 26.51 9.45 29.82
N ASP D 276 27.26 8.49 30.35
CA ASP D 276 26.86 7.70 31.52
C ASP D 276 28.07 7.13 32.29
N GLY D 277 29.00 7.99 32.69
CA GLY D 277 30.15 7.57 33.47
C GLY D 277 31.07 6.74 32.63
N GLU D 278 31.46 5.59 33.18
CA GLU D 278 32.23 4.59 32.47
C GLU D 278 31.60 4.14 31.12
N ASN D 279 30.26 4.14 31.06
CA ASN D 279 29.48 3.58 29.97
C ASN D 279 29.17 4.67 28.85
N SER D 280 30.20 5.36 28.37
CA SER D 280 29.99 6.57 27.60
C SER D 280 30.58 6.32 26.18
N TRP D 281 29.81 6.70 25.14
CA TRP D 281 30.17 6.46 23.76
C TRP D 281 30.00 7.74 22.97
N LEU D 282 31.02 8.06 22.16
CA LEU D 282 30.99 9.29 21.35
C LEU D 282 31.05 8.87 19.93
N GLY D 283 30.18 9.44 19.10
CA GLY D 283 30.25 9.24 17.66
C GLY D 283 30.94 10.38 17.01
N ARG D 284 31.56 10.10 15.87
CA ARG D 284 32.07 11.22 15.05
C ARG D 284 32.42 10.71 13.65
N THR D 285 32.53 11.62 12.66
CA THR D 285 33.11 11.22 11.37
C THR D 285 34.63 10.84 11.49
N ILE D 286 35.09 9.93 10.64
CA ILE D 286 36.47 9.47 10.75
C ILE D 286 37.36 10.59 10.32
N SER D 287 36.97 11.25 9.21
CA SER D 287 37.76 12.39 8.71
C SER D 287 37.50 13.59 9.64
N LYS D 288 38.54 14.37 9.96
CA LYS D 288 38.40 15.60 10.75
C LYS D 288 38.01 16.82 9.87
N ASP D 289 38.15 16.71 8.54
CA ASP D 289 37.77 17.77 7.60
C ASP D 289 36.40 17.58 6.99
N SER D 290 36.11 16.37 6.53
CA SER D 290 34.83 16.13 5.82
C SER D 290 33.86 15.16 6.49
N ARG D 291 32.62 15.16 5.97
CA ARG D 291 31.58 14.20 6.42
C ARG D 291 31.81 12.88 5.69
N SER D 292 32.85 12.20 6.15
CA SER D 292 33.25 10.97 5.55
C SER D 292 33.67 9.97 6.61
N GLY D 293 33.14 8.74 6.49
CA GLY D 293 33.45 7.65 7.44
C GLY D 293 32.56 7.95 8.70
N TYR D 294 32.49 7.00 9.64
CA TYR D 294 31.83 7.23 10.91
C TYR D 294 32.34 6.19 11.90
N GLU D 295 32.68 6.58 13.13
CA GLU D 295 33.28 5.69 14.09
C GLU D 295 32.62 5.92 15.45
N MET D 296 32.50 4.87 16.21
CA MET D 296 32.06 5.04 17.61
C MET D 296 33.24 4.80 18.57
N LEU D 297 33.38 5.64 19.59
CA LEU D 297 34.49 5.50 20.49
C LEU D 297 33.96 5.41 21.90
N LYS D 298 34.38 4.37 22.60
CA LYS D 298 34.04 4.29 24.02
C LYS D 298 35.06 5.14 24.80
N VAL D 299 34.61 6.27 25.37
CA VAL D 299 35.51 7.12 26.13
C VAL D 299 34.95 7.38 27.47
N PRO D 300 35.37 6.60 28.46
CA PRO D 300 34.79 6.68 29.84
C PRO D 300 34.91 8.05 30.42
N ASN D 301 33.82 8.54 30.99
CA ASN D 301 33.78 9.86 31.64
C ASN D 301 33.97 11.03 30.70
N ALA D 302 33.69 10.83 29.40
CA ALA D 302 33.84 11.93 28.42
C ALA D 302 33.07 13.16 28.92
N GLU D 303 31.97 12.96 29.60
CA GLU D 303 31.17 14.09 30.06
C GLU D 303 31.86 15.02 31.03
N THR D 304 32.71 14.49 31.89
CA THR D 304 33.26 15.28 33.01
C THR D 304 34.80 15.36 33.06
N ASP D 305 35.50 14.52 32.29
CA ASP D 305 36.96 14.45 32.40
C ASP D 305 37.71 14.95 31.18
N ILE D 306 38.40 16.08 31.35
CA ILE D 306 39.09 16.74 30.21
C ILE D 306 40.23 15.90 29.64
N GLN D 307 40.64 14.91 30.43
CA GLN D 307 41.72 13.99 30.07
C GLN D 307 41.27 12.64 29.43
N SER D 308 39.97 12.41 29.36
CA SER D 308 39.44 11.14 28.86
C SER D 308 39.74 10.83 27.39
N GLY D 309 40.27 9.63 27.15
CA GLY D 309 40.46 9.09 25.79
C GLY D 309 39.72 7.76 25.52
N PRO D 310 39.83 7.27 24.29
CA PRO D 310 39.07 6.08 23.88
C PRO D 310 39.66 4.77 24.46
N ILE D 311 38.80 3.83 24.87
CA ILE D 311 39.24 2.49 25.25
C ILE D 311 38.86 1.41 24.24
N SER D 312 37.95 1.72 23.34
CA SER D 312 37.67 0.81 22.20
C SER D 312 36.98 1.60 21.15
N ASN D 313 36.91 1.03 19.94
CA ASN D 313 36.36 1.70 18.78
C ASN D 313 35.62 0.69 17.89
N GLN D 314 34.67 1.20 17.10
CA GLN D 314 33.93 0.37 16.13
C GLN D 314 33.65 1.22 14.94
N VAL D 315 34.19 0.83 13.78
CA VAL D 315 33.94 1.59 12.59
C VAL D 315 32.53 1.27 12.08
N ILE D 316 31.68 2.28 11.90
CA ILE D 316 30.32 2.10 11.38
C ILE D 316 30.27 2.25 9.82
N VAL D 317 31.03 3.20 9.29
CA VAL D 317 31.16 3.39 7.81
C VAL D 317 32.66 3.61 7.53
N ASN D 318 33.28 2.85 6.63
CA ASN D 318 34.70 3.10 6.39
C ASN D 318 34.98 4.52 5.83
N ASN D 319 36.23 4.95 5.96
CA ASN D 319 36.55 6.31 5.60
C ASN D 319 36.69 6.48 4.09
N GLN D 320 36.34 5.45 3.33
CA GLN D 320 36.30 5.62 1.85
C GLN D 320 34.87 5.90 1.42
N ASN D 321 33.97 6.03 2.39
CA ASN D 321 32.57 6.31 2.04
C ASN D 321 31.98 7.53 2.72
N TRP D 322 30.93 8.10 2.17
CA TRP D 322 30.36 9.35 2.66
C TRP D 322 29.39 9.09 3.84
N SER D 323 29.49 9.91 4.89
CA SER D 323 28.50 9.88 5.97
C SER D 323 27.68 11.16 5.89
N GLY D 324 27.36 11.76 7.05
CA GLY D 324 26.60 12.99 7.11
C GLY D 324 26.08 13.17 8.55
N TYR D 325 24.85 13.66 8.71
CA TYR D 325 24.26 13.84 10.11
C TYR D 325 24.24 12.52 10.83
N SER D 326 24.14 12.62 12.17
CA SER D 326 24.03 11.46 13.01
C SER D 326 23.26 11.89 14.27
N GLY D 327 22.46 11.00 14.80
CA GLY D 327 21.61 11.36 15.98
C GLY D 327 21.17 10.24 16.90
N ALA D 328 20.56 10.61 18.02
CA ALA D 328 20.16 9.61 19.02
C ALA D 328 18.66 9.29 19.05
N PHE D 329 18.34 8.04 19.40
CA PHE D 329 16.96 7.60 19.73
C PHE D 329 17.04 6.36 20.62
N ILE D 330 15.95 6.09 21.31
CA ILE D 330 15.85 4.88 22.13
C ILE D 330 14.47 4.28 21.93
N ASP D 331 14.37 2.95 21.93
CA ASP D 331 13.06 2.34 22.02
C ASP D 331 12.63 2.26 23.51
N TYR D 332 12.00 3.35 23.99
CA TYR D 332 11.66 3.49 25.43
C TYR D 332 10.60 2.46 25.86
N TRP D 333 9.96 1.82 24.86
CA TRP D 333 8.92 0.82 25.10
C TRP D 333 9.35 -0.67 24.98
N ALA D 334 10.66 -0.92 24.87
CA ALA D 334 11.16 -2.28 24.82
C ALA D 334 10.92 -3.03 26.14
N ASN D 335 10.78 -4.34 26.04
CA ASN D 335 10.65 -5.22 27.18
C ASN D 335 12.02 -5.50 27.77
N LYS D 336 12.64 -4.46 28.34
CA LYS D 336 13.91 -4.55 29.07
C LYS D 336 13.86 -3.73 30.39
N GLU D 337 14.72 -4.08 31.32
CA GLU D 337 14.87 -3.36 32.58
C GLU D 337 15.71 -2.06 32.42
N CYS D 338 16.39 -1.87 31.29
CA CYS D 338 17.14 -0.63 31.05
C CYS D 338 16.78 -0.07 29.67
N PHE D 339 17.13 1.21 29.44
CA PHE D 339 16.96 1.85 28.11
C PHE D 339 18.21 1.66 27.22
N ASN D 340 18.06 0.96 26.12
CA ASN D 340 19.19 0.64 25.24
C ASN D 340 19.41 1.74 24.21
N PRO D 341 20.56 2.43 24.32
CA PRO D 341 21.05 3.40 23.32
C PRO D 341 20.96 2.93 21.86
N CYS D 342 20.35 3.75 21.02
CA CYS D 342 20.43 3.57 19.55
C CYS D 342 20.89 4.83 18.82
N PHE D 343 21.36 4.69 17.57
CA PHE D 343 21.70 5.88 16.80
C PHE D 343 21.55 5.57 15.30
N TYR D 344 21.53 6.64 14.49
CA TYR D 344 21.47 6.47 13.02
C TYR D 344 22.64 7.29 12.38
N VAL D 345 22.98 6.96 11.17
CA VAL D 345 23.94 7.79 10.48
C VAL D 345 23.27 8.08 9.12
N GLU D 346 23.27 9.37 8.75
CA GLU D 346 22.79 9.83 7.44
C GLU D 346 23.92 9.59 6.39
N LEU D 347 23.58 8.95 5.26
CA LEU D 347 24.63 8.64 4.27
C LEU D 347 24.37 9.46 3.01
N ILE D 348 25.00 10.62 2.94
CA ILE D 348 24.65 11.62 1.96
C ILE D 348 25.35 11.26 0.64
N ARG D 349 24.60 11.36 -0.46
CA ARG D 349 25.18 11.05 -1.78
C ARG D 349 24.86 12.26 -2.67
N GLY D 350 25.63 12.41 -3.79
CA GLY D 350 25.46 13.61 -4.64
C GLY D 350 26.24 14.83 -4.22
N ARG D 351 25.68 16.00 -4.48
CA ARG D 351 26.40 17.28 -4.22
C ARG D 351 26.50 17.70 -2.74
N PRO D 352 27.57 18.43 -2.35
CA PRO D 352 28.64 18.87 -3.29
C PRO D 352 29.80 17.91 -3.49
N LYS D 353 29.95 16.91 -2.60
CA LYS D 353 31.08 15.94 -2.73
C LYS D 353 31.10 15.11 -4.01
N GLU D 354 29.94 14.78 -4.59
CA GLU D 354 29.86 14.01 -5.83
C GLU D 354 29.10 14.86 -6.83
N SER D 355 29.83 15.69 -7.62
CA SER D 355 29.18 16.73 -8.45
C SER D 355 28.95 16.25 -9.90
N SER D 356 29.19 14.97 -10.18
CA SER D 356 28.80 14.40 -11.45
C SER D 356 27.27 14.20 -11.55
N VAL D 357 26.50 14.32 -10.44
CA VAL D 357 25.06 14.34 -10.52
C VAL D 357 24.49 15.76 -10.16
N LEU D 358 23.23 16.00 -10.43
CA LEU D 358 22.65 17.32 -10.24
C LEU D 358 21.90 17.35 -8.90
N TRP D 359 21.77 16.23 -8.24
CA TRP D 359 20.99 16.14 -6.95
C TRP D 359 21.85 15.94 -5.68
N THR D 360 21.16 15.95 -4.53
CA THR D 360 21.71 15.61 -3.26
C THR D 360 20.60 14.82 -2.46
N SER D 361 20.97 13.66 -1.88
CA SER D 361 20.01 12.84 -1.16
C SER D 361 20.81 12.00 -0.19
N ASN D 362 20.14 11.02 0.43
CA ASN D 362 20.73 10.22 1.50
C ASN D 362 20.09 8.87 1.70
N SER D 363 20.85 7.88 2.19
CA SER D 363 20.18 6.69 2.65
C SER D 363 20.34 6.66 4.22
N ILE D 364 19.90 5.58 4.83
CA ILE D 364 19.97 5.48 6.30
C ILE D 364 20.59 4.16 6.78
N VAL D 365 21.40 4.22 7.81
CA VAL D 365 21.68 3.02 8.59
C VAL D 365 21.45 3.27 10.12
N ALA D 366 21.07 2.26 10.85
CA ALA D 366 20.77 2.47 12.31
C ALA D 366 21.20 1.27 13.12
N LEU D 367 21.78 1.49 14.32
CA LEU D 367 22.36 0.42 15.16
C LEU D 367 22.00 0.69 16.65
N CYS D 368 22.12 -0.33 17.48
CA CYS D 368 21.74 -0.24 18.93
C CYS D 368 22.80 -0.98 19.76
N GLY D 369 22.87 -0.63 21.05
CA GLY D 369 23.76 -1.25 22.01
C GLY D 369 23.64 -2.75 22.16
N SER D 370 24.78 -3.33 22.46
CA SER D 370 24.85 -4.75 22.83
C SER D 370 25.82 -4.84 24.02
N LYS D 371 25.47 -5.60 25.06
CA LYS D 371 26.46 -5.96 26.10
C LYS D 371 27.58 -6.95 25.61
N LYS D 372 27.29 -7.75 24.62
CA LYS D 372 28.31 -8.64 24.01
C LYS D 372 29.38 -7.88 23.18
N ARG D 373 30.35 -8.63 22.69
CA ARG D 373 31.43 -8.08 21.88
C ARG D 373 31.27 -8.53 20.40
N LEU D 374 30.49 -7.77 19.63
CA LEU D 374 30.08 -8.22 18.30
C LEU D 374 31.11 -7.79 17.27
N GLY D 375 31.31 -8.61 16.26
CA GLY D 375 32.18 -8.23 15.10
C GLY D 375 31.50 -7.08 14.33
N SER D 376 32.28 -6.36 13.52
CA SER D 376 31.69 -5.27 12.76
C SER D 376 32.11 -5.23 11.27
N TRP D 377 31.32 -4.51 10.47
CA TRP D 377 31.79 -4.16 9.11
C TRP D 377 31.18 -2.85 8.75
N SER D 378 31.56 -2.34 7.57
CA SER D 378 31.15 -1.03 7.11
C SER D 378 29.72 -1.11 6.54
N TRP D 379 28.81 -0.22 7.01
CA TRP D 379 27.42 -0.13 6.52
C TRP D 379 27.24 1.08 5.61
N HIS D 380 28.11 1.23 4.62
CA HIS D 380 28.00 2.35 3.74
C HIS D 380 26.76 2.29 2.87
N ASP D 381 26.44 3.40 2.22
CA ASP D 381 25.34 3.49 1.28
C ASP D 381 25.25 2.40 0.19
N GLY D 382 26.32 2.29 -0.61
CA GLY D 382 26.40 1.21 -1.58
C GLY D 382 25.84 1.37 -2.97
N ALA D 383 25.38 2.57 -3.32
CA ALA D 383 25.06 2.92 -4.69
C ALA D 383 26.33 3.26 -5.56
N GLU D 384 26.20 3.07 -6.84
CA GLU D 384 27.32 3.33 -7.74
C GLU D 384 26.94 4.61 -8.51
N ILE D 385 27.61 5.73 -8.21
CA ILE D 385 27.25 7.04 -8.74
C ILE D 385 27.29 7.01 -10.28
N ILE D 386 28.18 6.21 -10.86
CA ILE D 386 28.32 6.22 -12.30
C ILE D 386 26.98 5.75 -12.97
N TYR D 387 26.21 4.89 -12.31
CA TYR D 387 24.92 4.45 -12.84
C TYR D 387 23.93 5.62 -12.89
N PHE D 388 24.21 6.72 -12.19
CA PHE D 388 23.33 7.90 -12.24
C PHE D 388 23.81 8.97 -13.23
N GLU D 389 24.93 8.73 -13.88
CA GLU D 389 25.47 9.63 -14.87
C GLU D 389 24.90 9.40 -16.26
#